data_6YHL
#
_entry.id   6YHL
#
_cell.length_a   94.425
_cell.length_b   99.896
_cell.length_c   131.357
_cell.angle_alpha   90.000
_cell.angle_beta   95.860
_cell.angle_gamma   90.000
#
_symmetry.space_group_name_H-M   'P 1 21 1'
#
_entity_poly.entity_id   1
_entity_poly.type   'polypeptide(L)'
_entity_poly.pdbx_seq_one_letter_code
;MKNQWQHQYFLSYSELVANFPSPEKVVSDYIKHKFSTTLPWFGWADPDNLYFIRFTQSRSNNKSYTGWDHLGKYAIETLT
LTQAAIVNIGSRFDIFDEANSTAGIYKTNNADSFDETNEAKMLPSEYLYFLRDCDFSNLYNKALSDYWAENYEKFSTLLQ
NYYISSAYYLYKDSAISKDEYEFSIDAIFNKKNKILRYYFDVYGYYSSDMFVAMNDNKTMLFIPGATNPFIFADNITDLR
DKIKALISDKNTRELFSKHFSLYDRQDGNTYLGVNSMLEQIVSGVVDTNYIMYSNKNIRERNVFESMAFSTRERSFNDGD
VIIKSNAEVQRDYALNVLQTILSLSPIFDIVLPEVSIPISLGITASSVGISFDELINGDTYEERRSAIPGLATNAVLLGI
SFAIPFLISKAEENKLIINNLVGSDENILNKNNLGDFLEKYNISESDIPENGSLVINLKNTNVPVRLVKLNDEEGEIVAI
KGSTLSGIYYEVDTETGYEILSRRVFRTEYNEKIYWTRGGGLKGGQPFNFEGLDIPVYFIDKPYSELASSVELSFVNDDS
PLLFPEMDSRLPKPTPELDIKYYSSNLSSFKEDTVILMRGTTEEEAWNIANYKTAGGSNKDLEENFIEAGPQFNLSFSEY
TSSINSADTASRKHFLVIIKVQVKYISNDNVLYANHWAIPDEAPVEVLAVVDRRFIFPEPPVKP
;
_entity_poly.pdbx_strand_id   A,B
#
# COMPACT_ATOMS: atom_id res chain seq x y z
N ASN A 3 12.39 -6.28 32.23
CA ASN A 3 13.32 -5.27 31.72
C ASN A 3 12.67 -4.45 30.59
N GLN A 4 12.39 -5.13 29.49
CA GLN A 4 11.73 -4.59 28.30
C GLN A 4 12.38 -3.35 27.67
N TRP A 5 13.32 -2.69 28.35
CA TRP A 5 14.07 -1.60 27.72
C TRP A 5 14.44 -2.02 26.30
N GLN A 6 14.93 -3.25 26.16
CA GLN A 6 15.17 -3.85 24.85
C GLN A 6 14.00 -3.61 23.89
N HIS A 7 12.78 -3.88 24.35
CA HIS A 7 11.62 -3.81 23.46
C HIS A 7 11.45 -2.40 22.90
N GLN A 8 11.63 -1.38 23.74
CA GLN A 8 11.51 -0.01 23.26
C GLN A 8 12.60 0.31 22.25
N TYR A 9 13.81 -0.18 22.47
CA TYR A 9 14.87 -0.04 21.48
C TYR A 9 14.44 -0.62 20.13
N PHE A 10 14.01 -1.88 20.12
CA PHE A 10 13.62 -2.52 18.87
C PHE A 10 12.48 -1.78 18.20
N LEU A 11 11.51 -1.29 18.98
CA LEU A 11 10.40 -0.54 18.39
C LEU A 11 10.92 0.65 17.59
N SER A 12 11.79 1.47 18.21
CA SER A 12 12.33 2.62 17.51
C SER A 12 13.11 2.19 16.28
N TYR A 13 13.94 1.16 16.42
CA TYR A 13 14.65 0.59 15.27
C TYR A 13 13.69 0.22 14.16
N SER A 14 12.58 -0.43 14.51
CA SER A 14 11.60 -0.81 13.51
C SER A 14 10.91 0.42 12.91
N GLU A 15 10.53 1.39 13.74
CA GLU A 15 9.90 2.59 13.22
C GLU A 15 10.83 3.31 12.25
N LEU A 16 12.13 3.21 12.45
CA LEU A 16 13.07 3.84 11.53
C LEU A 16 13.06 3.16 10.17
N VAL A 17 13.17 1.83 10.16
CA VAL A 17 13.21 1.11 8.90
C VAL A 17 11.86 1.16 8.21
N ALA A 18 10.77 1.15 8.98
CA ALA A 18 9.44 1.16 8.38
C ALA A 18 9.16 2.48 7.66
N ASN A 19 9.53 3.59 8.27
CA ASN A 19 9.26 4.91 7.71
C ASN A 19 10.31 5.35 6.70
N PHE A 20 11.20 4.45 6.28
CA PHE A 20 12.27 4.84 5.35
C PHE A 20 11.71 4.88 3.93
N PRO A 21 12.16 5.84 3.11
CA PRO A 21 11.59 5.96 1.75
C PRO A 21 12.05 4.83 0.84
N SER A 22 11.08 4.09 0.31
CA SER A 22 11.37 3.09 -0.71
C SER A 22 11.26 3.75 -2.08
N PRO A 23 12.32 3.75 -2.90
CA PRO A 23 12.22 4.44 -4.20
C PRO A 23 11.04 3.99 -5.04
N GLU A 24 10.73 2.68 -5.02
CA GLU A 24 9.58 2.17 -5.75
C GLU A 24 8.31 2.90 -5.35
N LYS A 25 8.05 3.00 -4.03
CA LYS A 25 6.83 3.63 -3.56
C LYS A 25 6.79 5.11 -3.91
N VAL A 26 7.92 5.80 -3.78
CA VAL A 26 7.96 7.24 -4.03
C VAL A 26 7.66 7.52 -5.50
N VAL A 27 8.27 6.76 -6.41
CA VAL A 27 8.06 6.98 -7.83
C VAL A 27 6.63 6.62 -8.21
N SER A 28 6.11 5.50 -7.69
CA SER A 28 4.73 5.13 -7.95
C SER A 28 3.79 6.26 -7.56
N ASP A 29 3.95 6.79 -6.35
CA ASP A 29 3.04 7.84 -5.89
C ASP A 29 3.16 9.08 -6.77
N TYR A 30 4.38 9.47 -7.14
CA TYR A 30 4.55 10.67 -7.97
C TYR A 30 3.90 10.48 -9.33
N ILE A 31 4.03 9.27 -9.90
CA ILE A 31 3.42 9.02 -11.20
C ILE A 31 1.89 9.09 -11.09
N LYS A 32 1.34 8.60 -9.98
CA LYS A 32 -0.09 8.72 -9.75
C LYS A 32 -0.47 10.17 -9.54
N HIS A 33 0.40 10.95 -8.89
CA HIS A 33 0.13 12.38 -8.71
C HIS A 33 0.06 13.10 -10.05
N LYS A 34 0.99 12.80 -10.96
CA LYS A 34 0.97 13.44 -12.27
C LYS A 34 -0.13 12.87 -13.16
N PHE A 35 -0.53 11.62 -12.92
CA PHE A 35 -1.66 11.05 -13.66
C PHE A 35 -2.99 11.52 -13.12
N SER A 36 -3.01 12.07 -11.90
CA SER A 36 -4.21 12.67 -11.33
C SER A 36 -4.38 14.13 -11.69
N THR A 37 -3.27 14.87 -11.83
CA THR A 37 -3.32 16.31 -12.06
C THR A 37 -2.76 16.70 -13.42
N THR A 38 -1.45 16.57 -13.63
CA THR A 38 -0.86 17.02 -14.89
C THR A 38 -1.42 16.25 -16.09
N LEU A 39 -1.66 14.96 -15.92
CA LEU A 39 -2.03 14.06 -17.02
C LEU A 39 -3.20 13.19 -16.55
N PRO A 40 -4.39 13.76 -16.45
CA PRO A 40 -5.54 12.98 -15.94
C PRO A 40 -5.99 11.87 -16.88
N TRP A 41 -5.72 11.95 -18.18
CA TRP A 41 -6.17 10.91 -19.08
C TRP A 41 -5.51 9.56 -18.80
N PHE A 42 -4.42 9.55 -18.03
CA PHE A 42 -3.76 8.32 -17.63
C PHE A 42 -4.08 7.91 -16.20
N GLY A 43 -5.02 8.58 -15.54
CA GLY A 43 -5.32 8.28 -14.15
C GLY A 43 -5.76 6.86 -13.89
N TRP A 44 -6.26 6.17 -14.92
CA TRP A 44 -6.65 4.78 -14.78
C TRP A 44 -5.46 3.84 -14.63
N ALA A 45 -4.24 4.33 -14.88
CA ALA A 45 -3.07 3.47 -14.99
C ALA A 45 -2.40 3.32 -13.64
N ASP A 46 -2.21 2.07 -13.21
CA ASP A 46 -1.44 1.74 -12.02
C ASP A 46 -0.03 1.37 -12.46
N PRO A 47 0.96 2.24 -12.28
CA PRO A 47 2.30 1.97 -12.83
C PRO A 47 3.01 0.79 -12.18
N ASP A 48 2.44 0.19 -11.14
CA ASP A 48 3.03 -0.98 -10.53
C ASP A 48 2.41 -2.28 -11.01
N ASN A 49 1.34 -2.22 -11.80
CA ASN A 49 0.75 -3.41 -12.41
C ASN A 49 0.56 -3.24 -13.91
N LEU A 50 1.32 -2.35 -14.54
CA LEU A 50 1.43 -2.25 -15.99
C LEU A 50 2.88 -2.43 -16.37
N TYR A 51 3.13 -3.09 -17.50
CA TYR A 51 4.46 -3.55 -17.85
C TYR A 51 4.91 -2.98 -19.18
N PHE A 52 5.99 -2.20 -19.14
CA PHE A 52 6.74 -1.81 -20.32
C PHE A 52 7.60 -2.98 -20.76
N ILE A 53 7.42 -3.44 -22.00
CA ILE A 53 8.09 -4.63 -22.49
C ILE A 53 8.75 -4.32 -23.82
N ARG A 54 10.00 -4.78 -23.98
CA ARG A 54 10.83 -4.56 -25.15
C ARG A 54 11.07 -5.90 -25.84
N PHE A 55 10.92 -5.91 -27.17
CA PHE A 55 11.01 -7.15 -27.93
C PHE A 55 12.07 -7.06 -29.03
N THR A 56 12.50 -8.22 -29.52
CA THR A 56 13.29 -8.29 -30.73
C THR A 56 12.41 -8.46 -31.98
N GLN A 57 11.29 -9.15 -31.85
CA GLN A 57 10.43 -9.48 -32.98
C GLN A 57 9.24 -8.52 -33.01
N SER A 58 8.88 -8.09 -34.21
CA SER A 58 7.79 -7.14 -34.42
C SER A 58 6.90 -7.67 -35.53
N ARG A 59 5.61 -7.36 -35.43
CA ARG A 59 4.62 -7.84 -36.39
C ARG A 59 3.50 -6.83 -36.49
N SER A 60 3.09 -6.52 -37.72
CA SER A 60 2.09 -5.48 -37.92
C SER A 60 0.74 -5.96 -37.40
N ASN A 61 -0.03 -5.01 -36.86
CA ASN A 61 -1.38 -5.29 -36.38
C ASN A 61 -2.21 -4.03 -36.58
N ASN A 62 -3.26 -4.14 -37.39
CA ASN A 62 -4.15 -3.01 -37.67
C ASN A 62 -5.12 -2.74 -36.53
N LYS A 63 -5.08 -3.53 -35.46
CA LYS A 63 -6.05 -3.41 -34.37
C LYS A 63 -5.42 -2.99 -33.05
N SER A 64 -4.09 -2.97 -32.94
CA SER A 64 -3.44 -2.62 -31.69
C SER A 64 -3.29 -1.11 -31.57
N TYR A 65 -2.75 -0.67 -30.43
CA TYR A 65 -2.54 0.74 -30.16
C TYR A 65 -1.23 1.25 -30.77
N THR A 66 -0.24 0.38 -30.89
CA THR A 66 1.01 0.73 -31.53
C THR A 66 1.01 0.46 -33.03
N GLY A 67 0.10 -0.39 -33.50
CA GLY A 67 0.15 -0.90 -34.84
C GLY A 67 0.91 -2.20 -34.97
N TRP A 68 1.41 -2.74 -33.86
CA TRP A 68 2.24 -3.92 -33.87
C TRP A 68 1.82 -4.88 -32.77
N ASP A 69 2.10 -6.16 -32.96
CA ASP A 69 1.99 -7.16 -31.90
C ASP A 69 3.30 -7.94 -31.86
N HIS A 70 3.56 -8.57 -30.71
CA HIS A 70 4.86 -9.20 -30.47
C HIS A 70 4.65 -10.53 -29.75
N LEU A 71 5.67 -11.39 -29.86
CA LEU A 71 5.67 -12.69 -29.22
C LEU A 71 6.50 -12.63 -27.94
N GLY A 72 6.08 -13.43 -26.95
CA GLY A 72 6.78 -13.44 -25.68
C GLY A 72 8.11 -14.16 -25.74
N LYS A 73 8.18 -15.26 -26.51
CA LYS A 73 9.43 -15.98 -26.67
C LYS A 73 10.56 -15.05 -27.09
N TYR A 74 10.25 -13.97 -27.78
CA TYR A 74 11.24 -13.03 -28.32
C TYR A 74 11.26 -11.73 -27.53
N ALA A 75 10.96 -11.79 -26.24
CA ALA A 75 10.96 -10.62 -25.36
C ALA A 75 12.29 -10.45 -24.67
N ILE A 76 12.86 -9.25 -24.77
CA ILE A 76 14.18 -8.99 -24.19
C ILE A 76 14.07 -8.50 -22.76
N GLU A 77 13.16 -7.58 -22.48
CA GLU A 77 13.10 -6.91 -21.18
C GLU A 77 11.66 -6.75 -20.74
N THR A 78 11.43 -6.88 -19.43
CA THR A 78 10.08 -6.84 -18.87
C THR A 78 10.15 -6.07 -17.55
N LEU A 79 9.55 -4.89 -17.52
CA LEU A 79 9.63 -4.00 -16.38
C LEU A 79 8.27 -3.39 -16.08
N THR A 80 8.06 -3.02 -14.82
CA THR A 80 6.91 -2.20 -14.48
C THR A 80 7.21 -0.75 -14.85
N LEU A 81 6.15 0.02 -15.05
CA LEU A 81 6.34 1.43 -15.40
C LEU A 81 7.19 2.14 -14.36
N THR A 82 7.04 1.76 -13.07
CA THR A 82 7.87 2.33 -12.03
C THR A 82 9.33 1.93 -12.22
N GLN A 83 9.59 0.63 -12.36
CA GLN A 83 10.94 0.16 -12.63
C GLN A 83 11.55 0.88 -13.83
N ALA A 84 10.79 0.95 -14.93
CA ALA A 84 11.31 1.57 -16.14
C ALA A 84 11.75 3.01 -15.88
N ALA A 85 10.95 3.77 -15.14
CA ALA A 85 11.31 5.15 -14.82
C ALA A 85 12.59 5.20 -13.99
N ILE A 86 12.83 4.20 -13.16
CA ILE A 86 13.99 4.22 -12.28
C ILE A 86 15.27 3.95 -13.04
N VAL A 87 15.22 3.10 -14.07
CA VAL A 87 16.44 2.65 -14.73
C VAL A 87 16.69 3.43 -16.02
N ASN A 88 16.19 4.66 -16.09
CA ASN A 88 16.38 5.54 -17.24
C ASN A 88 16.17 4.78 -18.55
N ILE A 89 14.95 4.20 -18.66
CA ILE A 89 14.60 3.43 -19.85
C ILE A 89 14.79 4.23 -21.11
N GLY A 90 14.77 5.55 -21.03
CA GLY A 90 15.02 6.37 -22.20
C GLY A 90 16.37 6.13 -22.82
N SER A 91 17.34 5.66 -22.03
CA SER A 91 18.64 5.32 -22.59
C SER A 91 18.54 4.23 -23.65
N ARG A 92 17.52 3.38 -23.55
CA ARG A 92 17.38 2.26 -24.47
C ARG A 92 16.94 2.67 -25.86
N PHE A 93 16.61 3.93 -26.09
CA PHE A 93 16.07 4.37 -27.37
C PHE A 93 16.68 5.70 -27.75
N ASP A 94 17.43 5.72 -28.86
CA ASP A 94 17.97 6.98 -29.35
C ASP A 94 16.86 7.90 -29.85
N ILE A 95 15.83 7.33 -30.46
CA ILE A 95 14.68 8.07 -30.96
C ILE A 95 13.43 7.48 -30.30
N PHE A 96 12.65 8.34 -29.65
CA PHE A 96 11.51 7.85 -28.87
C PHE A 96 10.44 7.26 -29.78
N ASP A 97 10.01 7.99 -30.79
CA ASP A 97 8.94 7.51 -31.66
C ASP A 97 9.26 6.18 -32.31
N GLU A 98 10.51 5.74 -32.28
CA GLU A 98 10.87 4.43 -32.83
C GLU A 98 10.55 3.31 -31.85
N ALA A 99 10.53 3.61 -30.55
CA ALA A 99 10.34 2.58 -29.54
C ALA A 99 8.99 1.87 -29.70
N ASN A 100 7.97 2.57 -30.20
CA ASN A 100 6.67 1.96 -30.36
C ASN A 100 6.72 0.75 -31.31
N SER A 101 7.72 0.70 -32.19
CA SER A 101 7.85 -0.42 -33.10
C SER A 101 8.41 -1.66 -32.41
N THR A 102 9.25 -1.49 -31.39
CA THR A 102 9.88 -2.62 -30.71
C THR A 102 9.41 -2.82 -29.28
N ALA A 103 8.54 -1.96 -28.76
CA ALA A 103 8.13 -2.06 -27.37
C ALA A 103 6.67 -1.66 -27.23
N GLY A 104 6.10 -1.99 -26.07
CA GLY A 104 4.70 -1.67 -25.80
C GLY A 104 4.38 -1.79 -24.33
N ILE A 105 3.27 -1.16 -23.94
CA ILE A 105 2.76 -1.21 -22.58
C ILE A 105 1.65 -2.26 -22.55
N TYR A 106 1.73 -3.17 -21.58
CA TYR A 106 0.79 -4.29 -21.53
C TYR A 106 0.33 -4.49 -20.09
N LYS A 107 -0.81 -5.16 -19.95
CA LYS A 107 -1.42 -5.39 -18.65
C LYS A 107 -1.01 -6.72 -18.03
N THR A 108 0.02 -7.38 -18.58
CA THR A 108 0.56 -8.59 -17.96
C THR A 108 2.00 -8.78 -18.39
N ASN A 109 2.70 -9.63 -17.65
CA ASN A 109 4.09 -9.96 -17.93
C ASN A 109 4.26 -11.32 -18.59
N ASN A 110 3.31 -12.23 -18.35
CA ASN A 110 3.37 -13.60 -18.87
C ASN A 110 2.30 -13.74 -19.94
N ALA A 111 2.71 -13.92 -21.19
CA ALA A 111 1.79 -14.11 -22.30
C ALA A 111 2.52 -14.64 -23.52
N ASP A 112 1.95 -15.67 -24.17
CA ASP A 112 2.55 -16.15 -25.41
C ASP A 112 2.55 -15.08 -26.48
N SER A 113 1.44 -14.33 -26.59
CA SER A 113 1.29 -13.29 -27.59
C SER A 113 0.94 -11.97 -26.89
N PHE A 114 1.71 -10.93 -27.19
CA PHE A 114 1.48 -9.59 -26.65
C PHE A 114 0.84 -8.76 -27.76
N ASP A 115 -0.46 -8.50 -27.63
CA ASP A 115 -1.25 -7.99 -28.73
C ASP A 115 -2.32 -7.04 -28.18
N GLU A 116 -3.40 -6.85 -28.95
CA GLU A 116 -4.42 -5.88 -28.58
C GLU A 116 -5.26 -6.33 -27.39
N THR A 117 -5.36 -7.63 -27.12
CA THR A 117 -6.24 -8.11 -26.06
C THR A 117 -5.64 -7.92 -24.67
N ASN A 118 -4.33 -7.68 -24.58
CA ASN A 118 -3.69 -7.40 -23.30
C ASN A 118 -2.89 -6.10 -23.35
N GLU A 119 -3.04 -5.31 -24.41
CA GLU A 119 -2.34 -4.04 -24.50
C GLU A 119 -2.91 -3.05 -23.48
N ALA A 120 -2.17 -1.95 -23.30
CA ALA A 120 -2.62 -0.83 -22.50
C ALA A 120 -2.55 0.43 -23.34
N LYS A 121 -3.60 1.25 -23.26
CA LYS A 121 -3.74 2.40 -24.14
C LYS A 121 -2.76 3.51 -23.80
N MET A 122 -1.46 3.20 -23.83
CA MET A 122 -0.42 4.19 -23.61
C MET A 122 0.74 3.88 -24.55
N LEU A 123 1.16 4.88 -25.30
CA LEU A 123 2.28 4.70 -26.23
C LEU A 123 3.60 4.82 -25.47
N PRO A 124 4.54 3.89 -25.64
CA PRO A 124 5.87 4.07 -25.03
C PRO A 124 6.42 5.48 -25.21
N SER A 125 6.26 6.07 -26.40
CA SER A 125 6.76 7.41 -26.63
C SER A 125 6.16 8.41 -25.66
N GLU A 126 4.83 8.35 -25.47
CA GLU A 126 4.19 9.21 -24.49
C GLU A 126 4.84 9.05 -23.13
N TYR A 127 5.04 7.79 -22.70
CA TYR A 127 5.62 7.55 -21.39
C TYR A 127 7.03 8.10 -21.31
N LEU A 128 7.81 7.96 -22.38
CA LEU A 128 9.19 8.44 -22.35
C LEU A 128 9.24 9.96 -22.30
N TYR A 129 8.45 10.63 -23.15
CA TYR A 129 8.39 12.08 -23.09
C TYR A 129 7.89 12.57 -21.74
N PHE A 130 7.07 11.75 -21.06
CA PHE A 130 6.66 12.08 -19.70
C PHE A 130 7.82 11.95 -18.73
N LEU A 131 8.62 10.88 -18.88
CA LEU A 131 9.75 10.66 -17.99
C LEU A 131 10.78 11.78 -18.10
N ARG A 132 10.99 12.30 -19.32
CA ARG A 132 12.01 13.34 -19.51
C ARG A 132 11.73 14.55 -18.62
N ASP A 133 10.45 14.90 -18.47
CA ASP A 133 10.07 16.08 -17.68
C ASP A 133 10.19 15.85 -16.17
N CYS A 134 10.42 14.62 -15.73
CA CYS A 134 10.46 14.29 -14.32
C CYS A 134 11.90 14.15 -13.84
N ASP A 135 12.15 14.61 -12.60
CA ASP A 135 13.46 14.52 -11.96
C ASP A 135 13.29 13.68 -10.70
N PHE A 136 13.43 12.36 -10.85
CA PHE A 136 13.19 11.46 -9.72
C PHE A 136 14.28 11.58 -8.66
N SER A 137 15.49 11.97 -9.04
CA SER A 137 16.55 12.20 -8.06
C SER A 137 16.14 13.29 -7.07
N ASN A 138 15.60 14.40 -7.58
CA ASN A 138 15.13 15.47 -6.70
C ASN A 138 13.96 14.99 -5.86
N LEU A 139 13.10 14.15 -6.43
CA LEU A 139 11.96 13.61 -5.68
C LEU A 139 12.43 12.79 -4.48
N TYR A 140 13.31 11.81 -4.72
CA TYR A 140 13.82 11.00 -3.62
C TYR A 140 14.58 11.86 -2.61
N ASN A 141 15.21 12.94 -3.08
CA ASN A 141 15.91 13.83 -2.16
C ASN A 141 14.92 14.50 -1.21
N LYS A 142 13.80 15.00 -1.74
CA LYS A 142 12.79 15.60 -0.88
C LYS A 142 12.22 14.56 0.09
N ALA A 143 12.09 13.32 -0.36
CA ALA A 143 11.62 12.25 0.53
C ALA A 143 12.60 12.02 1.66
N LEU A 144 13.90 11.92 1.33
CA LEU A 144 14.91 11.72 2.35
C LEU A 144 15.01 12.92 3.30
N SER A 145 14.80 14.13 2.78
CA SER A 145 14.84 15.31 3.64
C SER A 145 13.69 15.27 4.65
N ASP A 146 12.49 14.93 4.20
CA ASP A 146 11.36 14.81 5.12
C ASP A 146 11.60 13.71 6.14
N TYR A 147 12.12 12.57 5.69
CA TYR A 147 12.39 11.46 6.61
C TYR A 147 13.37 11.88 7.70
N TRP A 148 14.50 12.48 7.30
CA TRP A 148 15.49 12.88 8.29
C TRP A 148 14.95 13.95 9.21
N ALA A 149 14.21 14.92 8.67
CA ALA A 149 13.57 15.93 9.51
C ALA A 149 12.77 15.29 10.63
N GLU A 150 12.14 14.15 10.35
CA GLU A 150 11.28 13.49 11.33
C GLU A 150 12.03 12.52 12.23
N ASN A 151 13.08 11.87 11.73
CA ASN A 151 13.71 10.76 12.45
C ASN A 151 15.19 10.94 12.76
N TYR A 152 15.77 12.11 12.46
CA TYR A 152 17.19 12.31 12.69
C TYR A 152 17.55 12.06 14.16
N GLU A 153 16.79 12.67 15.07
CA GLU A 153 17.09 12.51 16.49
C GLU A 153 16.82 11.09 16.95
N LYS A 154 15.76 10.47 16.41
CA LYS A 154 15.52 9.05 16.70
C LYS A 154 16.74 8.21 16.36
N PHE A 155 17.34 8.46 15.19
CA PHE A 155 18.51 7.71 14.76
C PHE A 155 19.71 7.98 15.65
N SER A 156 19.96 9.25 15.96
CA SER A 156 21.12 9.60 16.79
C SER A 156 21.01 8.95 18.16
N THR A 157 19.86 9.11 18.83
CA THR A 157 19.68 8.53 20.16
C THR A 157 19.79 7.01 20.10
N LEU A 158 19.16 6.37 19.10
CA LEU A 158 19.24 4.93 18.97
C LEU A 158 20.69 4.49 18.80
N LEU A 159 21.46 5.23 17.99
CA LEU A 159 22.86 4.89 17.80
C LEU A 159 23.62 4.96 19.12
N GLN A 160 23.38 6.02 19.89
CA GLN A 160 24.02 6.14 21.20
C GLN A 160 23.69 4.95 22.09
N ASN A 161 22.41 4.54 22.12
CA ASN A 161 22.00 3.44 22.98
C ASN A 161 22.46 2.09 22.43
N TYR A 162 22.63 1.97 21.11
CA TYR A 162 23.23 0.77 20.54
C TYR A 162 24.68 0.63 20.99
N TYR A 163 25.44 1.72 20.91
CA TYR A 163 26.80 1.75 21.45
C TYR A 163 26.82 1.29 22.91
N ILE A 164 25.98 1.91 23.76
CA ILE A 164 25.98 1.59 25.17
C ILE A 164 25.65 0.12 25.38
N SER A 165 24.57 -0.35 24.76
CA SER A 165 24.09 -1.71 25.01
C SER A 165 25.10 -2.76 24.53
N SER A 166 25.69 -2.55 23.35
CA SER A 166 26.69 -3.49 22.86
C SER A 166 27.91 -3.53 23.76
N ALA A 167 28.35 -2.35 24.24
CA ALA A 167 29.49 -2.31 25.15
C ALA A 167 29.20 -3.07 26.44
N TYR A 168 28.03 -2.81 27.05
CA TYR A 168 27.68 -3.47 28.30
C TYR A 168 27.59 -4.99 28.10
N TYR A 169 26.89 -5.42 27.05
CA TYR A 169 26.74 -6.85 26.79
C TYR A 169 28.09 -7.52 26.60
N LEU A 170 29.00 -6.89 25.84
CA LEU A 170 30.30 -7.47 25.63
C LEU A 170 31.10 -7.56 26.93
N TYR A 171 31.01 -6.53 27.78
CA TYR A 171 31.72 -6.56 29.05
C TYR A 171 31.19 -7.68 29.94
N LYS A 172 29.87 -7.90 29.94
CA LYS A 172 29.29 -8.97 30.74
C LYS A 172 29.70 -10.35 30.24
N ASP A 173 29.91 -10.49 28.93
CA ASP A 173 30.36 -11.76 28.37
C ASP A 173 31.87 -11.96 28.46
N SER A 174 32.59 -10.99 29.01
CA SER A 174 34.04 -11.08 29.16
C SER A 174 34.77 -11.06 27.82
N ALA A 175 34.24 -10.31 26.86
CA ALA A 175 34.90 -10.11 25.57
C ALA A 175 35.73 -8.84 25.50
N ILE A 176 35.67 -7.98 26.51
CA ILE A 176 36.48 -6.77 26.54
C ILE A 176 36.80 -6.42 28.00
N SER A 177 37.92 -5.74 28.19
CA SER A 177 38.35 -5.34 29.53
C SER A 177 37.54 -4.15 30.04
N LYS A 178 37.50 -4.00 31.36
CA LYS A 178 36.85 -2.83 31.95
C LYS A 178 37.57 -1.55 31.53
N ASP A 179 38.90 -1.61 31.36
CA ASP A 179 39.61 -0.47 30.77
C ASP A 179 39.03 -0.14 29.40
N GLU A 180 38.75 -1.18 28.60
CA GLU A 180 38.17 -0.97 27.28
C GLU A 180 36.76 -0.43 27.37
N TYR A 181 35.96 -0.95 28.30
CA TYR A 181 34.61 -0.44 28.50
C TYR A 181 34.64 1.03 28.94
N GLU A 182 35.48 1.34 29.94
CA GLU A 182 35.60 2.73 30.38
C GLU A 182 36.01 3.64 29.22
N PHE A 183 37.05 3.24 28.48
CA PHE A 183 37.49 4.00 27.31
C PHE A 183 36.31 4.28 26.38
N SER A 184 35.55 3.24 26.06
CA SER A 184 34.46 3.38 25.09
C SER A 184 33.41 4.37 25.56
N ILE A 185 32.97 4.26 26.81
CA ILE A 185 31.91 5.13 27.30
C ILE A 185 32.41 6.56 27.43
N ASP A 186 33.56 6.75 28.08
CA ASP A 186 34.10 8.09 28.26
C ASP A 186 34.39 8.77 26.92
N ALA A 187 34.61 8.00 25.87
CA ALA A 187 35.00 8.55 24.57
C ALA A 187 33.86 9.29 23.87
N ILE A 188 32.65 9.27 24.41
CA ILE A 188 31.52 9.87 23.72
C ILE A 188 31.58 11.40 23.83
N PHE A 189 31.50 11.92 25.06
CA PHE A 189 31.55 13.36 25.28
C PHE A 189 32.97 13.86 25.57
N ASN A 190 33.85 13.00 26.06
CA ASN A 190 35.24 13.37 26.33
C ASN A 190 35.31 14.61 27.21
N LYS A 191 34.69 14.50 28.38
CA LYS A 191 34.65 15.63 29.31
C LYS A 191 36.04 16.01 29.77
N LYS A 192 36.85 15.03 30.15
CA LYS A 192 38.21 15.27 30.60
C LYS A 192 39.18 15.51 29.46
N ASN A 193 38.73 15.46 28.21
CA ASN A 193 39.58 15.63 27.03
C ASN A 193 40.82 14.73 27.07
N LYS A 194 40.74 13.63 27.81
CA LYS A 194 41.84 12.69 27.94
C LYS A 194 41.88 11.68 26.80
N ILE A 195 41.10 11.89 25.75
CA ILE A 195 40.98 10.94 24.65
C ILE A 195 40.93 11.71 23.34
N LEU A 196 41.55 11.16 22.30
CA LEU A 196 41.53 11.74 20.96
C LEU A 196 40.48 11.04 20.12
N ARG A 197 39.75 11.81 19.31
CA ARG A 197 38.73 11.26 18.42
C ARG A 197 39.02 11.72 16.99
N TYR A 198 38.89 10.79 16.06
CA TYR A 198 39.08 11.07 14.64
C TYR A 198 38.00 10.36 13.83
N TYR A 199 37.54 11.00 12.76
CA TYR A 199 36.82 10.27 11.73
C TYR A 199 37.74 9.20 11.17
N PHE A 200 37.17 8.04 10.81
CA PHE A 200 37.95 7.02 10.12
C PHE A 200 38.03 7.42 8.65
N ASP A 201 39.25 7.56 8.14
CA ASP A 201 39.46 7.96 6.76
C ASP A 201 40.46 7.03 6.10
N VAL A 202 40.45 7.03 4.78
CA VAL A 202 41.41 6.27 3.98
C VAL A 202 41.71 7.10 2.74
N TYR A 203 42.90 7.67 2.69
CA TYR A 203 43.31 8.48 1.54
C TYR A 203 42.39 9.68 1.37
N GLY A 204 41.94 10.26 2.48
CA GLY A 204 41.05 11.40 2.42
C GLY A 204 39.60 11.07 2.17
N TYR A 205 39.25 9.79 2.11
CA TYR A 205 37.87 9.35 1.96
C TYR A 205 37.35 8.93 3.33
N TYR A 206 36.30 9.59 3.80
CA TYR A 206 35.83 9.44 5.16
C TYR A 206 34.68 8.46 5.26
N SER A 207 34.69 7.63 6.30
CA SER A 207 33.63 6.67 6.57
C SER A 207 32.40 7.38 7.11
N SER A 208 31.22 6.84 6.76
CA SER A 208 29.97 7.46 7.17
C SER A 208 29.60 7.15 8.61
N ASP A 209 29.93 5.97 9.11
CA ASP A 209 29.47 5.52 10.42
C ASP A 209 30.59 5.09 11.36
N MET A 210 31.80 4.87 10.87
CA MET A 210 32.91 4.48 11.72
C MET A 210 33.62 5.70 12.31
N PHE A 211 34.30 5.49 13.43
CA PHE A 211 35.13 6.52 14.03
C PHE A 211 36.19 5.85 14.90
N VAL A 212 37.22 6.62 15.26
CA VAL A 212 38.36 6.11 16.02
C VAL A 212 38.57 6.98 17.25
N ALA A 213 38.80 6.33 18.39
CA ALA A 213 39.14 7.02 19.62
C ALA A 213 40.36 6.35 20.23
N MET A 214 41.44 7.12 20.38
CA MET A 214 42.69 6.59 20.90
C MET A 214 43.35 7.58 21.84
N ASN A 215 44.08 7.05 22.82
CA ASN A 215 44.93 7.83 23.70
C ASN A 215 46.23 7.05 23.88
N ASP A 216 47.19 7.66 24.57
CA ASP A 216 48.48 6.99 24.79
C ASP A 216 48.31 5.61 25.38
N ASN A 217 47.18 5.33 26.04
CA ASN A 217 46.96 4.04 26.67
C ASN A 217 46.47 3.00 25.67
N LYS A 218 45.31 3.24 25.05
CA LYS A 218 44.68 2.26 24.19
C LYS A 218 44.06 2.96 22.99
N THR A 219 43.89 2.21 21.91
CA THR A 219 43.24 2.69 20.70
C THR A 219 42.04 1.81 20.38
N MET A 220 40.92 2.43 20.01
CA MET A 220 39.69 1.72 19.73
C MET A 220 39.09 2.22 18.43
N LEU A 221 38.50 1.30 17.67
CA LEU A 221 37.75 1.64 16.46
C LEU A 221 36.31 1.15 16.62
N PHE A 222 35.36 2.05 16.44
CA PHE A 222 33.95 1.69 16.46
C PHE A 222 33.48 1.48 15.03
N ILE A 223 32.92 0.31 14.75
CA ILE A 223 32.48 -0.03 13.39
C ILE A 223 31.13 -0.73 13.50
N PRO A 224 30.04 -0.07 13.09
CA PRO A 224 28.71 -0.62 13.37
C PRO A 224 28.42 -1.88 12.58
N GLY A 225 27.56 -2.72 13.15
CA GLY A 225 27.07 -3.90 12.49
C GLY A 225 27.96 -5.12 12.59
N ALA A 226 29.22 -4.95 12.94
CA ALA A 226 30.11 -6.10 13.09
C ALA A 226 29.70 -6.95 14.30
N THR A 227 30.22 -8.17 14.36
CA THR A 227 29.98 -9.02 15.51
C THR A 227 30.43 -8.30 16.78
N ASN A 228 31.64 -7.77 16.77
CA ASN A 228 32.18 -6.92 17.82
C ASN A 228 32.21 -5.49 17.31
N PRO A 229 31.33 -4.60 17.78
CA PRO A 229 31.33 -3.23 17.26
C PRO A 229 32.63 -2.48 17.52
N PHE A 230 33.31 -2.74 18.63
CA PHE A 230 34.52 -2.03 18.99
C PHE A 230 35.72 -2.97 18.87
N ILE A 231 36.75 -2.53 18.15
CA ILE A 231 38.00 -3.27 18.00
C ILE A 231 39.11 -2.46 18.65
N PHE A 232 39.77 -3.05 19.64
CA PHE A 232 40.84 -2.39 20.39
C PHE A 232 42.21 -2.86 19.93
N ALA A 233 43.21 -2.00 20.15
CA ALA A 233 44.59 -2.30 19.80
C ALA A 233 45.48 -1.42 20.65
N ASP A 234 46.72 -1.87 20.85
CA ASP A 234 47.64 -1.14 21.71
C ASP A 234 47.97 0.23 21.13
N ASN A 235 47.97 0.38 19.81
CA ASN A 235 48.28 1.66 19.20
C ASN A 235 47.69 1.68 17.78
N ILE A 236 48.05 2.72 17.02
CA ILE A 236 47.52 2.89 15.67
C ILE A 236 48.04 1.82 14.72
N THR A 237 49.29 1.37 14.90
CA THR A 237 49.88 0.48 13.91
C THR A 237 49.39 -0.95 14.05
N ASP A 238 49.29 -1.46 15.28
CA ASP A 238 48.67 -2.77 15.49
C ASP A 238 47.26 -2.78 14.92
N LEU A 239 46.55 -1.65 15.04
CA LEU A 239 45.22 -1.54 14.45
C LEU A 239 45.30 -1.64 12.94
N ARG A 240 46.23 -0.90 12.32
CA ARG A 240 46.39 -0.96 10.87
C ARG A 240 46.63 -2.38 10.41
N ASP A 241 47.47 -3.13 11.14
CA ASP A 241 47.73 -4.51 10.76
C ASP A 241 46.51 -5.40 10.96
N LYS A 242 45.78 -5.19 12.05
CA LYS A 242 44.52 -5.92 12.25
C LYS A 242 43.56 -5.69 11.09
N ILE A 243 43.48 -4.45 10.61
CA ILE A 243 42.59 -4.12 9.51
C ILE A 243 43.03 -4.84 8.24
N LYS A 244 44.33 -4.75 7.92
CA LYS A 244 44.83 -5.41 6.71
C LYS A 244 44.56 -6.91 6.76
N ALA A 245 44.67 -7.53 7.93
CA ALA A 245 44.38 -8.95 8.06
C ALA A 245 42.89 -9.22 7.83
N LEU A 246 42.02 -8.36 8.36
CA LEU A 246 40.59 -8.58 8.22
C LEU A 246 40.13 -8.44 6.77
N ILE A 247 40.66 -7.47 6.04
CA ILE A 247 40.19 -7.23 4.68
C ILE A 247 41.03 -8.03 3.69
N SER A 248 41.86 -8.95 4.20
CA SER A 248 42.56 -9.88 3.32
C SER A 248 41.59 -10.75 2.52
N ASP A 249 40.36 -10.91 3.01
CA ASP A 249 39.33 -11.67 2.32
C ASP A 249 38.56 -10.77 1.38
N LYS A 250 38.37 -11.22 0.14
CA LYS A 250 37.63 -10.44 -0.84
C LYS A 250 36.23 -10.11 -0.31
N ASN A 251 35.53 -11.11 0.22
CA ASN A 251 34.19 -10.88 0.76
C ASN A 251 34.24 -9.89 1.91
N THR A 252 35.11 -10.13 2.90
CA THR A 252 35.22 -9.22 4.04
C THR A 252 35.64 -7.82 3.60
N ARG A 253 36.47 -7.72 2.56
CA ARG A 253 36.92 -6.41 2.09
C ARG A 253 35.76 -5.60 1.53
N GLU A 254 34.91 -6.22 0.71
CA GLU A 254 33.74 -5.51 0.19
C GLU A 254 32.80 -5.11 1.33
N LEU A 255 32.59 -6.01 2.30
CA LEU A 255 31.74 -5.68 3.44
C LEU A 255 32.26 -4.45 4.17
N PHE A 256 33.58 -4.33 4.34
CA PHE A 256 34.13 -3.15 4.97
C PHE A 256 33.93 -1.92 4.12
N SER A 257 34.09 -2.04 2.79
CA SER A 257 33.92 -0.90 1.91
C SER A 257 32.49 -0.38 1.93
N LYS A 258 31.52 -1.21 2.30
CA LYS A 258 30.14 -0.77 2.41
C LYS A 258 29.96 0.37 3.41
N HIS A 259 30.98 0.67 4.21
CA HIS A 259 30.91 1.77 5.17
C HIS A 259 31.32 3.11 4.56
N PHE A 260 31.46 3.18 3.24
CA PHE A 260 31.86 4.40 2.56
C PHE A 260 30.83 4.76 1.49
N SER A 261 30.71 6.05 1.22
CA SER A 261 29.79 6.53 0.20
C SER A 261 30.05 5.82 -1.12
N LEU A 262 29.04 5.75 -1.98
CA LEU A 262 29.25 5.18 -3.31
C LEU A 262 30.24 6.01 -4.10
N TYR A 263 30.19 7.34 -3.95
CA TYR A 263 31.12 8.22 -4.65
C TYR A 263 32.56 7.93 -4.21
N ASP A 264 32.83 8.02 -2.91
CA ASP A 264 34.18 7.77 -2.42
C ASP A 264 34.68 6.37 -2.76
N ARG A 265 33.78 5.41 -3.00
CA ARG A 265 34.21 4.05 -3.26
C ARG A 265 34.77 3.90 -4.68
N GLN A 266 34.35 4.75 -5.61
CA GLN A 266 34.77 4.65 -6.99
C GLN A 266 35.96 5.57 -7.26
N ASP A 267 36.85 5.11 -8.14
CA ASP A 267 38.02 5.88 -8.51
C ASP A 267 37.64 7.14 -9.28
N GLY A 268 38.54 8.13 -9.25
CA GLY A 268 38.35 9.37 -9.94
C GLY A 268 39.18 9.45 -11.21
N ASN A 269 39.13 10.63 -11.84
CA ASN A 269 39.95 10.85 -13.04
C ASN A 269 41.43 10.85 -12.69
N THR A 270 41.81 11.61 -11.66
CA THR A 270 43.21 11.78 -11.30
C THR A 270 43.62 10.98 -10.06
N TYR A 271 42.75 10.90 -9.05
CA TYR A 271 43.06 10.21 -7.81
C TYR A 271 42.18 8.98 -7.65
N LEU A 272 42.69 7.99 -6.92
CA LEU A 272 42.07 6.68 -6.87
C LEU A 272 40.89 6.65 -5.88
N GLY A 273 40.20 5.51 -5.86
CA GLY A 273 39.07 5.29 -4.98
C GLY A 273 39.41 4.36 -3.83
N VAL A 274 38.39 4.09 -3.01
CA VAL A 274 38.58 3.31 -1.79
C VAL A 274 38.85 1.85 -2.14
N ASN A 275 37.94 1.22 -2.90
CA ASN A 275 38.05 -0.21 -3.14
C ASN A 275 39.40 -0.55 -3.75
N SER A 276 39.79 0.15 -4.83
CA SER A 276 41.06 -0.12 -5.47
C SER A 276 42.22 0.09 -4.48
N MET A 277 42.14 1.15 -3.67
CA MET A 277 43.19 1.41 -2.71
C MET A 277 43.33 0.27 -1.71
N LEU A 278 42.20 -0.33 -1.30
CA LEU A 278 42.25 -1.43 -0.33
C LEU A 278 42.83 -2.69 -0.97
N GLU A 279 42.48 -2.96 -2.23
CA GLU A 279 43.09 -4.08 -2.93
C GLU A 279 44.61 -3.92 -2.98
N GLN A 280 45.09 -2.71 -3.27
CA GLN A 280 46.53 -2.47 -3.30
C GLN A 280 47.15 -2.55 -1.91
N ILE A 281 46.40 -2.22 -0.86
CA ILE A 281 46.93 -2.31 0.49
C ILE A 281 47.20 -3.76 0.85
N VAL A 282 46.20 -4.63 0.61
CA VAL A 282 46.40 -6.06 0.79
C VAL A 282 47.50 -6.54 -0.13
N SER A 283 47.56 -5.97 -1.34
CA SER A 283 48.63 -6.31 -2.28
C SER A 283 50.00 -5.86 -1.77
N GLY A 284 50.05 -4.73 -1.06
CA GLY A 284 51.30 -4.20 -0.54
C GLY A 284 51.83 -2.97 -1.24
N VAL A 285 51.24 -2.54 -2.36
CA VAL A 285 51.70 -1.33 -3.03
C VAL A 285 51.64 -0.15 -2.07
N VAL A 286 50.59 -0.10 -1.25
CA VAL A 286 50.36 1.04 -0.35
C VAL A 286 51.21 0.87 0.89
N ASP A 287 51.64 2.00 1.46
CA ASP A 287 52.53 1.98 2.60
C ASP A 287 51.90 1.33 3.82
N THR A 288 50.58 1.33 3.91
CA THR A 288 49.78 0.89 5.06
C THR A 288 49.67 2.03 6.06
N ASN A 289 50.50 3.08 5.94
CA ASN A 289 50.29 4.33 6.65
C ASN A 289 49.17 5.14 6.03
N TYR A 290 48.85 4.87 4.75
CA TYR A 290 47.73 5.49 4.07
C TYR A 290 46.41 5.20 4.75
N ILE A 291 46.38 4.31 5.73
CA ILE A 291 45.22 4.16 6.60
C ILE A 291 45.31 5.22 7.69
N MET A 292 44.18 5.84 8.00
CA MET A 292 44.16 7.03 8.85
C MET A 292 45.18 8.05 8.34
N TYR A 293 45.13 8.30 7.03
CA TYR A 293 46.09 9.16 6.35
C TYR A 293 45.77 10.64 6.55
N SER A 294 44.48 10.99 6.64
CA SER A 294 44.08 12.37 6.82
C SER A 294 43.91 12.73 8.29
N ASN A 295 43.42 11.79 9.11
CA ASN A 295 43.21 11.99 10.54
C ASN A 295 42.51 13.33 10.82
N LYS A 296 41.26 13.39 10.36
CA LYS A 296 40.44 14.58 10.56
C LYS A 296 39.88 14.60 11.98
N ASN A 297 40.16 15.67 12.72
CA ASN A 297 39.68 15.81 14.08
C ASN A 297 38.18 16.05 14.12
N ILE A 298 37.54 15.51 15.16
CA ILE A 298 36.09 15.58 15.31
C ILE A 298 35.77 16.73 16.26
N ARG A 299 35.13 17.77 15.73
CA ARG A 299 34.92 18.98 16.51
C ARG A 299 33.73 18.85 17.46
N GLU A 300 32.67 18.16 17.02
CA GLU A 300 31.46 18.05 17.82
C GLU A 300 31.75 17.35 19.15
N ARG A 301 30.86 17.56 20.12
CA ARG A 301 31.07 17.03 21.46
C ARG A 301 30.68 15.55 21.54
N ASN A 302 29.52 15.20 21.00
CA ASN A 302 29.06 13.82 20.97
C ASN A 302 29.33 13.24 19.59
N VAL A 303 30.17 12.20 19.54
CA VAL A 303 30.59 11.62 18.27
C VAL A 303 29.40 11.18 17.43
N PHE A 304 28.26 10.90 18.06
CA PHE A 304 27.11 10.39 17.32
C PHE A 304 26.42 11.49 16.52
N GLU A 305 26.43 12.73 17.00
CA GLU A 305 26.01 13.86 16.17
C GLU A 305 26.77 13.86 14.85
N SER A 306 28.08 13.64 14.90
CA SER A 306 28.89 13.68 13.69
C SER A 306 28.65 12.46 12.82
N MET A 307 28.68 11.26 13.42
CA MET A 307 28.36 10.05 12.69
C MET A 307 26.98 10.16 12.04
N ALA A 308 26.03 10.83 12.70
CA ALA A 308 24.69 10.94 12.17
C ALA A 308 24.66 11.82 10.93
N PHE A 309 25.25 13.02 11.01
CA PHE A 309 25.20 13.93 9.87
C PHE A 309 25.93 13.33 8.66
N SER A 310 27.03 12.61 8.90
CA SER A 310 27.75 12.01 7.78
C SER A 310 26.92 10.89 7.15
N THR A 311 26.33 10.02 7.97
CA THR A 311 25.40 9.02 7.45
C THR A 311 24.24 9.68 6.72
N ARG A 312 23.79 10.83 7.23
CA ARG A 312 22.72 11.58 6.57
C ARG A 312 23.16 12.07 5.20
N GLU A 313 24.32 12.72 5.13
CA GLU A 313 24.84 13.19 3.84
C GLU A 313 25.10 12.02 2.90
N ARG A 314 25.51 10.86 3.44
CA ARG A 314 25.77 9.71 2.58
C ARG A 314 24.48 9.18 1.97
N SER A 315 23.41 9.08 2.77
CA SER A 315 22.13 8.67 2.23
C SER A 315 21.72 9.56 1.07
N PHE A 316 21.88 10.88 1.23
CA PHE A 316 21.59 11.81 0.15
C PHE A 316 22.38 11.45 -1.11
N ASN A 317 23.69 11.26 -0.96
CA ASN A 317 24.55 11.05 -2.12
C ASN A 317 24.34 9.67 -2.73
N ASP A 318 24.33 8.63 -1.90
CA ASP A 318 24.03 7.30 -2.40
C ASP A 318 22.70 7.29 -3.15
N GLY A 319 21.72 8.02 -2.62
CA GLY A 319 20.43 8.13 -3.30
C GLY A 319 20.57 8.81 -4.65
N ASP A 320 21.30 9.93 -4.70
CA ASP A 320 21.50 10.64 -5.96
C ASP A 320 22.09 9.71 -7.02
N VAL A 321 23.06 8.88 -6.63
CA VAL A 321 23.65 7.93 -7.55
C VAL A 321 22.61 6.89 -7.98
N ILE A 322 21.96 6.26 -7.01
CA ILE A 322 21.05 5.16 -7.29
C ILE A 322 19.95 5.58 -8.25
N ILE A 323 19.52 6.83 -8.20
CA ILE A 323 18.52 7.31 -9.13
C ILE A 323 19.14 7.63 -10.48
N LYS A 324 20.32 8.24 -10.48
CA LYS A 324 20.97 8.64 -11.73
C LYS A 324 21.54 7.44 -12.47
N SER A 325 22.54 6.79 -11.90
CA SER A 325 23.26 5.70 -12.55
C SER A 325 22.97 4.39 -11.84
N ASN A 326 22.32 3.46 -12.55
CA ASN A 326 22.05 2.13 -12.03
C ASN A 326 22.36 1.07 -13.08
N ALA A 327 23.12 1.42 -14.11
CA ALA A 327 23.43 0.50 -15.20
C ALA A 327 24.62 -0.38 -14.82
N GLU A 328 24.45 -1.69 -14.98
CA GLU A 328 25.53 -2.65 -14.72
C GLU A 328 26.14 -2.40 -13.33
N VAL A 329 25.31 -2.65 -12.32
CA VAL A 329 25.70 -2.45 -10.93
C VAL A 329 25.37 -3.72 -10.15
N GLN A 330 25.88 -3.76 -8.91
CA GLN A 330 25.71 -4.94 -8.07
C GLN A 330 24.29 -4.96 -7.48
N ARG A 331 23.90 -6.15 -7.01
CA ARG A 331 22.53 -6.35 -6.54
C ARG A 331 22.26 -5.62 -5.24
N ASP A 332 23.29 -5.40 -4.42
CA ASP A 332 23.15 -4.72 -3.14
C ASP A 332 23.24 -3.20 -3.24
N TYR A 333 23.51 -2.67 -4.44
CA TYR A 333 23.70 -1.24 -4.65
C TYR A 333 22.72 -0.38 -3.86
N ALA A 334 21.42 -0.52 -4.16
CA ALA A 334 20.43 0.39 -3.60
C ALA A 334 20.33 0.32 -2.08
N LEU A 335 20.81 -0.77 -1.47
CA LEU A 335 20.67 -0.90 -0.02
C LEU A 335 21.56 0.06 0.76
N ASN A 336 22.54 0.70 0.11
CA ASN A 336 23.51 1.51 0.84
C ASN A 336 22.82 2.56 1.71
N VAL A 337 21.71 3.13 1.24
CA VAL A 337 21.00 4.14 2.02
C VAL A 337 20.67 3.59 3.40
N LEU A 338 20.32 2.31 3.48
CA LEU A 338 19.96 1.68 4.75
C LEU A 338 21.09 0.90 5.40
N GLN A 339 22.21 0.71 4.71
CA GLN A 339 23.33 -0.03 5.27
C GLN A 339 23.55 0.33 6.74
N THR A 340 23.70 1.63 7.02
CA THR A 340 24.01 2.07 8.37
C THR A 340 22.85 1.76 9.34
N ILE A 341 21.62 2.10 8.94
CA ILE A 341 20.49 1.91 9.85
C ILE A 341 20.33 0.44 10.21
N LEU A 342 20.33 -0.44 9.21
CA LEU A 342 20.15 -1.86 9.47
C LEU A 342 21.30 -2.47 10.26
N SER A 343 22.47 -1.82 10.27
CA SER A 343 23.58 -2.27 11.10
C SER A 343 23.31 -2.14 12.59
N LEU A 344 22.17 -1.56 12.98
CA LEU A 344 21.85 -1.35 14.38
C LEU A 344 21.00 -2.48 14.97
N SER A 345 20.97 -3.63 14.33
CA SER A 345 20.33 -4.79 14.93
C SER A 345 20.98 -5.09 16.28
N PRO A 346 20.21 -5.22 17.35
CA PRO A 346 20.83 -5.48 18.66
C PRO A 346 21.47 -6.84 18.73
N ILE A 347 22.68 -6.88 19.31
CA ILE A 347 23.37 -8.15 19.52
C ILE A 347 22.74 -8.94 20.67
N PHE A 348 22.02 -8.27 21.56
CA PHE A 348 21.30 -8.91 22.66
C PHE A 348 19.93 -9.38 22.17
N ASP A 349 19.46 -10.51 22.77
CA ASP A 349 18.54 -11.42 22.08
C ASP A 349 17.12 -10.89 21.85
N ILE A 350 16.57 -10.08 22.74
CA ILE A 350 15.21 -9.55 22.60
C ILE A 350 14.15 -10.57 23.04
N VAL A 351 13.84 -11.55 22.17
CA VAL A 351 12.78 -12.56 22.31
C VAL A 351 11.36 -11.96 22.28
N LEU A 352 10.58 -12.37 21.29
CA LEU A 352 9.17 -12.00 21.17
C LEU A 352 8.48 -12.97 20.21
N PRO A 353 7.14 -13.04 20.24
CA PRO A 353 6.43 -13.99 19.37
C PRO A 353 6.34 -13.46 17.94
N GLU A 354 6.71 -14.31 16.97
CA GLU A 354 6.59 -14.01 15.55
C GLU A 354 7.20 -12.65 15.22
N VAL A 355 8.40 -12.41 15.74
CA VAL A 355 9.15 -11.19 15.48
C VAL A 355 10.27 -11.54 14.52
N SER A 356 10.23 -10.96 13.33
CA SER A 356 11.26 -11.20 12.34
C SER A 356 12.56 -10.52 12.76
N ILE A 357 13.65 -11.27 12.72
CA ILE A 357 14.94 -10.82 13.23
C ILE A 357 15.91 -10.84 12.07
N PRO A 358 16.81 -9.84 11.94
CA PRO A 358 17.57 -9.70 10.69
C PRO A 358 18.25 -10.97 10.22
N ILE A 359 18.67 -11.85 11.13
CA ILE A 359 19.33 -13.07 10.70
C ILE A 359 18.34 -14.03 10.05
N SER A 360 17.09 -14.05 10.50
CA SER A 360 16.05 -14.79 9.81
C SER A 360 15.63 -14.12 8.51
N LEU A 361 16.20 -12.96 8.19
CA LEU A 361 15.86 -12.21 6.98
C LEU A 361 17.08 -12.01 6.08
N GLY A 362 18.07 -12.88 6.18
CA GLY A 362 19.26 -12.80 5.36
C GLY A 362 20.25 -11.73 5.76
N ILE A 363 20.05 -11.09 6.90
CA ILE A 363 20.97 -10.06 7.39
C ILE A 363 21.83 -10.73 8.46
N THR A 364 22.99 -11.23 8.04
CA THR A 364 23.94 -11.85 8.94
C THR A 364 24.98 -10.83 9.40
N ALA A 365 25.61 -11.12 10.52
CA ALA A 365 26.65 -10.27 11.08
C ALA A 365 28.02 -10.79 10.67
N SER A 366 28.98 -9.88 10.61
CA SER A 366 30.35 -10.21 10.24
C SER A 366 31.29 -9.42 11.14
N SER A 367 32.58 -9.45 10.80
CA SER A 367 33.58 -8.70 11.56
C SER A 367 33.69 -7.25 11.15
N VAL A 368 33.17 -6.89 9.97
CA VAL A 368 33.32 -5.54 9.45
C VAL A 368 31.96 -4.96 9.08
N GLY A 369 30.89 -5.53 9.62
CA GLY A 369 29.56 -5.01 9.37
C GLY A 369 28.52 -6.08 9.06
N ILE A 370 27.58 -5.75 8.18
CA ILE A 370 26.44 -6.62 7.88
C ILE A 370 26.50 -7.03 6.41
N SER A 371 25.88 -8.18 6.13
CA SER A 371 25.87 -8.73 4.77
C SER A 371 24.47 -9.22 4.44
N PHE A 372 24.14 -9.17 3.15
CA PHE A 372 22.82 -9.55 2.66
C PHE A 372 22.84 -10.77 1.76
N ASP A 373 23.97 -11.50 1.71
CA ASP A 373 24.12 -12.55 0.71
C ASP A 373 22.98 -13.56 0.77
N GLU A 374 22.48 -13.87 1.96
CA GLU A 374 21.35 -14.78 2.08
C GLU A 374 20.08 -14.16 1.53
N LEU A 375 19.88 -12.86 1.77
CA LEU A 375 18.70 -12.19 1.24
C LEU A 375 18.79 -12.01 -0.27
N ILE A 376 20.01 -11.92 -0.81
CA ILE A 376 20.21 -11.62 -2.22
C ILE A 376 20.32 -12.91 -3.02
N ASN A 377 21.32 -13.74 -2.68
CA ASN A 377 21.58 -14.97 -3.42
C ASN A 377 21.20 -16.23 -2.66
N GLY A 378 20.90 -16.13 -1.37
CA GLY A 378 20.48 -17.31 -0.63
C GLY A 378 19.24 -17.93 -1.26
N ASP A 379 19.25 -19.25 -1.39
CA ASP A 379 18.15 -19.96 -2.02
C ASP A 379 16.87 -19.91 -1.19
N THR A 380 16.93 -19.44 0.06
CA THR A 380 15.74 -19.40 0.90
C THR A 380 14.67 -18.52 0.27
N TYR A 381 15.06 -17.35 -0.23
CA TYR A 381 14.12 -16.39 -0.81
C TYR A 381 14.12 -16.42 -2.33
N GLU A 382 14.86 -17.35 -2.94
CA GLU A 382 14.93 -17.40 -4.39
C GLU A 382 13.55 -17.59 -5.02
N GLU A 383 12.60 -18.14 -4.28
CA GLU A 383 11.22 -18.18 -4.73
C GLU A 383 10.71 -16.76 -4.94
N ARG A 384 10.72 -15.95 -3.88
CA ARG A 384 10.24 -14.57 -3.98
C ARG A 384 10.99 -13.80 -5.05
N ARG A 385 12.32 -13.91 -5.07
CA ARG A 385 13.12 -13.15 -6.02
C ARG A 385 12.73 -13.50 -7.46
N SER A 386 12.71 -14.79 -7.78
CA SER A 386 12.39 -15.22 -9.15
C SER A 386 11.01 -14.75 -9.57
N ALA A 387 10.08 -14.58 -8.62
CA ALA A 387 8.73 -14.18 -8.97
C ALA A 387 8.67 -12.77 -9.52
N ILE A 388 9.58 -11.90 -9.10
CA ILE A 388 9.53 -10.48 -9.46
C ILE A 388 10.19 -10.28 -10.81
N PRO A 389 9.62 -9.45 -11.69
CA PRO A 389 10.20 -9.27 -13.03
C PRO A 389 11.21 -8.13 -13.06
N GLY A 390 11.95 -8.06 -14.16
CA GLY A 390 12.91 -7.01 -14.36
C GLY A 390 14.26 -7.29 -13.72
N LEU A 391 14.27 -8.12 -12.67
CA LEU A 391 15.50 -8.42 -11.97
C LEU A 391 16.53 -9.07 -12.88
N ALA A 392 16.07 -9.84 -13.88
CA ALA A 392 16.99 -10.60 -14.72
C ALA A 392 17.93 -9.70 -15.51
N THR A 393 17.52 -8.47 -15.80
CA THR A 393 18.31 -7.58 -16.65
C THR A 393 18.75 -6.31 -15.96
N ASN A 394 18.27 -6.03 -14.74
CA ASN A 394 18.66 -4.83 -14.00
C ASN A 394 18.88 -5.28 -12.55
N ALA A 395 20.14 -5.42 -12.16
CA ALA A 395 20.46 -6.02 -10.87
C ALA A 395 19.91 -5.17 -9.72
N VAL A 396 20.03 -3.85 -9.83
CA VAL A 396 19.69 -2.97 -8.72
C VAL A 396 18.29 -3.26 -8.18
N LEU A 397 17.40 -3.76 -9.03
CA LEU A 397 16.02 -3.99 -8.60
C LEU A 397 15.95 -4.99 -7.46
N LEU A 398 16.95 -5.86 -7.32
CA LEU A 398 17.00 -6.77 -6.18
C LEU A 398 16.80 -6.02 -4.87
N GLY A 399 17.40 -4.84 -4.75
CA GLY A 399 17.22 -4.04 -3.56
C GLY A 399 15.97 -3.18 -3.58
N ILE A 400 15.59 -2.70 -4.76
CA ILE A 400 14.45 -1.79 -4.86
C ILE A 400 13.14 -2.55 -4.78
N SER A 401 12.93 -3.46 -5.73
CA SER A 401 11.63 -4.11 -5.86
C SER A 401 11.42 -5.28 -4.91
N PHE A 402 12.51 -5.83 -4.33
CA PHE A 402 12.39 -6.96 -3.43
C PHE A 402 12.86 -6.64 -2.03
N ALA A 403 14.09 -6.17 -1.85
CA ALA A 403 14.70 -6.15 -0.52
C ALA A 403 14.11 -5.05 0.34
N ILE A 404 14.15 -3.81 -0.13
CA ILE A 404 13.67 -2.68 0.67
C ILE A 404 12.21 -2.88 1.08
N PRO A 405 11.28 -3.19 0.17
CA PRO A 405 9.88 -3.40 0.61
C PRO A 405 9.74 -4.57 1.56
N PHE A 406 10.50 -5.64 1.36
CA PHE A 406 10.43 -6.78 2.26
C PHE A 406 10.84 -6.38 3.68
N LEU A 407 12.01 -5.74 3.81
CA LEU A 407 12.48 -5.32 5.12
C LEU A 407 11.50 -4.34 5.77
N ILE A 408 10.93 -3.44 4.97
CA ILE A 408 10.01 -2.45 5.52
C ILE A 408 8.72 -3.14 5.99
N SER A 409 8.22 -4.11 5.21
CA SER A 409 6.99 -4.78 5.59
C SER A 409 7.18 -5.58 6.88
N LYS A 410 8.28 -6.32 7.00
CA LYS A 410 8.54 -7.04 8.23
C LYS A 410 8.76 -6.09 9.39
N ALA A 411 9.35 -4.92 9.13
CA ALA A 411 9.50 -3.91 10.18
C ALA A 411 8.15 -3.42 10.66
N GLU A 412 7.22 -3.18 9.73
CA GLU A 412 5.87 -2.76 10.12
C GLU A 412 5.18 -3.83 10.96
N GLU A 413 5.29 -5.09 10.54
CA GLU A 413 4.77 -6.18 11.35
C GLU A 413 5.31 -6.10 12.76
N ASN A 414 6.63 -5.99 12.90
CA ASN A 414 7.26 -5.92 14.21
C ASN A 414 6.71 -4.74 15.01
N LYS A 415 6.66 -3.56 14.40
CA LYS A 415 6.27 -2.37 15.15
C LYS A 415 4.82 -2.48 15.63
N LEU A 416 3.94 -3.04 14.81
CA LEU A 416 2.55 -3.21 15.23
C LEU A 416 2.44 -4.19 16.38
N ILE A 417 3.16 -5.32 16.31
CA ILE A 417 3.20 -6.26 17.42
C ILE A 417 3.60 -5.54 18.70
N ILE A 418 4.68 -4.75 18.63
CA ILE A 418 5.28 -4.19 19.83
C ILE A 418 4.44 -3.04 20.37
N ASN A 419 3.84 -2.22 19.51
CA ASN A 419 2.97 -1.16 19.99
C ASN A 419 1.80 -1.70 20.79
N ASN A 420 1.33 -2.91 20.45
CA ASN A 420 0.35 -3.58 21.28
C ASN A 420 0.97 -4.00 22.61
N LEU A 421 2.17 -4.60 22.55
CA LEU A 421 2.79 -5.13 23.75
C LEU A 421 3.31 -4.03 24.67
N VAL A 422 3.97 -3.01 24.10
CA VAL A 422 4.72 -2.06 24.90
C VAL A 422 4.24 -0.64 24.64
N GLY A 423 4.38 0.20 25.66
CA GLY A 423 4.01 1.60 25.57
C GLY A 423 5.23 2.49 25.36
N SER A 424 4.95 3.79 25.25
CA SER A 424 6.00 4.78 25.00
C SER A 424 6.17 5.80 26.11
N ASP A 425 5.14 6.06 26.91
CA ASP A 425 5.16 7.17 27.87
C ASP A 425 4.87 6.64 29.27
N GLU A 426 5.81 6.89 30.19
CA GLU A 426 5.60 6.65 31.62
C GLU A 426 6.36 7.72 32.40
N ASN A 427 6.12 8.98 32.08
CA ASN A 427 6.93 10.06 32.61
C ASN A 427 6.31 10.64 33.89
N ILE A 428 7.02 11.60 34.48
CA ILE A 428 6.58 12.22 35.73
C ILE A 428 5.58 13.32 35.41
N LEU A 429 4.35 13.18 35.91
CA LEU A 429 3.36 14.24 35.79
C LEU A 429 3.43 15.26 36.92
N ASN A 430 4.01 14.90 38.06
CA ASN A 430 4.19 15.82 39.18
C ASN A 430 2.90 15.99 39.96
N LYS A 431 1.76 15.91 39.29
CA LYS A 431 0.47 15.92 39.98
C LYS A 431 0.18 14.56 40.61
N ASN A 432 0.91 13.54 40.22
CA ASN A 432 0.91 12.24 40.88
C ASN A 432 2.24 11.58 40.56
N ASN A 433 2.51 10.48 41.25
CA ASN A 433 3.69 9.65 41.01
C ASN A 433 5.00 10.30 41.42
N LEU A 434 5.04 11.64 41.53
CA LEU A 434 6.28 12.30 41.93
C LEU A 434 6.67 11.89 43.35
N GLY A 435 5.69 11.92 44.27
CA GLY A 435 5.98 11.55 45.65
C GLY A 435 6.42 10.11 45.78
N ASP A 436 5.70 9.19 45.14
CA ASP A 436 6.08 7.78 45.20
C ASP A 436 7.47 7.57 44.61
N PHE A 437 7.76 8.26 43.50
CA PHE A 437 9.05 8.09 42.83
C PHE A 437 10.19 8.53 43.72
N LEU A 438 10.10 9.72 44.32
CA LEU A 438 11.18 10.20 45.18
C LEU A 438 11.33 9.30 46.41
N GLU A 439 10.20 8.85 46.98
CA GLU A 439 10.27 7.91 48.10
C GLU A 439 11.03 6.65 47.68
N LYS A 440 10.85 6.23 46.43
CA LYS A 440 11.62 5.09 45.93
C LYS A 440 13.11 5.38 45.95
N TYR A 441 13.50 6.61 45.60
CA TYR A 441 14.90 6.97 45.42
C TYR A 441 15.40 7.94 46.50
N ASN A 442 14.78 7.91 47.67
CA ASN A 442 15.26 8.63 48.84
C ASN A 442 15.78 10.03 48.54
N ILE A 443 15.05 10.78 47.74
CA ILE A 443 15.43 12.14 47.38
C ILE A 443 14.29 13.09 47.76
N SER A 444 14.55 14.38 47.60
CA SER A 444 13.57 15.40 47.95
C SER A 444 13.91 16.68 47.21
N GLU A 445 12.97 17.63 47.24
CA GLU A 445 13.14 18.88 46.51
C GLU A 445 14.43 19.59 46.92
N SER A 446 14.76 19.56 48.21
CA SER A 446 16.01 20.16 48.67
C SER A 446 17.21 19.47 48.05
N ASP A 447 17.11 18.15 47.84
CA ASP A 447 18.21 17.44 47.19
C ASP A 447 18.33 17.80 45.71
N ILE A 448 17.23 18.20 45.07
CA ILE A 448 17.28 18.66 43.68
C ILE A 448 17.66 20.13 43.66
N PRO A 449 18.89 20.47 43.26
CA PRO A 449 19.34 21.87 43.37
C PRO A 449 18.63 22.75 42.36
N GLU A 450 18.26 23.95 42.79
CA GLU A 450 17.79 24.97 41.87
C GLU A 450 18.96 25.45 41.03
N ASN A 451 18.73 25.63 39.73
CA ASN A 451 19.79 25.98 38.79
C ASN A 451 20.90 24.92 38.84
N GLY A 452 20.50 23.68 38.64
CA GLY A 452 21.43 22.56 38.64
C GLY A 452 20.74 21.30 38.17
N SER A 453 21.44 20.18 38.33
CA SER A 453 20.89 18.89 37.96
C SER A 453 21.36 17.83 38.96
N LEU A 454 20.56 16.76 39.07
CA LEU A 454 20.84 15.66 39.98
C LEU A 454 20.80 14.35 39.20
N VAL A 455 21.83 13.53 39.39
CA VAL A 455 21.99 12.28 38.65
C VAL A 455 21.56 11.12 39.53
N ILE A 456 20.94 10.10 38.90
CA ILE A 456 20.51 8.90 39.59
C ILE A 456 20.79 7.69 38.71
N ASN A 457 20.84 6.53 39.35
CA ASN A 457 20.89 5.23 38.67
C ASN A 457 19.60 4.47 38.97
N LEU A 458 18.93 4.01 37.92
CA LEU A 458 17.63 3.38 38.04
C LEU A 458 17.74 1.93 38.47
N LYS A 459 16.81 1.51 39.35
CA LYS A 459 16.88 0.17 39.93
C LYS A 459 16.70 -0.92 38.87
N ASN A 460 15.91 -0.68 37.84
CA ASN A 460 15.66 -1.71 36.84
C ASN A 460 16.91 -1.98 36.01
N THR A 461 17.48 -0.94 35.40
CA THR A 461 18.56 -1.11 34.44
C THR A 461 19.89 -0.51 34.88
N ASN A 462 19.92 0.25 35.98
CA ASN A 462 21.13 0.98 36.37
C ASN A 462 21.53 1.96 35.27
N VAL A 463 20.57 2.77 34.84
CA VAL A 463 20.73 3.70 33.73
C VAL A 463 20.71 5.12 34.28
N PRO A 464 21.66 5.98 33.88
CA PRO A 464 21.69 7.34 34.44
C PRO A 464 20.46 8.15 34.07
N VAL A 465 20.09 9.07 34.97
CA VAL A 465 18.93 9.92 34.79
C VAL A 465 19.18 11.25 35.48
N ARG A 466 18.63 12.33 34.90
CA ARG A 466 18.85 13.68 35.39
C ARG A 466 17.53 14.27 35.87
N LEU A 467 17.48 14.64 37.14
CA LEU A 467 16.34 15.35 37.71
C LEU A 467 16.62 16.84 37.66
N VAL A 468 15.61 17.63 37.31
CA VAL A 468 15.74 19.08 37.24
C VAL A 468 14.39 19.71 37.53
N LYS A 469 14.43 20.99 37.89
CA LYS A 469 13.23 21.80 38.07
C LYS A 469 13.11 22.75 36.89
N LEU A 470 11.92 22.83 36.30
CA LEU A 470 11.71 23.65 35.13
C LEU A 470 11.46 25.10 35.54
N ASN A 471 12.09 26.03 34.82
CA ASN A 471 11.95 27.44 35.14
C ASN A 471 10.71 28.06 34.51
N ASP A 472 10.23 27.50 33.38
CA ASP A 472 9.09 28.05 32.69
C ASP A 472 7.77 27.46 33.14
N GLU A 473 7.78 26.24 33.68
CA GLU A 473 6.56 25.53 34.03
C GLU A 473 6.36 25.45 35.55
N GLU A 474 6.73 26.53 36.24
CA GLU A 474 6.41 26.70 37.66
C GLU A 474 7.13 25.66 38.52
N GLY A 475 8.43 25.52 38.30
CA GLY A 475 9.26 24.67 39.12
C GLY A 475 8.90 23.20 39.07
N GLU A 476 8.10 22.81 38.08
CA GLU A 476 7.73 21.41 37.94
C GLU A 476 8.97 20.56 37.71
N ILE A 477 9.04 19.44 38.40
CA ILE A 477 10.21 18.57 38.35
C ILE A 477 10.01 17.53 37.28
N VAL A 478 11.08 17.19 36.57
CA VAL A 478 11.04 16.21 35.50
C VAL A 478 12.35 15.44 35.49
N ALA A 479 12.29 14.21 34.96
CA ALA A 479 13.47 13.38 34.76
C ALA A 479 13.77 13.32 33.27
N ILE A 480 15.03 13.51 32.92
CA ILE A 480 15.45 13.59 31.53
C ILE A 480 16.82 12.95 31.38
N LYS A 481 17.32 12.92 30.14
CA LYS A 481 18.61 12.33 29.83
C LYS A 481 19.23 13.08 28.66
N GLY A 482 20.56 13.02 28.57
CA GLY A 482 21.25 13.76 27.54
C GLY A 482 21.01 13.16 26.17
N SER A 483 20.81 14.03 25.19
CA SER A 483 20.69 13.63 23.80
C SER A 483 22.09 13.62 23.17
N THR A 484 22.16 13.52 21.86
CA THR A 484 23.40 13.75 21.14
C THR A 484 23.63 15.23 20.83
N LEU A 485 22.65 16.08 21.10
CA LEU A 485 22.71 17.49 20.76
C LEU A 485 22.99 18.33 22.00
N SER A 486 23.89 19.31 21.85
CA SER A 486 24.23 20.20 22.94
C SER A 486 23.05 21.10 23.27
N GLY A 487 22.61 21.07 24.53
CA GLY A 487 21.49 21.86 24.97
C GLY A 487 20.14 21.20 24.85
N ILE A 488 20.10 19.91 24.53
CA ILE A 488 18.85 19.20 24.30
C ILE A 488 18.85 17.93 25.14
N TYR A 489 17.81 17.77 25.96
CA TYR A 489 17.59 16.58 26.76
C TYR A 489 16.18 16.09 26.50
N TYR A 490 15.98 14.78 26.65
CA TYR A 490 14.69 14.15 26.44
C TYR A 490 14.19 13.55 27.75
N GLU A 491 12.91 13.74 28.05
CA GLU A 491 12.29 13.07 29.17
C GLU A 491 12.36 11.56 28.94
N VAL A 492 12.16 10.79 30.02
CA VAL A 492 12.41 9.36 29.98
C VAL A 492 11.31 8.59 30.69
N ASP A 493 11.25 7.30 30.36
CA ASP A 493 10.38 6.35 31.03
C ASP A 493 10.99 6.01 32.40
N THR A 494 10.29 6.37 33.47
CA THR A 494 10.83 6.20 34.81
C THR A 494 11.17 4.75 35.14
N GLU A 495 10.59 3.79 34.43
CA GLU A 495 10.83 2.38 34.73
C GLU A 495 12.01 1.80 33.96
N THR A 496 12.35 2.37 32.81
CA THR A 496 13.42 1.85 31.97
C THR A 496 14.52 2.86 31.65
N GLY A 497 14.20 4.16 31.59
CA GLY A 497 15.18 5.15 31.23
C GLY A 497 15.34 5.38 29.74
N TYR A 498 14.38 4.99 28.93
CA TYR A 498 14.45 5.18 27.49
C TYR A 498 14.03 6.60 27.13
N GLU A 499 14.80 7.22 26.24
CA GLU A 499 14.53 8.60 25.85
C GLU A 499 13.20 8.72 25.12
N ILE A 500 12.40 9.72 25.51
CA ILE A 500 11.10 9.98 24.91
C ILE A 500 11.27 11.20 24.02
N LEU A 501 11.49 10.96 22.72
CA LEU A 501 11.95 12.00 21.81
C LEU A 501 10.93 13.11 21.59
N SER A 502 9.64 12.85 21.84
CA SER A 502 8.64 13.89 21.61
C SER A 502 8.74 15.00 22.65
N ARG A 503 9.04 14.64 23.90
CA ARG A 503 9.03 15.58 25.03
C ARG A 503 10.47 15.98 25.31
N ARG A 504 10.81 17.22 24.97
CA ARG A 504 12.18 17.70 24.97
C ARG A 504 12.34 18.87 25.92
N VAL A 505 13.57 19.03 26.42
CA VAL A 505 13.90 20.10 27.36
C VAL A 505 15.20 20.76 26.91
N PHE A 506 15.29 22.08 27.12
CA PHE A 506 16.41 22.87 26.65
C PHE A 506 17.19 23.44 27.84
N ARG A 507 18.49 23.20 27.85
CA ARG A 507 19.38 23.68 28.91
C ARG A 507 20.13 24.91 28.39
N THR A 508 20.11 25.98 29.19
CA THR A 508 20.72 27.24 28.80
C THR A 508 21.48 27.83 29.98
N GLU A 509 22.62 28.44 29.69
CA GLU A 509 23.48 29.06 30.70
C GLU A 509 23.58 30.55 30.46
N TYR A 510 23.49 31.33 31.54
CA TYR A 510 23.72 32.77 31.45
C TYR A 510 23.94 33.34 32.84
N ASN A 511 25.04 34.08 33.01
CA ASN A 511 25.37 34.73 34.28
C ASN A 511 25.45 33.70 35.40
N GLU A 512 26.16 32.61 35.14
CA GLU A 512 26.34 31.52 36.07
C GLU A 512 25.02 30.94 36.57
N LYS A 513 23.95 31.09 35.81
CA LYS A 513 22.62 30.59 36.16
C LYS A 513 22.14 29.65 35.07
N ILE A 514 21.64 28.48 35.46
CA ILE A 514 21.18 27.46 34.53
C ILE A 514 19.66 27.51 34.46
N TYR A 515 19.11 27.33 33.26
CA TYR A 515 17.68 27.41 33.01
C TYR A 515 17.26 26.21 32.18
N TRP A 516 16.11 25.63 32.54
CA TRP A 516 15.54 24.50 31.83
C TRP A 516 14.18 24.91 31.28
N THR A 517 13.91 24.58 30.02
CA THR A 517 12.68 24.98 29.37
C THR A 517 12.12 23.85 28.52
N ARG A 518 10.79 23.67 28.60
CA ARG A 518 10.06 22.79 27.70
C ARG A 518 9.62 23.50 26.42
N GLY A 519 9.23 24.77 26.53
CA GLY A 519 8.66 25.49 25.41
C GLY A 519 9.61 25.66 24.24
N GLY A 520 10.74 26.30 24.49
CA GLY A 520 11.69 26.57 23.44
C GLY A 520 12.99 27.05 24.02
N GLY A 521 14.05 26.90 23.23
CA GLY A 521 15.35 27.37 23.66
C GLY A 521 15.34 28.86 23.94
N LEU A 522 16.23 29.27 24.84
CA LEU A 522 16.37 30.68 25.18
C LEU A 522 17.44 31.28 24.28
N LYS A 523 17.13 32.40 23.63
CA LYS A 523 18.12 33.06 22.80
C LYS A 523 19.26 33.53 23.69
N GLY A 524 20.49 33.30 23.24
CA GLY A 524 21.66 33.75 23.96
C GLY A 524 22.24 32.71 24.89
N GLY A 525 22.80 31.64 24.31
CA GLY A 525 23.39 30.57 25.10
C GLY A 525 24.88 30.75 25.16
N GLN A 526 25.41 30.83 26.38
CA GLN A 526 26.80 31.23 26.58
C GLN A 526 27.81 30.43 25.77
N PRO A 527 27.80 29.09 25.79
CA PRO A 527 28.78 28.34 24.99
C PRO A 527 28.80 28.75 23.51
N PHE A 528 27.73 28.44 22.79
CA PHE A 528 27.64 28.68 21.35
C PHE A 528 26.82 29.93 21.05
N ASN A 529 27.33 31.05 21.56
CA ASN A 529 26.73 32.37 21.33
C ASN A 529 27.41 33.01 20.13
N PHE A 530 26.66 33.18 19.04
CA PHE A 530 27.20 33.73 17.80
C PHE A 530 27.17 35.25 17.77
N GLU A 531 26.29 35.90 18.54
CA GLU A 531 26.17 37.35 18.48
C GLU A 531 27.51 38.03 18.73
N GLY A 532 28.24 37.57 19.75
CA GLY A 532 29.51 38.19 20.09
C GLY A 532 30.53 38.16 18.97
N LEU A 533 30.36 37.28 18.01
CA LEU A 533 31.31 37.13 16.91
C LEU A 533 31.00 38.11 15.79
N ASP A 534 31.96 38.28 14.89
CA ASP A 534 31.96 39.35 13.91
C ASP A 534 31.12 39.04 12.67
N ILE A 535 30.28 38.03 12.70
CA ILE A 535 29.55 37.64 11.49
C ILE A 535 28.71 38.81 10.99
N PRO A 536 28.73 39.13 9.69
CA PRO A 536 27.88 40.23 9.21
C PRO A 536 26.40 39.88 9.22
N VAL A 537 26.06 38.66 8.82
CA VAL A 537 24.67 38.23 8.67
C VAL A 537 24.48 36.97 9.52
N TYR A 538 23.70 37.08 10.57
CA TYR A 538 23.33 35.92 11.40
C TYR A 538 21.89 36.09 11.82
N PHE A 539 21.05 35.11 11.51
CA PHE A 539 19.66 35.20 11.97
C PHE A 539 19.05 33.81 12.03
N ILE A 540 17.92 33.74 12.73
CA ILE A 540 17.18 32.50 12.91
C ILE A 540 16.15 32.39 11.81
N ASP A 541 16.22 31.31 11.02
CA ASP A 541 15.25 31.10 9.95
C ASP A 541 13.88 30.81 10.52
N LYS A 542 12.85 31.37 9.89
CA LYS A 542 11.46 31.17 10.30
C LYS A 542 10.71 30.33 9.28
N PRO A 543 10.00 29.29 9.71
CA PRO A 543 9.34 28.39 8.76
C PRO A 543 7.99 28.94 8.27
N TYR A 544 7.36 28.17 7.38
CA TYR A 544 6.15 28.62 6.71
C TYR A 544 5.04 28.93 7.70
N SER A 545 5.02 28.24 8.85
CA SER A 545 3.97 28.47 9.84
C SER A 545 4.09 29.87 10.42
N GLU A 546 5.31 30.29 10.79
CA GLU A 546 5.50 31.66 11.27
C GLU A 546 5.13 32.66 10.18
N LEU A 547 5.49 32.38 8.93
CA LEU A 547 5.16 33.26 7.82
C LEU A 547 3.67 33.20 7.54
N ALA A 548 3.13 34.32 7.05
CA ALA A 548 1.69 34.52 6.91
C ALA A 548 1.18 34.21 5.51
N SER A 549 1.97 33.50 4.70
CA SER A 549 1.56 33.14 3.35
C SER A 549 0.27 32.32 3.37
N SER A 550 0.23 31.29 4.22
CA SER A 550 -0.97 30.46 4.41
C SER A 550 -1.41 29.82 3.09
N VAL A 551 -0.43 29.44 2.28
CA VAL A 551 -0.68 28.68 1.05
C VAL A 551 -0.99 27.23 1.38
N GLU A 552 -0.93 26.36 0.36
CA GLU A 552 -1.15 24.94 0.56
C GLU A 552 -0.08 24.36 1.48
N LEU A 553 -0.51 23.50 2.42
CA LEU A 553 0.37 22.99 3.46
C LEU A 553 1.01 24.12 4.26
N SER A 554 0.19 25.09 4.65
CA SER A 554 0.64 26.20 5.48
C SER A 554 1.25 25.72 6.80
N PHE A 555 0.92 24.50 7.24
CA PHE A 555 1.29 24.05 8.57
C PHE A 555 2.78 23.76 8.73
N VAL A 556 3.45 23.33 7.66
CA VAL A 556 4.78 22.72 7.78
C VAL A 556 5.70 23.60 8.60
N ASN A 557 6.40 22.99 9.56
CA ASN A 557 7.30 23.68 10.47
C ASN A 557 8.73 23.15 10.42
N ASP A 558 9.05 22.29 9.45
CA ASP A 558 10.39 21.75 9.30
C ASP A 558 11.18 22.35 8.15
N ASP A 559 10.56 23.13 7.28
CA ASP A 559 11.20 23.66 6.09
C ASP A 559 10.95 25.16 6.02
N SER A 560 11.72 25.84 5.17
CA SER A 560 11.63 27.28 5.01
C SER A 560 11.87 27.64 3.55
N PRO A 561 11.37 28.81 3.12
CA PRO A 561 11.58 29.24 1.73
C PRO A 561 12.89 29.98 1.55
N LEU A 562 13.80 29.81 2.52
CA LEU A 562 15.03 30.60 2.57
C LEU A 562 15.72 30.66 1.21
N LEU A 563 15.93 29.50 0.59
CA LEU A 563 16.70 29.41 -0.63
C LEU A 563 15.92 28.89 -1.82
N PHE A 564 14.64 28.60 -1.66
CA PHE A 564 13.85 28.01 -2.74
C PHE A 564 12.43 28.56 -2.71
N PRO A 565 11.86 28.97 -3.86
CA PRO A 565 12.48 28.99 -5.19
C PRO A 565 13.43 30.17 -5.35
N GLU A 566 13.03 31.33 -4.82
CA GLU A 566 13.83 32.54 -4.90
C GLU A 566 14.71 32.63 -3.66
N MET A 567 16.01 32.73 -3.88
CA MET A 567 16.95 32.85 -2.77
C MET A 567 16.69 34.15 -2.01
N ASP A 568 16.93 34.12 -0.70
CA ASP A 568 16.60 35.25 0.15
C ASP A 568 17.45 36.46 -0.22
N SER A 569 16.85 37.65 -0.11
CA SER A 569 17.58 38.88 -0.41
C SER A 569 18.67 39.13 0.62
N ARG A 570 18.40 38.80 1.89
CA ARG A 570 19.37 39.00 2.96
C ARG A 570 20.63 38.16 2.79
N LEU A 571 20.67 37.27 1.79
CA LEU A 571 21.77 36.33 1.65
C LEU A 571 22.53 36.56 0.35
N PRO A 572 23.84 36.31 0.35
CA PRO A 572 24.62 36.41 -0.89
C PRO A 572 24.33 35.26 -1.84
N LYS A 573 24.41 35.56 -3.13
CA LYS A 573 24.15 34.53 -4.12
C LYS A 573 25.39 33.66 -4.33
N PRO A 574 25.21 32.39 -4.63
CA PRO A 574 26.36 31.49 -4.74
C PRO A 574 27.05 31.62 -6.10
N THR A 575 28.34 31.34 -6.11
CA THR A 575 29.08 31.37 -7.36
C THR A 575 28.65 30.20 -8.24
N PRO A 576 28.22 30.44 -9.48
CA PRO A 576 27.82 29.32 -10.35
C PRO A 576 28.94 28.29 -10.51
N GLU A 577 28.52 27.06 -10.82
CA GLU A 577 29.47 25.95 -10.88
C GLU A 577 30.41 26.07 -12.07
N LEU A 578 29.88 26.47 -13.24
CA LEU A 578 30.72 26.55 -14.43
C LEU A 578 31.82 27.58 -14.26
N ASP A 579 31.49 28.73 -13.64
CA ASP A 579 32.52 29.74 -13.39
C ASP A 579 33.60 29.21 -12.45
N ILE A 580 33.22 28.35 -11.50
CA ILE A 580 34.22 27.81 -10.58
C ILE A 580 35.09 26.77 -11.28
N LYS A 581 34.48 25.92 -12.11
CA LYS A 581 35.27 24.97 -12.88
C LYS A 581 36.25 25.69 -13.80
N TYR A 582 35.86 26.84 -14.33
CA TYR A 582 36.75 27.62 -15.17
C TYR A 582 37.90 28.21 -14.36
N TYR A 583 37.59 28.83 -13.22
CA TYR A 583 38.63 29.45 -12.41
C TYR A 583 39.63 28.42 -11.90
N SER A 584 39.21 27.16 -11.74
CA SER A 584 40.11 26.14 -11.25
C SER A 584 40.96 25.55 -12.37
N SER A 585 40.38 25.34 -13.54
CA SER A 585 41.13 24.80 -14.67
C SER A 585 42.20 25.78 -15.12
N ASN A 586 41.82 27.03 -15.33
CA ASN A 586 42.76 28.09 -15.66
C ASN A 586 43.18 28.82 -14.38
N LEU A 587 43.84 28.05 -13.52
CA LEU A 587 44.14 28.47 -12.15
C LEU A 587 45.16 29.59 -12.10
N SER A 588 46.06 29.65 -13.07
CA SER A 588 47.12 30.67 -13.05
C SER A 588 46.56 32.07 -12.90
N SER A 589 45.42 32.35 -13.54
CA SER A 589 44.90 33.71 -13.57
C SER A 589 44.07 34.03 -12.33
N PHE A 590 43.37 33.05 -11.78
CA PHE A 590 42.45 33.28 -10.66
C PHE A 590 42.92 32.64 -9.37
N LYS A 591 44.22 32.33 -9.24
CA LYS A 591 44.70 31.65 -8.05
C LYS A 591 44.21 32.34 -6.78
N GLU A 592 44.15 33.67 -6.80
CA GLU A 592 43.77 34.43 -5.62
C GLU A 592 42.34 34.94 -5.67
N ASP A 593 41.67 34.85 -6.83
CA ASP A 593 40.29 35.29 -6.93
C ASP A 593 39.40 34.47 -5.99
N THR A 594 38.21 35.00 -5.72
CA THR A 594 37.34 34.48 -4.68
C THR A 594 36.07 33.91 -5.26
N VAL A 595 35.48 32.96 -4.52
CA VAL A 595 34.20 32.36 -4.87
C VAL A 595 33.38 32.21 -3.61
N ILE A 596 32.05 32.22 -3.77
CA ILE A 596 31.11 32.16 -2.65
C ILE A 596 30.45 30.79 -2.67
N LEU A 597 30.49 30.10 -1.53
CA LEU A 597 29.98 28.74 -1.42
C LEU A 597 29.03 28.62 -0.24
N MET A 598 28.21 27.58 -0.30
CA MET A 598 27.22 27.27 0.71
C MET A 598 27.52 25.89 1.29
N ARG A 599 27.05 25.67 2.51
CA ARG A 599 27.25 24.36 3.15
C ARG A 599 26.30 24.23 4.34
N GLY A 600 25.77 23.03 4.52
CA GLY A 600 24.98 22.70 5.68
C GLY A 600 25.83 22.02 6.72
N THR A 601 25.93 22.65 7.89
CA THR A 601 26.79 22.17 8.96
C THR A 601 26.02 22.18 10.27
N THR A 602 26.67 21.68 11.32
CA THR A 602 26.05 21.57 12.63
C THR A 602 26.06 22.93 13.34
N GLU A 603 25.63 22.93 14.60
CA GLU A 603 25.81 24.11 15.44
C GLU A 603 27.29 24.34 15.73
N GLU A 604 28.00 23.29 16.15
CA GLU A 604 29.38 23.44 16.58
C GLU A 604 30.30 23.71 15.40
N GLU A 605 30.01 23.11 14.24
CA GLU A 605 30.83 23.36 13.06
C GLU A 605 30.72 24.81 12.61
N ALA A 606 29.50 25.37 12.59
CA ALA A 606 29.33 26.75 12.17
C ALA A 606 29.97 27.72 13.15
N TRP A 607 29.88 27.43 14.46
CA TRP A 607 30.53 28.29 15.44
C TRP A 607 32.05 28.23 15.30
N ASN A 608 32.59 27.03 15.14
CA ASN A 608 34.03 26.88 14.95
C ASN A 608 34.49 27.57 13.67
N ILE A 609 33.63 27.62 12.65
CA ILE A 609 33.99 28.31 11.41
C ILE A 609 34.01 29.81 11.61
N ALA A 610 32.98 30.35 12.28
CA ALA A 610 32.89 31.80 12.44
C ALA A 610 33.89 32.32 13.47
N ASN A 611 34.28 31.49 14.43
CA ASN A 611 35.19 31.93 15.49
C ASN A 611 36.64 31.81 15.06
N TYR A 612 37.03 30.68 14.49
CA TYR A 612 38.40 30.45 14.08
C TYR A 612 38.66 30.80 12.61
N LYS A 613 37.62 31.18 11.87
CA LYS A 613 37.74 31.63 10.49
C LYS A 613 38.52 30.63 9.62
N THR A 614 38.24 29.36 9.83
CA THR A 614 38.82 28.30 9.00
C THR A 614 37.68 27.46 8.41
N ALA A 615 37.93 26.90 7.22
CA ALA A 615 36.89 26.16 6.51
C ALA A 615 36.37 25.00 7.35
N GLY A 616 37.25 24.32 8.08
CA GLY A 616 36.87 23.17 8.87
C GLY A 616 36.87 23.37 10.37
N GLY A 617 36.93 24.61 10.85
CA GLY A 617 36.95 24.86 12.27
C GLY A 617 38.20 24.32 12.95
N SER A 618 39.36 24.73 12.45
CA SER A 618 40.64 24.29 12.97
C SER A 618 41.48 25.51 13.34
N ASN A 619 42.16 25.43 14.49
CA ASN A 619 43.00 26.53 14.95
C ASN A 619 44.35 26.54 14.23
N LYS A 620 44.86 25.38 13.86
CA LYS A 620 46.23 25.24 13.40
C LYS A 620 46.52 26.16 12.22
N ASP A 621 47.76 26.65 12.18
CA ASP A 621 48.25 27.43 11.05
C ASP A 621 48.29 26.53 9.81
N LEU A 622 48.00 27.13 8.66
CA LEU A 622 47.82 26.35 7.44
C LEU A 622 49.11 25.65 7.03
N GLU A 623 50.03 26.40 6.43
CA GLU A 623 51.29 25.83 5.94
C GLU A 623 52.08 26.97 5.29
N GLU A 624 53.26 26.65 4.77
CA GLU A 624 54.00 27.59 3.95
C GLU A 624 53.97 27.17 2.49
N ASN A 625 53.99 28.16 1.60
CA ASN A 625 53.94 27.99 0.15
C ASN A 625 52.51 27.80 -0.38
N PHE A 626 51.56 27.45 0.48
CA PHE A 626 50.15 27.32 0.10
C PHE A 626 49.99 26.54 -1.20
N ILE A 627 50.48 25.30 -1.22
CA ILE A 627 50.40 24.49 -2.42
C ILE A 627 48.94 24.17 -2.75
N GLU A 628 48.26 23.47 -1.84
CA GLU A 628 46.91 22.97 -2.07
C GLU A 628 46.77 22.37 -3.46
N ALA A 629 47.45 21.24 -3.68
CA ALA A 629 47.47 20.53 -4.96
C ALA A 629 47.20 19.04 -4.70
N GLY A 630 45.97 18.71 -4.31
CA GLY A 630 45.57 17.34 -4.11
C GLY A 630 45.82 16.86 -2.69
N PRO A 631 45.87 15.55 -2.49
CA PRO A 631 45.96 15.01 -1.12
C PRO A 631 47.35 15.13 -0.52
N GLN A 632 47.38 15.33 0.79
CA GLN A 632 48.63 15.45 1.52
C GLN A 632 48.49 14.77 2.87
N PHE A 633 49.57 14.12 3.33
CA PHE A 633 49.56 13.39 4.58
C PHE A 633 49.04 14.24 5.72
N ASN A 634 48.14 13.66 6.51
CA ASN A 634 47.60 14.32 7.70
C ASN A 634 47.02 15.69 7.39
N LEU A 635 46.41 15.81 6.20
CA LEU A 635 45.67 17.00 5.81
C LEU A 635 44.21 16.60 5.59
N SER A 636 43.31 17.30 6.26
CA SER A 636 41.89 16.97 6.24
C SER A 636 41.10 18.03 5.48
N PHE A 637 40.01 17.61 4.86
CA PHE A 637 39.21 18.47 4.01
C PHE A 637 37.74 18.42 4.44
N SER A 638 37.06 19.54 4.27
CA SER A 638 35.60 19.61 4.34
C SER A 638 35.08 20.00 2.97
N GLU A 639 33.85 19.59 2.67
CA GLU A 639 33.29 19.71 1.33
C GLU A 639 32.09 20.64 1.34
N TYR A 640 32.14 21.65 0.47
CA TYR A 640 31.08 22.66 0.31
C TYR A 640 30.38 22.46 -1.03
N THR A 641 29.40 23.31 -1.32
CA THR A 641 28.58 23.17 -2.51
C THR A 641 28.23 24.52 -3.11
N SER A 642 27.97 24.53 -4.42
CA SER A 642 27.36 25.65 -5.11
C SER A 642 25.88 25.42 -5.38
N SER A 643 25.38 24.22 -5.12
CA SER A 643 23.99 23.88 -5.41
C SER A 643 23.08 24.49 -4.35
N ILE A 644 22.14 25.33 -4.79
CA ILE A 644 21.13 25.83 -3.87
C ILE A 644 20.31 24.67 -3.33
N ASN A 645 19.98 23.70 -4.19
CA ASN A 645 19.20 22.55 -3.77
C ASN A 645 19.91 21.78 -2.66
N SER A 646 21.15 21.36 -2.90
CA SER A 646 21.87 20.60 -1.89
C SER A 646 22.09 21.41 -0.62
N ALA A 647 22.26 22.73 -0.74
CA ALA A 647 22.44 23.57 0.44
C ALA A 647 21.17 23.59 1.28
N ASP A 648 20.03 23.88 0.66
CA ASP A 648 18.76 23.85 1.37
C ASP A 648 18.54 22.50 2.03
N THR A 649 18.85 21.41 1.31
CA THR A 649 18.59 20.08 1.82
C THR A 649 19.47 19.75 3.02
N ALA A 650 20.74 20.15 2.97
CA ALA A 650 21.67 19.83 4.04
C ALA A 650 21.55 20.77 5.24
N SER A 651 20.98 21.96 5.04
CA SER A 651 20.83 22.93 6.12
C SER A 651 19.53 22.79 6.89
N ARG A 652 18.52 22.14 6.30
CA ARG A 652 17.26 21.92 7.00
C ARG A 652 17.51 21.28 8.36
N LYS A 653 16.76 21.74 9.37
CA LYS A 653 16.89 21.25 10.73
C LYS A 653 18.32 21.37 11.28
N HIS A 654 19.15 22.18 10.62
CA HIS A 654 20.54 22.36 11.03
C HIS A 654 20.95 23.79 10.66
N PHE A 655 22.26 24.01 10.53
CA PHE A 655 22.80 25.34 10.28
C PHE A 655 23.31 25.47 8.86
N LEU A 656 23.19 26.68 8.31
CA LEU A 656 23.76 27.04 7.01
C LEU A 656 24.95 27.96 7.23
N VAL A 657 26.00 27.76 6.42
CA VAL A 657 27.21 28.55 6.47
C VAL A 657 27.59 28.95 5.06
N ILE A 658 27.83 30.24 4.84
CA ILE A 658 28.24 30.77 3.55
C ILE A 658 29.61 31.41 3.72
N ILE A 659 30.48 31.22 2.72
CA ILE A 659 31.87 31.62 2.86
C ILE A 659 32.39 32.21 1.56
N LYS A 660 33.33 33.16 1.69
CA LYS A 660 34.17 33.62 0.60
C LYS A 660 35.52 32.90 0.73
N VAL A 661 35.99 32.33 -0.37
CA VAL A 661 37.20 31.52 -0.35
C VAL A 661 38.01 31.76 -1.63
N GLN A 662 39.33 31.76 -1.48
CA GLN A 662 40.22 31.87 -2.63
C GLN A 662 40.33 30.54 -3.35
N VAL A 663 40.35 30.60 -4.68
CA VAL A 663 40.32 29.41 -5.50
C VAL A 663 41.53 28.50 -5.32
N LYS A 664 42.64 29.03 -4.81
CA LYS A 664 43.87 28.24 -4.74
C LYS A 664 43.75 27.05 -3.80
N TYR A 665 42.65 26.93 -3.04
CA TYR A 665 42.50 25.84 -2.08
C TYR A 665 41.49 24.78 -2.51
N ILE A 666 40.46 25.16 -3.29
CA ILE A 666 39.38 24.23 -3.60
C ILE A 666 39.86 23.15 -4.56
N SER A 667 39.38 21.92 -4.35
CA SER A 667 39.72 20.76 -5.16
C SER A 667 38.48 19.93 -5.44
N ASN A 668 38.22 19.65 -6.72
CA ASN A 668 37.08 18.83 -7.14
C ASN A 668 37.62 17.61 -7.89
N ASP A 669 37.61 16.46 -7.22
CA ASP A 669 38.22 15.25 -7.77
C ASP A 669 37.27 14.38 -8.59
N ASN A 670 35.98 14.34 -8.25
CA ASN A 670 35.08 13.36 -8.84
C ASN A 670 34.09 13.99 -9.81
N VAL A 671 33.85 13.28 -10.93
CA VAL A 671 33.05 13.80 -12.02
C VAL A 671 31.58 13.87 -11.65
N LEU A 672 31.07 12.85 -10.94
CA LEU A 672 29.63 12.73 -10.72
C LEU A 672 29.11 13.72 -9.69
N TYR A 673 29.91 14.02 -8.66
CA TYR A 673 29.51 14.85 -7.53
C TYR A 673 29.59 16.32 -7.92
N ALA A 674 28.56 16.76 -8.65
CA ALA A 674 28.59 18.10 -9.21
C ALA A 674 28.19 19.14 -8.17
N ASN A 675 28.65 20.37 -8.41
CA ASN A 675 28.35 21.52 -7.56
C ASN A 675 28.90 21.33 -6.15
N HIS A 676 30.02 20.60 -6.02
CA HIS A 676 30.64 20.36 -4.72
C HIS A 676 32.16 20.45 -4.83
N TRP A 677 32.78 20.96 -3.76
CA TRP A 677 34.21 21.23 -3.75
C TRP A 677 34.81 20.89 -2.38
N ALA A 678 36.01 20.31 -2.39
CA ALA A 678 36.74 19.98 -1.17
C ALA A 678 37.74 21.09 -0.85
N ILE A 679 37.90 21.38 0.44
CA ILE A 679 38.78 22.45 0.90
C ILE A 679 39.44 22.04 2.21
N PRO A 680 40.76 22.24 2.37
CA PRO A 680 41.41 21.90 3.65
C PRO A 680 40.73 22.58 4.83
N ASP A 681 40.75 21.89 5.98
CA ASP A 681 40.13 22.44 7.19
C ASP A 681 40.88 23.66 7.70
N GLU A 682 42.21 23.61 7.72
CA GLU A 682 42.99 24.73 8.23
C GLU A 682 43.00 25.92 7.31
N ALA A 683 42.41 25.82 6.11
CA ALA A 683 42.44 26.91 5.16
C ALA A 683 41.65 28.11 5.70
N PRO A 684 42.07 29.33 5.34
CA PRO A 684 41.32 30.51 5.76
C PRO A 684 40.14 30.81 4.84
N VAL A 685 39.12 31.44 5.42
CA VAL A 685 37.90 31.80 4.70
C VAL A 685 37.39 33.12 5.26
N GLU A 686 36.39 33.69 4.58
CA GLU A 686 35.69 34.88 5.03
C GLU A 686 34.24 34.46 5.30
N VAL A 687 33.89 34.30 6.57
CA VAL A 687 32.57 33.81 6.95
C VAL A 687 31.56 34.94 6.72
N LEU A 688 30.67 34.76 5.76
CA LEU A 688 29.76 35.81 5.35
C LEU A 688 28.41 35.75 6.05
N ALA A 689 27.88 34.54 6.26
CA ALA A 689 26.54 34.39 6.78
C ALA A 689 26.44 33.10 7.58
N VAL A 690 25.49 33.07 8.51
CA VAL A 690 25.16 31.88 9.28
C VAL A 690 23.68 31.95 9.62
N VAL A 691 22.94 30.89 9.34
CA VAL A 691 21.51 30.83 9.56
C VAL A 691 21.19 29.60 10.40
N ASP A 692 20.39 29.79 11.43
CA ASP A 692 19.94 28.71 12.29
C ASP A 692 18.61 28.18 11.75
N ARG A 693 18.64 27.01 11.12
CA ARG A 693 17.43 26.37 10.63
C ARG A 693 17.01 25.20 11.53
N ARG A 694 17.11 25.41 12.85
CA ARG A 694 16.53 24.50 13.82
C ARG A 694 15.08 24.83 14.12
N PHE A 695 14.64 26.06 13.80
CA PHE A 695 13.24 26.46 13.91
C PHE A 695 12.67 26.30 15.32
N ILE A 696 13.51 26.53 16.33
CA ILE A 696 13.10 26.39 17.73
C ILE A 696 12.51 27.72 18.18
N PHE A 697 11.18 27.81 18.20
CA PHE A 697 10.48 29.07 18.52
C PHE A 697 10.77 29.42 19.98
N MET B 1 -0.27 -36.54 -16.07
CA MET B 1 -0.83 -35.61 -17.08
C MET B 1 -0.87 -34.18 -16.53
N LYS B 2 -1.32 -33.25 -17.37
CA LYS B 2 -1.39 -31.86 -16.95
C LYS B 2 -2.35 -31.68 -15.80
N ASN B 3 -1.86 -31.05 -14.73
CA ASN B 3 -2.68 -30.67 -13.58
C ASN B 3 -2.68 -29.16 -13.38
N GLN B 4 -2.08 -28.39 -14.30
CA GLN B 4 -2.03 -26.95 -14.16
C GLN B 4 -3.37 -26.27 -14.36
N TRP B 5 -4.35 -26.92 -15.01
CA TRP B 5 -5.70 -26.38 -14.98
C TRP B 5 -6.02 -25.95 -13.56
N GLN B 6 -5.78 -26.85 -12.63
CA GLN B 6 -5.87 -26.58 -11.20
C GLN B 6 -5.17 -25.28 -10.84
N HIS B 7 -3.93 -25.11 -11.29
CA HIS B 7 -3.16 -23.94 -10.92
C HIS B 7 -3.76 -22.66 -11.49
N GLN B 8 -4.20 -22.69 -12.75
CA GLN B 8 -4.79 -21.50 -13.36
C GLN B 8 -6.10 -21.13 -12.66
N TYR B 9 -6.89 -22.12 -12.25
CA TYR B 9 -8.09 -21.83 -11.46
C TYR B 9 -7.72 -21.01 -10.23
N PHE B 10 -6.75 -21.49 -9.45
CA PHE B 10 -6.33 -20.77 -8.25
C PHE B 10 -5.86 -19.37 -8.59
N LEU B 11 -5.13 -19.22 -9.70
CA LEU B 11 -4.66 -17.89 -10.10
C LEU B 11 -5.83 -16.93 -10.27
N SER B 12 -6.85 -17.33 -11.03
CA SER B 12 -8.03 -16.49 -11.21
C SER B 12 -8.74 -16.25 -9.88
N TYR B 13 -8.93 -17.32 -9.09
CA TYR B 13 -9.52 -17.17 -7.76
C TYR B 13 -8.76 -16.13 -6.95
N SER B 14 -7.43 -16.18 -6.99
CA SER B 14 -6.63 -15.21 -6.26
C SER B 14 -6.78 -13.81 -6.85
N GLU B 15 -6.75 -13.70 -8.19
CA GLU B 15 -6.92 -12.41 -8.82
C GLU B 15 -8.24 -11.75 -8.43
N LEU B 16 -9.27 -12.55 -8.17
CA LEU B 16 -10.55 -12.00 -7.77
C LEU B 16 -10.49 -11.40 -6.37
N VAL B 17 -9.95 -12.16 -5.41
CA VAL B 17 -9.88 -11.65 -4.04
C VAL B 17 -8.88 -10.51 -3.94
N ALA B 18 -7.80 -10.55 -4.72
CA ALA B 18 -6.79 -9.50 -4.66
C ALA B 18 -7.34 -8.17 -5.15
N ASN B 19 -8.09 -8.20 -6.26
CA ASN B 19 -8.62 -6.98 -6.86
C ASN B 19 -9.92 -6.52 -6.21
N PHE B 20 -10.32 -7.11 -5.09
CA PHE B 20 -11.61 -6.75 -4.50
C PHE B 20 -11.48 -5.47 -3.69
N PRO B 21 -12.50 -4.61 -3.70
CA PRO B 21 -12.39 -3.33 -2.99
C PRO B 21 -12.43 -3.53 -1.48
N SER B 22 -11.38 -3.08 -0.80
CA SER B 22 -11.36 -3.04 0.65
C SER B 22 -11.87 -1.69 1.13
N PRO B 23 -12.96 -1.64 1.92
CA PRO B 23 -13.47 -0.32 2.32
C PRO B 23 -12.43 0.56 3.01
N GLU B 24 -11.57 -0.02 3.84
CA GLU B 24 -10.52 0.76 4.47
C GLU B 24 -9.68 1.50 3.44
N LYS B 25 -9.21 0.78 2.41
CA LYS B 25 -8.37 1.39 1.38
C LYS B 25 -9.14 2.44 0.58
N VAL B 26 -10.41 2.18 0.27
CA VAL B 26 -11.18 3.12 -0.54
C VAL B 26 -11.34 4.44 0.21
N VAL B 27 -11.70 4.36 1.51
CA VAL B 27 -11.90 5.57 2.29
C VAL B 27 -10.57 6.29 2.52
N SER B 28 -9.52 5.54 2.82
CA SER B 28 -8.21 6.16 2.97
C SER B 28 -7.83 6.96 1.73
N ASP B 29 -7.94 6.34 0.55
CA ASP B 29 -7.56 7.01 -0.68
C ASP B 29 -8.41 8.24 -0.93
N TYR B 30 -9.72 8.14 -0.70
CA TYR B 30 -10.60 9.28 -0.93
C TYR B 30 -10.24 10.43 -0.01
N ILE B 31 -9.92 10.12 1.25
CA ILE B 31 -9.54 11.17 2.20
C ILE B 31 -8.23 11.83 1.77
N LYS B 32 -7.30 11.03 1.26
CA LYS B 32 -6.06 11.59 0.74
C LYS B 32 -6.32 12.41 -0.52
N HIS B 33 -7.28 11.99 -1.35
CA HIS B 33 -7.64 12.78 -2.52
C HIS B 33 -8.18 14.14 -2.11
N LYS B 34 -9.03 14.17 -1.09
CA LYS B 34 -9.59 15.43 -0.61
C LYS B 34 -8.59 16.23 0.21
N PHE B 35 -7.61 15.57 0.85
CA PHE B 35 -6.60 16.31 1.59
C PHE B 35 -5.50 16.90 0.71
N SER B 36 -5.34 16.42 -0.52
CA SER B 36 -4.39 17.04 -1.43
C SER B 36 -5.03 18.16 -2.23
N THR B 37 -6.26 17.95 -2.69
CA THR B 37 -7.02 18.92 -3.45
C THR B 37 -8.30 19.23 -2.69
N THR B 38 -8.69 20.50 -2.62
CA THR B 38 -9.88 20.86 -1.85
C THR B 38 -9.65 20.47 -0.41
N LEU B 39 -8.94 21.32 0.33
CA LEU B 39 -8.36 21.15 1.64
C LEU B 39 -6.93 20.61 1.46
N PRO B 40 -6.04 21.37 0.82
CA PRO B 40 -4.64 20.94 0.74
C PRO B 40 -3.90 21.07 2.06
N TRP B 41 -4.37 21.93 2.97
CA TRP B 41 -3.70 22.16 4.23
C TRP B 41 -3.63 20.91 5.11
N PHE B 42 -4.39 19.88 4.79
CA PHE B 42 -4.33 18.62 5.51
C PHE B 42 -3.51 17.56 4.78
N GLY B 43 -2.79 17.94 3.73
CA GLY B 43 -2.00 16.98 2.97
C GLY B 43 -0.97 16.25 3.79
N TRP B 44 -0.55 16.82 4.92
CA TRP B 44 0.38 16.17 5.82
C TRP B 44 -0.23 15.00 6.57
N ALA B 45 -1.55 14.87 6.56
CA ALA B 45 -2.25 13.94 7.44
C ALA B 45 -2.43 12.58 6.75
N ASP B 46 -1.92 11.53 7.41
CA ASP B 46 -2.13 10.15 6.98
C ASP B 46 -3.26 9.57 7.82
N PRO B 47 -4.48 9.41 7.28
CA PRO B 47 -5.61 9.00 8.13
C PRO B 47 -5.51 7.58 8.66
N ASP B 48 -4.52 6.79 8.24
CA ASP B 48 -4.33 5.44 8.75
C ASP B 48 -3.25 5.36 9.82
N ASN B 49 -2.51 6.46 10.07
CA ASN B 49 -1.57 6.52 11.17
C ASN B 49 -1.80 7.76 12.03
N LEU B 50 -3.00 8.32 11.98
CA LEU B 50 -3.46 9.34 12.92
C LEU B 50 -4.72 8.81 13.61
N TYR B 51 -4.85 9.09 14.89
CA TYR B 51 -5.85 8.42 15.73
C TYR B 51 -6.78 9.45 16.37
N PHE B 52 -8.06 9.35 16.02
CA PHE B 52 -9.14 10.05 16.72
C PHE B 52 -9.44 9.31 18.02
N ILE B 53 -9.35 10.00 19.16
CA ILE B 53 -9.49 9.36 20.46
C ILE B 53 -10.49 10.13 21.31
N ARG B 54 -11.36 9.39 22.00
CA ARG B 54 -12.40 9.95 22.86
C ARG B 54 -12.10 9.59 24.31
N PHE B 55 -12.24 10.58 25.20
CA PHE B 55 -11.88 10.42 26.60
C PHE B 55 -13.07 10.73 27.50
N THR B 56 -13.01 10.23 28.73
CA THR B 56 -13.93 10.62 29.79
C THR B 56 -13.40 11.79 30.60
N GLN B 57 -12.07 11.88 30.74
CA GLN B 57 -11.41 12.87 31.57
C GLN B 57 -10.89 14.02 30.71
N SER B 58 -11.02 15.24 31.23
CA SER B 58 -10.60 16.44 30.51
C SER B 58 -9.78 17.34 31.43
N ARG B 59 -8.83 18.05 30.83
CA ARG B 59 -7.92 18.92 31.57
C ARG B 59 -7.46 20.04 30.65
N SER B 60 -7.51 21.28 31.15
CA SER B 60 -7.20 22.44 30.33
C SER B 60 -5.70 22.52 30.02
N ASN B 61 -5.40 23.00 28.82
CA ASN B 61 -4.01 23.22 28.40
C ASN B 61 -3.99 24.43 27.46
N ASN B 62 -3.26 25.47 27.85
CA ASN B 62 -3.16 26.68 27.02
C ASN B 62 -2.19 26.53 25.86
N LYS B 63 -1.55 25.37 25.70
CA LYS B 63 -0.55 25.18 24.66
C LYS B 63 -0.95 24.16 23.60
N SER B 64 -2.06 23.45 23.79
CA SER B 64 -2.49 22.45 22.83
C SER B 64 -3.30 23.10 21.71
N TYR B 65 -3.71 22.27 20.73
CA TYR B 65 -4.50 22.75 19.61
C TYR B 65 -5.98 22.83 19.95
N THR B 66 -6.44 21.95 20.85
CA THR B 66 -7.82 21.97 21.32
C THR B 66 -8.01 22.82 22.56
N GLY B 67 -6.94 23.10 23.30
CA GLY B 67 -7.04 23.69 24.61
C GLY B 67 -7.12 22.70 25.75
N TRP B 68 -7.06 21.40 25.46
CA TRP B 68 -7.22 20.37 26.48
C TRP B 68 -6.18 19.26 26.28
N ASP B 69 -5.87 18.56 27.37
CA ASP B 69 -5.10 17.33 27.33
C ASP B 69 -5.84 16.26 28.13
N HIS B 70 -5.55 15.00 27.82
CA HIS B 70 -6.29 13.88 28.38
C HIS B 70 -5.36 12.74 28.75
N LEU B 71 -5.84 11.86 29.63
CA LEU B 71 -5.10 10.70 30.07
C LEU B 71 -5.58 9.45 29.34
N GLY B 72 -4.65 8.51 29.13
CA GLY B 72 -5.00 7.29 28.42
C GLY B 72 -5.82 6.34 29.26
N LYS B 73 -5.49 6.25 30.56
CA LYS B 73 -6.27 5.41 31.45
C LYS B 73 -7.76 5.71 31.36
N TYR B 74 -8.10 6.96 31.01
CA TYR B 74 -9.48 7.43 30.94
C TYR B 74 -9.93 7.60 29.49
N ALA B 75 -9.33 6.83 28.59
CA ALA B 75 -9.69 6.88 27.16
C ALA B 75 -10.71 5.77 26.90
N ILE B 76 -11.86 6.14 26.35
CA ILE B 76 -12.93 5.18 26.11
C ILE B 76 -12.83 4.56 24.72
N GLU B 77 -12.49 5.33 23.70
CA GLU B 77 -12.49 4.84 22.32
C GLU B 77 -11.23 5.29 21.59
N THR B 78 -10.73 4.43 20.71
CA THR B 78 -9.47 4.67 20.00
C THR B 78 -9.60 4.18 18.56
N LEU B 79 -9.60 5.11 17.60
CA LEU B 79 -9.84 4.79 16.21
C LEU B 79 -8.89 5.57 15.31
N THR B 80 -8.61 5.01 14.13
CA THR B 80 -7.95 5.79 13.09
C THR B 80 -8.97 6.67 12.37
N LEU B 81 -8.47 7.72 11.72
CA LEU B 81 -9.37 8.62 11.01
C LEU B 81 -10.19 7.88 9.97
N THR B 82 -9.61 6.86 9.34
CA THR B 82 -10.36 6.04 8.39
C THR B 82 -11.47 5.27 9.11
N GLN B 83 -11.11 4.56 10.18
CA GLN B 83 -12.10 3.85 10.98
C GLN B 83 -13.24 4.78 11.41
N ALA B 84 -12.89 5.93 11.97
CA ALA B 84 -13.90 6.86 12.44
C ALA B 84 -14.85 7.26 11.32
N ALA B 85 -14.32 7.50 10.12
CA ALA B 85 -15.17 7.90 9.00
C ALA B 85 -16.15 6.79 8.63
N ILE B 86 -15.76 5.53 8.82
CA ILE B 86 -16.61 4.42 8.42
C ILE B 86 -17.75 4.21 9.40
N VAL B 87 -17.52 4.47 10.69
CA VAL B 87 -18.49 4.12 11.72
C VAL B 87 -19.32 5.32 12.14
N ASN B 88 -19.47 6.30 11.25
CA ASN B 88 -20.27 7.50 11.50
C ASN B 88 -19.98 8.06 12.89
N ILE B 89 -18.68 8.39 13.10
CA ILE B 89 -18.27 8.93 14.40
C ILE B 89 -19.06 10.16 14.76
N GLY B 90 -19.64 10.85 13.78
CA GLY B 90 -20.49 11.97 14.07
C GLY B 90 -21.68 11.61 14.94
N SER B 91 -22.10 10.34 14.90
CA SER B 91 -23.17 9.89 15.77
C SER B 91 -22.82 10.07 17.24
N ARG B 92 -21.52 10.02 17.57
CA ARG B 92 -21.10 10.11 18.95
C ARG B 92 -21.23 11.52 19.54
N PHE B 93 -21.59 12.51 18.74
CA PHE B 93 -21.65 13.89 19.20
C PHE B 93 -22.85 14.59 18.61
N ASP B 94 -23.78 15.02 19.48
CA ASP B 94 -24.94 15.77 19.03
C ASP B 94 -24.54 17.14 18.48
N ILE B 95 -23.51 17.75 19.07
CA ILE B 95 -23.00 19.05 18.63
C ILE B 95 -21.51 18.84 18.30
N PHE B 96 -21.12 19.20 17.08
CA PHE B 96 -19.77 18.92 16.62
C PHE B 96 -18.73 19.72 17.42
N ASP B 97 -18.95 21.03 17.57
CA ASP B 97 -18.00 21.87 18.28
C ASP B 97 -17.72 21.39 19.70
N GLU B 98 -18.52 20.46 20.22
CA GLU B 98 -18.33 19.91 21.55
C GLU B 98 -17.23 18.86 21.61
N ALA B 99 -16.95 18.18 20.49
CA ALA B 99 -16.02 17.06 20.52
C ALA B 99 -14.61 17.47 20.93
N ASN B 100 -14.21 18.71 20.61
CA ASN B 100 -12.85 19.14 20.93
C ASN B 100 -12.58 19.11 22.43
N SER B 101 -13.62 19.22 23.26
CA SER B 101 -13.45 19.18 24.70
C SER B 101 -13.25 17.76 25.23
N THR B 102 -13.85 16.76 24.58
CA THR B 102 -13.80 15.39 25.05
C THR B 102 -12.96 14.47 24.19
N ALA B 103 -12.42 14.96 23.07
CA ALA B 103 -11.67 14.11 22.15
C ALA B 103 -10.58 14.92 21.49
N GLY B 104 -9.66 14.22 20.81
CA GLY B 104 -8.57 14.88 20.11
C GLY B 104 -7.93 13.95 19.11
N ILE B 105 -7.21 14.56 18.17
CA ILE B 105 -6.46 13.82 17.16
C ILE B 105 -5.01 13.73 17.61
N TYR B 106 -4.45 12.52 17.58
CA TYR B 106 -3.11 12.29 18.08
C TYR B 106 -2.36 11.38 17.12
N LYS B 107 -1.03 11.44 17.23
CA LYS B 107 -0.14 10.69 16.35
C LYS B 107 0.27 9.35 16.93
N THR B 108 -0.41 8.88 17.98
CA THR B 108 -0.17 7.55 18.51
C THR B 108 -1.44 7.08 19.21
N ASN B 109 -1.52 5.77 19.45
CA ASN B 109 -2.68 5.18 20.11
C ASN B 109 -2.44 4.79 21.56
N ASN B 110 -1.21 4.44 21.92
CA ASN B 110 -0.88 4.03 23.29
C ASN B 110 0.04 5.08 23.89
N ALA B 111 -0.44 5.75 24.94
CA ALA B 111 0.35 6.78 25.61
C ALA B 111 -0.26 7.09 26.96
N ASP B 112 0.58 7.17 27.99
CA ASP B 112 0.10 7.56 29.31
C ASP B 112 -0.55 8.93 29.27
N SER B 113 0.05 9.88 28.55
CA SER B 113 -0.44 11.24 28.48
C SER B 113 -0.70 11.63 27.03
N PHE B 114 -1.92 12.09 26.74
CA PHE B 114 -2.31 12.59 25.43
C PHE B 114 -2.40 14.10 25.53
N ASP B 115 -1.42 14.79 24.97
CA ASP B 115 -1.22 16.21 25.25
C ASP B 115 -0.68 16.89 24.00
N GLU B 116 -0.03 18.04 24.18
CA GLU B 116 0.46 18.82 23.05
C GLU B 116 1.65 18.16 22.35
N THR B 117 2.42 17.31 23.05
CA THR B 117 3.63 16.76 22.47
C THR B 117 3.35 15.63 21.48
N ASN B 118 2.14 15.06 21.49
CA ASN B 118 1.76 14.04 20.52
C ASN B 118 0.47 14.39 19.79
N GLU B 119 -0.03 15.62 19.94
CA GLU B 119 -1.24 16.03 19.24
C GLU B 119 -0.97 16.16 17.74
N ALA B 120 -2.06 16.25 16.98
CA ALA B 120 -2.01 16.53 15.55
C ALA B 120 -2.86 17.77 15.28
N LYS B 121 -2.34 18.67 14.43
CA LYS B 121 -2.95 19.98 14.25
C LYS B 121 -4.26 19.91 13.48
N MET B 122 -5.22 19.14 14.00
CA MET B 122 -6.54 19.03 13.39
C MET B 122 -7.58 18.95 14.49
N LEU B 123 -8.59 19.81 14.41
CA LEU B 123 -9.66 19.81 15.40
C LEU B 123 -10.66 18.71 15.08
N PRO B 124 -11.03 17.87 16.05
CA PRO B 124 -12.10 16.90 15.80
C PRO B 124 -13.30 17.55 15.11
N SER B 125 -13.67 18.76 15.53
CA SER B 125 -14.80 19.44 14.91
C SER B 125 -14.58 19.61 13.41
N GLU B 126 -13.40 20.07 13.02
CA GLU B 126 -13.08 20.17 11.60
C GLU B 126 -13.31 18.84 10.89
N TYR B 127 -12.78 17.76 11.46
CA TYR B 127 -12.89 16.46 10.81
C TYR B 127 -14.35 16.04 10.67
N LEU B 128 -15.17 16.31 11.69
CA LEU B 128 -16.57 15.91 11.64
C LEU B 128 -17.33 16.69 10.58
N TYR B 129 -17.14 18.02 10.55
CA TYR B 129 -17.80 18.81 9.52
C TYR B 129 -17.35 18.38 8.13
N PHE B 130 -16.13 17.85 8.01
CA PHE B 130 -15.65 17.31 6.75
C PHE B 130 -16.34 15.99 6.41
N LEU B 131 -16.50 15.11 7.39
CA LEU B 131 -17.09 13.81 7.13
C LEU B 131 -18.54 13.93 6.66
N ARG B 132 -19.29 14.89 7.22
CA ARG B 132 -20.68 15.06 6.84
C ARG B 132 -20.82 15.31 5.34
N ASP B 133 -19.85 16.00 4.74
CA ASP B 133 -19.92 16.31 3.31
C ASP B 133 -19.62 15.11 2.42
N CYS B 134 -19.16 13.99 2.99
CA CYS B 134 -18.76 12.83 2.19
C CYS B 134 -19.85 11.76 2.23
N ASP B 135 -20.02 11.07 1.11
CA ASP B 135 -20.98 9.98 0.97
C ASP B 135 -20.19 8.72 0.64
N PHE B 136 -19.74 8.02 1.69
CA PHE B 136 -18.88 6.86 1.48
C PHE B 136 -19.65 5.68 0.89
N SER B 137 -20.96 5.61 1.13
CA SER B 137 -21.76 4.57 0.50
C SER B 137 -21.68 4.68 -1.02
N ASN B 138 -21.84 5.91 -1.54
CA ASN B 138 -21.70 6.13 -2.97
C ASN B 138 -20.27 5.83 -3.43
N LEU B 139 -19.28 6.15 -2.60
CA LEU B 139 -17.90 5.88 -2.94
C LEU B 139 -17.66 4.38 -3.11
N TYR B 140 -18.01 3.60 -2.09
CA TYR B 140 -17.83 2.16 -2.18
C TYR B 140 -18.69 1.55 -3.30
N ASN B 141 -19.84 2.16 -3.58
CA ASN B 141 -20.68 1.65 -4.67
C ASN B 141 -19.96 1.78 -6.00
N LYS B 142 -19.37 2.94 -6.27
CA LYS B 142 -18.62 3.10 -7.51
C LYS B 142 -17.44 2.15 -7.57
N ALA B 143 -16.80 1.90 -6.43
CA ALA B 143 -15.69 0.95 -6.38
C ALA B 143 -16.16 -0.45 -6.81
N LEU B 144 -17.27 -0.90 -6.24
CA LEU B 144 -17.81 -2.21 -6.62
C LEU B 144 -18.25 -2.22 -8.08
N SER B 145 -18.76 -1.11 -8.60
CA SER B 145 -19.18 -1.06 -9.99
C SER B 145 -17.97 -1.23 -10.91
N ASP B 146 -16.87 -0.53 -10.62
CA ASP B 146 -15.67 -0.70 -11.43
C ASP B 146 -15.13 -2.12 -11.32
N TYR B 147 -15.12 -2.68 -10.10
CA TYR B 147 -14.62 -4.04 -9.92
C TYR B 147 -15.43 -5.03 -10.75
N TRP B 148 -16.75 -4.97 -10.65
CA TRP B 148 -17.59 -5.91 -11.38
C TRP B 148 -17.44 -5.71 -12.89
N ALA B 149 -17.37 -4.46 -13.34
CA ALA B 149 -17.16 -4.20 -14.76
C ALA B 149 -15.94 -4.96 -15.28
N GLU B 150 -14.91 -5.10 -14.46
CA GLU B 150 -13.68 -5.78 -14.87
C GLU B 150 -13.72 -7.28 -14.62
N ASN B 151 -14.43 -7.73 -13.58
CA ASN B 151 -14.32 -9.11 -13.14
C ASN B 151 -15.61 -9.91 -13.16
N TYR B 152 -16.72 -9.34 -13.65
CA TYR B 152 -17.98 -10.07 -13.65
C TYR B 152 -17.85 -11.38 -14.41
N GLU B 153 -17.29 -11.32 -15.62
CA GLU B 153 -17.14 -12.53 -16.42
C GLU B 153 -16.12 -13.48 -15.79
N LYS B 154 -15.06 -12.93 -15.21
CA LYS B 154 -14.10 -13.77 -14.49
C LYS B 154 -14.80 -14.54 -13.37
N PHE B 155 -15.67 -13.87 -12.62
CA PHE B 155 -16.39 -14.54 -11.54
C PHE B 155 -17.32 -15.61 -12.08
N SER B 156 -18.07 -15.29 -13.14
CA SER B 156 -19.00 -16.25 -13.71
C SER B 156 -18.26 -17.50 -14.18
N THR B 157 -17.20 -17.32 -14.97
CA THR B 157 -16.44 -18.47 -15.47
C THR B 157 -15.87 -19.30 -14.33
N LEU B 158 -15.27 -18.64 -13.34
CA LEU B 158 -14.72 -19.37 -12.21
C LEU B 158 -15.80 -20.15 -11.47
N LEU B 159 -16.98 -19.54 -11.30
CA LEU B 159 -18.08 -20.23 -10.62
C LEU B 159 -18.49 -21.48 -11.38
N GLN B 160 -18.63 -21.37 -12.70
CA GLN B 160 -18.97 -22.53 -13.52
C GLN B 160 -17.93 -23.63 -13.37
N ASN B 161 -16.64 -23.27 -13.35
CA ASN B 161 -15.59 -24.28 -13.26
C ASN B 161 -15.49 -24.87 -11.86
N TYR B 162 -15.87 -24.12 -10.82
CA TYR B 162 -15.95 -24.69 -9.47
C TYR B 162 -17.03 -25.76 -9.41
N TYR B 163 -18.21 -25.46 -9.95
CA TYR B 163 -19.27 -26.44 -10.07
C TYR B 163 -18.78 -27.72 -10.74
N ILE B 164 -18.22 -27.58 -11.95
CA ILE B 164 -17.78 -28.75 -12.71
C ILE B 164 -16.71 -29.51 -11.95
N SER B 165 -15.67 -28.81 -11.49
CA SER B 165 -14.52 -29.49 -10.88
C SER B 165 -14.93 -30.18 -9.59
N SER B 166 -15.76 -29.53 -8.77
CA SER B 166 -16.24 -30.18 -7.55
C SER B 166 -17.06 -31.42 -7.90
N ALA B 167 -17.89 -31.33 -8.95
CA ALA B 167 -18.68 -32.48 -9.38
C ALA B 167 -17.77 -33.64 -9.80
N TYR B 168 -16.77 -33.35 -10.64
CA TYR B 168 -15.86 -34.40 -11.09
C TYR B 168 -15.11 -35.02 -9.92
N TYR B 169 -14.55 -34.18 -9.04
CA TYR B 169 -13.82 -34.68 -7.89
C TYR B 169 -14.71 -35.56 -7.01
N LEU B 170 -15.95 -35.12 -6.75
CA LEU B 170 -16.86 -35.91 -5.94
C LEU B 170 -17.21 -37.23 -6.63
N TYR B 171 -17.40 -37.20 -7.95
CA TYR B 171 -17.73 -38.42 -8.67
C TYR B 171 -16.59 -39.44 -8.59
N LYS B 172 -15.34 -38.97 -8.68
CA LYS B 172 -14.21 -39.89 -8.63
C LYS B 172 -14.06 -40.49 -7.23
N ASP B 173 -14.46 -39.76 -6.19
CA ASP B 173 -14.41 -40.27 -4.82
C ASP B 173 -15.61 -41.14 -4.48
N SER B 174 -16.57 -41.29 -5.38
CA SER B 174 -17.76 -42.10 -5.16
C SER B 174 -18.64 -41.51 -4.06
N ALA B 175 -18.67 -40.19 -3.96
CA ALA B 175 -19.57 -39.50 -3.05
C ALA B 175 -20.86 -39.07 -3.73
N ILE B 176 -20.96 -39.26 -5.04
CA ILE B 176 -22.17 -38.98 -5.81
C ILE B 176 -22.23 -39.97 -6.96
N SER B 177 -23.43 -40.27 -7.41
CA SER B 177 -23.62 -41.24 -8.49
C SER B 177 -23.29 -40.61 -9.84
N LYS B 178 -23.00 -41.48 -10.81
CA LYS B 178 -22.86 -41.02 -12.18
C LYS B 178 -24.17 -40.40 -12.67
N ASP B 179 -25.31 -40.94 -12.21
CA ASP B 179 -26.59 -40.29 -12.46
C ASP B 179 -26.61 -38.88 -11.87
N GLU B 180 -26.10 -38.73 -10.64
CA GLU B 180 -26.09 -37.41 -10.00
C GLU B 180 -25.13 -36.45 -10.71
N TYR B 181 -23.94 -36.93 -11.08
CA TYR B 181 -23.01 -36.08 -11.81
C TYR B 181 -23.62 -35.64 -13.14
N GLU B 182 -24.20 -36.57 -13.89
CA GLU B 182 -24.87 -36.20 -15.13
C GLU B 182 -25.95 -35.16 -14.89
N PHE B 183 -26.79 -35.37 -13.88
CA PHE B 183 -27.82 -34.39 -13.53
C PHE B 183 -27.24 -33.00 -13.38
N SER B 184 -26.15 -32.89 -12.61
CA SER B 184 -25.56 -31.58 -12.35
C SER B 184 -25.08 -30.92 -13.63
N ILE B 185 -24.40 -31.67 -14.51
CA ILE B 185 -23.85 -31.07 -15.72
C ILE B 185 -24.98 -30.63 -16.65
N ASP B 186 -25.94 -31.51 -16.90
CA ASP B 186 -27.04 -31.16 -17.80
C ASP B 186 -27.84 -29.96 -17.28
N ALA B 187 -27.82 -29.73 -15.96
CA ALA B 187 -28.62 -28.68 -15.36
C ALA B 187 -28.09 -27.28 -15.66
N ILE B 188 -26.94 -27.15 -16.31
CA ILE B 188 -26.36 -25.83 -16.54
C ILE B 188 -27.10 -25.11 -17.66
N PHE B 189 -27.07 -25.67 -18.87
CA PHE B 189 -27.75 -25.07 -20.01
C PHE B 189 -29.16 -25.60 -20.22
N ASN B 190 -29.44 -26.82 -19.76
CA ASN B 190 -30.77 -27.42 -19.88
C ASN B 190 -31.26 -27.35 -21.32
N LYS B 191 -30.44 -27.90 -22.23
CA LYS B 191 -30.78 -27.87 -23.65
C LYS B 191 -32.05 -28.67 -23.93
N LYS B 192 -32.17 -29.86 -23.35
CA LYS B 192 -33.34 -30.70 -23.56
C LYS B 192 -34.55 -30.27 -22.74
N ASN B 193 -34.43 -29.18 -21.98
CA ASN B 193 -35.52 -28.68 -21.15
C ASN B 193 -36.14 -29.76 -20.26
N LYS B 194 -35.38 -30.82 -19.97
CA LYS B 194 -35.88 -31.91 -19.16
C LYS B 194 -35.74 -31.66 -17.67
N ILE B 195 -35.36 -30.46 -17.26
CA ILE B 195 -35.12 -30.14 -15.86
C ILE B 195 -35.64 -28.74 -15.55
N LEU B 196 -36.23 -28.56 -14.38
CA LEU B 196 -36.67 -27.26 -13.92
C LEU B 196 -35.65 -26.71 -12.93
N ARG B 197 -35.40 -25.41 -13.01
CA ARG B 197 -34.45 -24.72 -12.16
C ARG B 197 -35.15 -23.58 -11.44
N TYR B 198 -34.83 -23.42 -10.15
CA TYR B 198 -35.43 -22.39 -9.35
C TYR B 198 -34.37 -21.70 -8.50
N TYR B 199 -34.54 -20.40 -8.29
CA TYR B 199 -33.84 -19.74 -7.19
C TYR B 199 -34.26 -20.40 -5.89
N PHE B 200 -33.32 -20.52 -4.95
CA PHE B 200 -33.66 -20.97 -3.61
C PHE B 200 -34.27 -19.81 -2.84
N ASP B 201 -35.48 -20.00 -2.33
CA ASP B 201 -36.18 -18.95 -1.61
C ASP B 201 -36.71 -19.50 -0.29
N VAL B 202 -37.00 -18.57 0.62
CA VAL B 202 -37.59 -18.89 1.90
C VAL B 202 -38.51 -17.74 2.29
N TYR B 203 -39.82 -17.97 2.22
CA TYR B 203 -40.79 -16.93 2.59
C TYR B 203 -40.61 -15.70 1.68
N GLY B 204 -40.29 -15.95 0.41
CA GLY B 204 -40.10 -14.89 -0.56
C GLY B 204 -38.74 -14.23 -0.53
N TYR B 205 -37.81 -14.71 0.30
CA TYR B 205 -36.46 -14.18 0.36
C TYR B 205 -35.54 -15.13 -0.40
N TYR B 206 -34.89 -14.62 -1.45
CA TYR B 206 -34.15 -15.45 -2.38
C TYR B 206 -32.66 -15.46 -2.03
N SER B 207 -32.05 -16.63 -2.15
CA SER B 207 -30.63 -16.78 -1.89
C SER B 207 -29.82 -16.20 -3.04
N SER B 208 -28.67 -15.61 -2.70
CA SER B 208 -27.83 -14.99 -3.70
C SER B 208 -27.01 -15.99 -4.49
N ASP B 209 -26.62 -17.11 -3.87
CA ASP B 209 -25.71 -18.06 -4.50
C ASP B 209 -26.22 -19.49 -4.57
N MET B 210 -27.24 -19.85 -3.80
CA MET B 210 -27.80 -21.19 -3.88
C MET B 210 -28.87 -21.24 -4.97
N PHE B 211 -29.10 -22.45 -5.50
CA PHE B 211 -30.20 -22.66 -6.44
C PHE B 211 -30.59 -24.13 -6.41
N VAL B 212 -31.75 -24.43 -7.01
CA VAL B 212 -32.32 -25.76 -6.99
C VAL B 212 -32.63 -26.20 -8.41
N ALA B 213 -32.30 -27.45 -8.73
CA ALA B 213 -32.62 -28.07 -10.00
C ALA B 213 -33.29 -29.41 -9.72
N MET B 214 -34.52 -29.58 -10.19
CA MET B 214 -35.28 -30.78 -9.88
C MET B 214 -36.02 -31.28 -11.12
N ASN B 215 -36.16 -32.61 -11.18
CA ASN B 215 -36.97 -33.28 -12.19
C ASN B 215 -37.74 -34.40 -11.50
N ASP B 216 -38.63 -35.05 -12.26
CA ASP B 216 -39.43 -36.13 -11.70
C ASP B 216 -38.58 -37.20 -11.03
N ASN B 217 -37.32 -37.35 -11.43
CA ASN B 217 -36.48 -38.40 -10.88
C ASN B 217 -35.84 -37.98 -9.55
N LYS B 218 -35.03 -36.93 -9.57
CA LYS B 218 -34.24 -36.53 -8.42
C LYS B 218 -34.24 -35.01 -8.29
N THR B 219 -33.99 -34.55 -7.07
CA THR B 219 -33.90 -33.13 -6.76
C THR B 219 -32.52 -32.81 -6.21
N MET B 220 -31.95 -31.69 -6.65
CA MET B 220 -30.61 -31.29 -6.26
C MET B 220 -30.60 -29.83 -5.81
N LEU B 221 -29.79 -29.55 -4.80
CA LEU B 221 -29.54 -28.19 -4.32
C LEU B 221 -28.06 -27.89 -4.43
N PHE B 222 -27.72 -26.78 -5.09
CA PHE B 222 -26.35 -26.31 -5.17
C PHE B 222 -26.12 -25.24 -4.12
N ILE B 223 -25.11 -25.44 -3.28
CA ILE B 223 -24.80 -24.52 -2.18
C ILE B 223 -23.28 -24.36 -2.13
N PRO B 224 -22.73 -23.21 -2.54
CA PRO B 224 -21.29 -23.14 -2.76
C PRO B 224 -20.48 -23.15 -1.49
N GLY B 225 -19.25 -23.66 -1.61
CA GLY B 225 -18.28 -23.59 -0.54
C GLY B 225 -18.42 -24.64 0.54
N ALA B 226 -19.57 -25.28 0.64
CA ALA B 226 -19.75 -26.33 1.61
C ALA B 226 -18.90 -27.54 1.24
N THR B 227 -18.73 -28.44 2.20
CA THR B 227 -18.01 -29.69 1.92
C THR B 227 -18.63 -30.41 0.74
N ASN B 228 -19.95 -30.61 0.76
CA ASN B 228 -20.66 -31.14 -0.39
C ASN B 228 -21.48 -30.02 -1.02
N PRO B 229 -21.05 -29.43 -2.12
CA PRO B 229 -21.85 -28.36 -2.75
C PRO B 229 -23.19 -28.85 -3.26
N PHE B 230 -23.29 -30.12 -3.63
CA PHE B 230 -24.50 -30.68 -4.21
C PHE B 230 -25.21 -31.52 -3.15
N ILE B 231 -26.47 -31.19 -2.89
CA ILE B 231 -27.30 -31.97 -1.98
C ILE B 231 -28.47 -32.54 -2.78
N PHE B 232 -28.57 -33.85 -2.84
CA PHE B 232 -29.62 -34.53 -3.57
C PHE B 232 -30.67 -35.07 -2.61
N ALA B 233 -31.87 -35.24 -3.13
CA ALA B 233 -32.98 -35.77 -2.34
C ALA B 233 -34.02 -36.34 -3.29
N ASP B 234 -34.82 -37.27 -2.77
CA ASP B 234 -35.82 -37.94 -3.60
C ASP B 234 -36.86 -36.96 -4.12
N ASN B 235 -37.17 -35.92 -3.36
CA ASN B 235 -38.15 -34.92 -3.78
C ASN B 235 -37.90 -33.64 -2.99
N ILE B 236 -38.82 -32.68 -3.12
CA ILE B 236 -38.67 -31.40 -2.45
C ILE B 236 -38.75 -31.56 -0.94
N THR B 237 -39.54 -32.51 -0.46
CA THR B 237 -39.80 -32.62 0.97
C THR B 237 -38.64 -33.28 1.71
N ASP B 238 -38.06 -34.33 1.14
CA ASP B 238 -36.85 -34.91 1.73
C ASP B 238 -35.75 -33.87 1.84
N LEU B 239 -35.66 -32.96 0.86
CA LEU B 239 -34.71 -31.86 0.95
C LEU B 239 -35.07 -30.94 2.11
N ARG B 240 -36.34 -30.56 2.22
CA ARG B 240 -36.76 -29.69 3.30
C ARG B 240 -36.43 -30.27 4.66
N ASP B 241 -36.67 -31.57 4.84
CA ASP B 241 -36.35 -32.21 6.11
C ASP B 241 -34.84 -32.28 6.33
N LYS B 242 -34.09 -32.61 5.27
CA LYS B 242 -32.63 -32.59 5.37
C LYS B 242 -32.13 -31.21 5.80
N ILE B 243 -32.71 -30.16 5.25
CA ILE B 243 -32.29 -28.80 5.60
C ILE B 243 -32.62 -28.50 7.06
N LYS B 244 -33.86 -28.80 7.48
CA LYS B 244 -34.24 -28.54 8.86
C LYS B 244 -33.32 -29.27 9.84
N ALA B 245 -32.89 -30.49 9.49
CA ALA B 245 -31.95 -31.21 10.35
C ALA B 245 -30.60 -30.51 10.39
N LEU B 246 -30.14 -29.98 9.25
CA LEU B 246 -28.83 -29.34 9.20
C LEU B 246 -28.80 -28.07 10.02
N ILE B 247 -29.88 -27.28 9.96
CA ILE B 247 -29.90 -25.98 10.63
C ILE B 247 -30.48 -26.09 12.04
N SER B 248 -30.64 -27.32 12.54
CA SER B 248 -31.00 -27.48 13.94
C SER B 248 -29.93 -26.91 14.86
N ASP B 249 -28.70 -26.76 14.37
CA ASP B 249 -27.60 -26.18 15.12
C ASP B 249 -27.60 -24.67 14.90
N LYS B 250 -27.49 -23.91 16.00
CA LYS B 250 -27.45 -22.46 15.89
C LYS B 250 -26.32 -22.01 14.98
N ASN B 251 -25.12 -22.54 15.18
CA ASN B 251 -23.98 -22.18 14.34
C ASN B 251 -24.25 -22.54 12.88
N THR B 252 -24.65 -23.79 12.63
CA THR B 252 -24.94 -24.21 11.27
C THR B 252 -26.06 -23.37 10.65
N ARG B 253 -27.03 -22.97 11.45
CA ARG B 253 -28.11 -22.14 10.92
C ARG B 253 -27.60 -20.77 10.50
N GLU B 254 -26.74 -20.17 11.31
CA GLU B 254 -26.16 -18.87 10.94
C GLU B 254 -25.33 -19.00 9.68
N LEU B 255 -24.51 -20.05 9.57
CA LEU B 255 -23.72 -20.25 8.37
C LEU B 255 -24.61 -20.37 7.14
N PHE B 256 -25.73 -21.08 7.26
CA PHE B 256 -26.65 -21.20 6.13
C PHE B 256 -27.28 -19.86 5.78
N SER B 257 -27.62 -19.06 6.79
CA SER B 257 -28.22 -17.76 6.54
C SER B 257 -27.27 -16.81 5.84
N LYS B 258 -25.96 -17.04 5.96
CA LYS B 258 -24.97 -16.20 5.26
C LYS B 258 -25.13 -16.21 3.75
N HIS B 259 -25.96 -17.11 3.21
CA HIS B 259 -26.21 -17.16 1.77
C HIS B 259 -27.31 -16.19 1.34
N PHE B 260 -27.74 -15.29 2.22
CA PHE B 260 -28.79 -14.33 1.91
C PHE B 260 -28.30 -12.92 2.18
N SER B 261 -28.88 -11.96 1.45
CA SER B 261 -28.54 -10.56 1.63
C SER B 261 -28.71 -10.17 3.09
N LEU B 262 -27.99 -9.14 3.54
CA LEU B 262 -28.20 -8.64 4.90
C LEU B 262 -29.60 -8.08 5.07
N TYR B 263 -30.13 -7.41 4.05
CA TYR B 263 -31.48 -6.86 4.12
C TYR B 263 -32.51 -7.98 4.32
N ASP B 264 -32.52 -8.95 3.41
CA ASP B 264 -33.45 -10.08 3.55
C ASP B 264 -33.24 -10.80 4.87
N ARG B 265 -32.06 -10.66 5.48
CA ARG B 265 -31.76 -11.39 6.70
C ARG B 265 -32.47 -10.79 7.92
N GLN B 266 -32.79 -9.50 7.87
CA GLN B 266 -33.39 -8.80 8.99
C GLN B 266 -34.90 -8.77 8.87
N ASP B 267 -35.58 -8.83 10.02
CA ASP B 267 -37.03 -8.77 10.03
C ASP B 267 -37.49 -7.40 9.51
N GLY B 268 -38.73 -7.37 9.03
CA GLY B 268 -39.32 -6.16 8.51
C GLY B 268 -40.31 -5.53 9.47
N ASN B 269 -40.93 -4.45 9.00
CA ASN B 269 -41.97 -3.79 9.78
C ASN B 269 -43.19 -4.69 9.93
N THR B 270 -43.68 -5.25 8.83
CA THR B 270 -44.87 -6.08 8.82
C THR B 270 -44.58 -7.56 8.67
N TYR B 271 -43.63 -7.95 7.82
CA TYR B 271 -43.30 -9.35 7.58
C TYR B 271 -41.91 -9.65 8.12
N LEU B 272 -41.70 -10.93 8.46
CA LEU B 272 -40.50 -11.33 9.18
C LEU B 272 -39.30 -11.48 8.25
N GLY B 273 -38.14 -11.73 8.85
CA GLY B 273 -36.90 -11.92 8.13
C GLY B 273 -36.48 -13.38 8.06
N VAL B 274 -35.32 -13.60 7.45
CA VAL B 274 -34.85 -14.96 7.22
C VAL B 274 -34.48 -15.63 8.55
N ASN B 275 -33.59 -15.00 9.32
CA ASN B 275 -33.07 -15.64 10.53
C ASN B 275 -34.20 -16.07 11.46
N SER B 276 -35.13 -15.15 11.76
CA SER B 276 -36.22 -15.47 12.67
C SER B 276 -37.05 -16.63 12.14
N MET B 277 -37.36 -16.64 10.84
CA MET B 277 -38.15 -17.71 10.27
C MET B 277 -37.44 -19.05 10.40
N LEU B 278 -36.11 -19.07 10.25
CA LEU B 278 -35.39 -20.33 10.36
C LEU B 278 -35.38 -20.84 11.80
N GLU B 279 -35.23 -19.94 12.77
CA GLU B 279 -35.35 -20.36 14.16
C GLU B 279 -36.73 -20.94 14.43
N GLN B 280 -37.78 -20.30 13.90
CA GLN B 280 -39.13 -20.82 14.09
C GLN B 280 -39.33 -22.14 13.35
N ILE B 281 -38.62 -22.34 12.24
CA ILE B 281 -38.74 -23.60 11.51
C ILE B 281 -38.12 -24.76 12.29
N VAL B 282 -36.91 -24.56 12.82
CA VAL B 282 -36.31 -25.60 13.65
C VAL B 282 -37.18 -25.89 14.87
N SER B 283 -37.80 -24.85 15.43
CA SER B 283 -38.72 -25.06 16.53
C SER B 283 -39.95 -25.83 16.09
N GLY B 284 -40.40 -25.59 14.84
CA GLY B 284 -41.59 -26.22 14.32
C GLY B 284 -42.79 -25.31 14.24
N VAL B 285 -42.69 -24.10 14.79
CA VAL B 285 -43.81 -23.17 14.75
C VAL B 285 -44.26 -22.93 13.32
N VAL B 286 -43.31 -22.70 12.44
CA VAL B 286 -43.62 -22.46 11.03
C VAL B 286 -43.65 -23.79 10.29
N ASP B 287 -44.56 -23.90 9.33
CA ASP B 287 -44.65 -25.09 8.52
C ASP B 287 -43.39 -25.24 7.68
N THR B 288 -42.87 -26.46 7.57
CA THR B 288 -41.66 -26.70 6.81
C THR B 288 -41.86 -26.44 5.31
N ASN B 289 -43.11 -26.21 4.88
CA ASN B 289 -43.37 -25.83 3.50
C ASN B 289 -42.95 -24.40 3.20
N TYR B 290 -42.83 -23.54 4.22
CA TYR B 290 -42.36 -22.17 3.97
C TYR B 290 -40.96 -22.12 3.36
N ILE B 291 -40.25 -23.26 3.28
CA ILE B 291 -39.01 -23.37 2.52
C ILE B 291 -39.37 -23.67 1.07
N MET B 292 -38.67 -23.03 0.13
CA MET B 292 -39.07 -23.05 -1.28
C MET B 292 -40.54 -22.67 -1.40
N TYR B 293 -40.91 -21.58 -0.72
CA TYR B 293 -42.30 -21.13 -0.62
C TYR B 293 -42.74 -20.35 -1.85
N SER B 294 -41.84 -19.59 -2.47
CA SER B 294 -42.17 -18.82 -3.66
C SER B 294 -41.88 -19.57 -4.95
N ASN B 295 -40.84 -20.40 -4.97
CA ASN B 295 -40.46 -21.17 -6.15
C ASN B 295 -40.41 -20.28 -7.39
N LYS B 296 -39.44 -19.37 -7.37
CA LYS B 296 -39.24 -18.43 -8.47
C LYS B 296 -38.53 -19.13 -9.61
N ASN B 297 -39.15 -19.11 -10.80
CA ASN B 297 -38.52 -19.71 -11.97
C ASN B 297 -37.35 -18.83 -12.42
N ILE B 298 -36.26 -19.48 -12.83
CA ILE B 298 -35.05 -18.77 -13.26
C ILE B 298 -35.01 -18.85 -14.78
N ARG B 299 -35.17 -17.68 -15.42
CA ARG B 299 -35.36 -17.62 -16.86
C ARG B 299 -34.07 -17.74 -17.66
N GLU B 300 -32.97 -17.21 -17.14
CA GLU B 300 -31.74 -17.18 -17.93
C GLU B 300 -31.32 -18.58 -18.35
N ARG B 301 -30.48 -18.64 -19.40
CA ARG B 301 -30.11 -19.91 -20.00
C ARG B 301 -29.05 -20.63 -19.16
N ASN B 302 -28.01 -19.92 -18.75
CA ASN B 302 -26.97 -20.47 -17.89
C ASN B 302 -27.23 -20.00 -16.47
N VAL B 303 -27.49 -20.94 -15.56
CA VAL B 303 -27.88 -20.59 -14.20
C VAL B 303 -26.84 -19.69 -13.53
N PHE B 304 -25.60 -19.72 -13.99
CA PHE B 304 -24.54 -18.95 -13.35
C PHE B 304 -24.63 -17.46 -13.70
N GLU B 305 -25.12 -17.12 -14.89
CA GLU B 305 -25.47 -15.73 -15.17
C GLU B 305 -26.40 -15.19 -14.09
N SER B 306 -27.37 -16.01 -13.67
CA SER B 306 -28.33 -15.57 -12.66
C SER B 306 -27.69 -15.53 -11.27
N MET B 307 -26.99 -16.60 -10.89
CA MET B 307 -26.27 -16.58 -9.62
C MET B 307 -25.28 -15.43 -9.55
N ALA B 308 -24.66 -15.09 -10.68
CA ALA B 308 -23.68 -13.99 -10.69
C ALA B 308 -24.37 -12.65 -10.51
N PHE B 309 -25.43 -12.40 -11.29
CA PHE B 309 -26.11 -11.11 -11.22
C PHE B 309 -26.69 -10.85 -9.84
N SER B 310 -27.23 -11.89 -9.19
CA SER B 310 -27.79 -11.71 -7.86
C SER B 310 -26.70 -11.47 -6.83
N THR B 311 -25.61 -12.25 -6.89
CA THR B 311 -24.47 -11.97 -6.01
C THR B 311 -23.95 -10.56 -6.22
N ARG B 312 -24.00 -10.08 -7.46
CA ARG B 312 -23.59 -8.72 -7.77
C ARG B 312 -24.51 -7.70 -7.10
N GLU B 313 -25.82 -7.85 -7.27
CA GLU B 313 -26.75 -6.95 -6.60
C GLU B 313 -26.62 -7.04 -5.08
N ARG B 314 -26.30 -8.23 -4.57
CA ARG B 314 -26.16 -8.37 -3.12
C ARG B 314 -24.93 -7.62 -2.61
N SER B 315 -23.80 -7.73 -3.30
CA SER B 315 -22.61 -6.98 -2.91
C SER B 315 -22.92 -5.50 -2.80
N PHE B 316 -23.60 -4.95 -3.81
CA PHE B 316 -23.98 -3.53 -3.77
C PHE B 316 -24.77 -3.21 -2.51
N ASN B 317 -25.77 -4.04 -2.20
CA ASN B 317 -26.66 -3.73 -1.10
C ASN B 317 -25.99 -3.96 0.25
N ASP B 318 -25.33 -5.11 0.42
CA ASP B 318 -24.56 -5.34 1.62
C ASP B 318 -23.55 -4.22 1.85
N GLY B 319 -22.95 -3.72 0.76
CA GLY B 319 -22.03 -2.62 0.89
C GLY B 319 -22.68 -1.36 1.45
N ASP B 320 -23.85 -1.01 0.92
CA ASP B 320 -24.54 0.18 1.41
C ASP B 320 -24.81 0.08 2.92
N VAL B 321 -25.23 -1.10 3.38
CA VAL B 321 -25.48 -1.28 4.81
C VAL B 321 -24.18 -1.11 5.59
N ILE B 322 -23.15 -1.86 5.20
CA ILE B 322 -21.89 -1.86 5.93
C ILE B 322 -21.32 -0.45 6.04
N ILE B 323 -21.57 0.40 5.04
CA ILE B 323 -21.12 1.78 5.14
C ILE B 323 -22.07 2.60 6.01
N LYS B 324 -23.38 2.39 5.87
CA LYS B 324 -24.35 3.18 6.62
C LYS B 324 -24.42 2.73 8.09
N SER B 325 -24.92 1.53 8.34
CA SER B 325 -25.16 1.05 9.69
C SER B 325 -24.21 -0.09 10.02
N ASN B 326 -23.33 0.13 11.00
CA ASN B 326 -22.41 -0.88 11.49
C ASN B 326 -22.38 -0.92 13.01
N ALA B 327 -23.38 -0.35 13.66
CA ALA B 327 -23.42 -0.28 15.11
C ALA B 327 -24.00 -1.55 15.70
N GLU B 328 -23.31 -2.09 16.70
CA GLU B 328 -23.75 -3.30 17.41
C GLU B 328 -24.10 -4.42 16.42
N VAL B 329 -23.07 -4.87 15.73
CA VAL B 329 -23.18 -5.95 14.75
C VAL B 329 -22.07 -6.96 15.02
N GLN B 330 -22.18 -8.11 14.36
CA GLN B 330 -21.21 -9.18 14.55
C GLN B 330 -19.91 -8.86 13.81
N ARG B 331 -18.85 -9.60 14.19
CA ARG B 331 -17.53 -9.33 13.65
C ARG B 331 -17.43 -9.73 12.17
N ASP B 332 -18.26 -10.66 11.72
CA ASP B 332 -18.23 -11.10 10.32
C ASP B 332 -19.08 -10.23 9.40
N TYR B 333 -19.81 -9.25 9.94
CA TYR B 333 -20.71 -8.41 9.16
C TYR B 333 -20.12 -8.01 7.80
N ALA B 334 -19.03 -7.26 7.82
CA ALA B 334 -18.50 -6.66 6.60
C ALA B 334 -18.04 -7.71 5.59
N LEU B 335 -17.82 -8.95 6.02
CA LEU B 335 -17.30 -9.97 5.11
C LEU B 335 -18.33 -10.42 4.07
N ASN B 336 -19.61 -10.09 4.24
CA ASN B 336 -20.64 -10.64 3.37
C ASN B 336 -20.32 -10.42 1.89
N VAL B 337 -19.69 -9.29 1.57
CA VAL B 337 -19.34 -8.99 0.18
C VAL B 337 -18.51 -10.11 -0.42
N LEU B 338 -17.63 -10.72 0.38
CA LEU B 338 -16.74 -11.78 -0.11
C LEU B 338 -17.24 -13.19 0.17
N GLN B 339 -18.31 -13.35 0.96
CA GLN B 339 -18.85 -14.67 1.25
C GLN B 339 -18.91 -15.54 0.00
N THR B 340 -19.58 -15.05 -1.05
CA THR B 340 -19.77 -15.86 -2.24
C THR B 340 -18.44 -16.15 -2.94
N ILE B 341 -17.61 -15.11 -3.12
CA ILE B 341 -16.36 -15.30 -3.85
C ILE B 341 -15.48 -16.30 -3.13
N LEU B 342 -15.27 -16.12 -1.82
CA LEU B 342 -14.43 -17.04 -1.07
C LEU B 342 -15.05 -18.43 -0.97
N SER B 343 -16.35 -18.55 -1.17
CA SER B 343 -16.98 -19.87 -1.22
C SER B 343 -16.52 -20.68 -2.42
N LEU B 344 -15.71 -20.10 -3.31
CA LEU B 344 -15.23 -20.79 -4.48
C LEU B 344 -13.84 -21.40 -4.26
N SER B 345 -13.43 -21.55 -3.00
CA SER B 345 -12.20 -22.27 -2.71
C SER B 345 -12.29 -23.66 -3.34
N PRO B 346 -11.28 -24.10 -4.09
CA PRO B 346 -11.39 -25.40 -4.76
C PRO B 346 -11.50 -26.54 -3.75
N ILE B 347 -12.40 -27.47 -4.04
CA ILE B 347 -12.56 -28.64 -3.19
C ILE B 347 -11.38 -29.60 -3.37
N PHE B 348 -10.74 -29.55 -4.53
CA PHE B 348 -9.57 -30.37 -4.81
C PHE B 348 -8.30 -29.63 -4.40
N ASP B 349 -7.38 -30.36 -3.77
CA ASP B 349 -6.17 -29.73 -3.23
C ASP B 349 -5.19 -29.49 -4.38
N ILE B 350 -4.34 -28.48 -4.25
CA ILE B 350 -3.43 -28.08 -5.31
C ILE B 350 -1.97 -28.34 -4.94
N VAL B 351 -1.60 -28.13 -3.69
CA VAL B 351 -0.21 -28.12 -3.20
C VAL B 351 0.67 -27.23 -4.08
N LEU B 352 1.37 -26.28 -3.47
CA LEU B 352 2.36 -25.46 -4.16
C LEU B 352 3.28 -24.84 -3.12
N PRO B 353 4.44 -24.35 -3.53
CA PRO B 353 5.41 -23.81 -2.56
C PRO B 353 4.99 -22.43 -2.07
N GLU B 354 5.00 -22.25 -0.75
CA GLU B 354 4.70 -20.97 -0.13
C GLU B 354 3.36 -20.43 -0.61
N VAL B 355 2.37 -21.32 -0.70
CA VAL B 355 1.02 -20.95 -1.12
C VAL B 355 0.09 -21.04 0.08
N SER B 356 -0.43 -19.88 0.52
CA SER B 356 -1.41 -19.85 1.58
C SER B 356 -2.75 -20.35 1.05
N ILE B 357 -3.37 -21.29 1.77
CA ILE B 357 -4.58 -21.96 1.30
C ILE B 357 -5.70 -21.68 2.29
N PRO B 358 -6.94 -21.49 1.83
CA PRO B 358 -7.97 -20.89 2.71
C PRO B 358 -8.11 -21.51 4.08
N ILE B 359 -7.90 -22.82 4.24
CA ILE B 359 -8.06 -23.39 5.58
C ILE B 359 -6.92 -22.95 6.49
N SER B 360 -5.73 -22.74 5.92
CA SER B 360 -4.62 -22.15 6.68
C SER B 360 -4.83 -20.67 6.97
N LEU B 361 -5.95 -20.09 6.52
CA LEU B 361 -6.25 -18.68 6.72
C LEU B 361 -7.57 -18.49 7.46
N GLY B 362 -7.98 -19.49 8.23
CA GLY B 362 -9.21 -19.40 9.00
C GLY B 362 -10.48 -19.62 8.23
N ILE B 363 -10.40 -20.06 6.97
CA ILE B 363 -11.58 -20.31 6.15
C ILE B 363 -11.81 -21.82 6.17
N THR B 364 -12.67 -22.27 7.07
CA THR B 364 -13.03 -23.67 7.18
C THR B 364 -14.31 -23.95 6.39
N ALA B 365 -14.48 -25.21 6.02
CA ALA B 365 -15.66 -25.66 5.28
C ALA B 365 -16.68 -26.27 6.23
N SER B 366 -17.95 -26.23 5.81
CA SER B 366 -19.04 -26.81 6.59
C SER B 366 -20.00 -27.49 5.63
N SER B 367 -21.15 -27.89 6.15
CA SER B 367 -22.18 -28.52 5.33
C SER B 367 -23.03 -27.50 4.59
N VAL B 368 -23.00 -26.24 5.02
CA VAL B 368 -23.88 -25.22 4.46
C VAL B 368 -23.07 -24.00 4.00
N GLY B 369 -21.77 -24.20 3.78
CA GLY B 369 -20.94 -23.13 3.29
C GLY B 369 -19.63 -22.97 4.03
N ILE B 370 -19.18 -21.73 4.18
CA ILE B 370 -17.88 -21.44 4.78
C ILE B 370 -18.08 -20.62 6.04
N SER B 371 -17.09 -20.72 6.93
CA SER B 371 -17.11 -20.00 8.20
C SER B 371 -15.72 -19.43 8.44
N PHE B 372 -15.69 -18.32 9.18
CA PHE B 372 -14.44 -17.61 9.46
C PHE B 372 -14.06 -17.68 10.93
N ASP B 373 -14.70 -18.53 11.73
CA ASP B 373 -14.53 -18.48 13.17
C ASP B 373 -13.06 -18.55 13.57
N GLU B 374 -12.27 -19.33 12.83
CA GLU B 374 -10.85 -19.41 13.13
C GLU B 374 -10.15 -18.08 12.83
N LEU B 375 -10.56 -17.41 11.74
CA LEU B 375 -9.97 -16.12 11.42
C LEU B 375 -10.41 -15.04 12.40
N ILE B 376 -11.60 -15.19 12.99
CA ILE B 376 -12.17 -14.16 13.83
C ILE B 376 -11.78 -14.38 15.29
N ASN B 377 -12.16 -15.54 15.84
CA ASN B 377 -11.92 -15.87 17.23
C ASN B 377 -10.86 -16.95 17.43
N GLY B 378 -10.41 -17.61 16.36
CA GLY B 378 -9.38 -18.61 16.51
C GLY B 378 -8.15 -18.03 17.16
N ASP B 379 -7.56 -18.82 18.07
CA ASP B 379 -6.41 -18.34 18.83
C ASP B 379 -5.18 -18.12 17.97
N THR B 380 -5.18 -18.59 16.73
CA THR B 380 -4.01 -18.44 15.88
C THR B 380 -3.69 -16.98 15.60
N TYR B 381 -4.71 -16.19 15.27
CA TYR B 381 -4.51 -14.81 14.85
C TYR B 381 -4.83 -13.78 15.93
N GLU B 382 -5.15 -14.21 17.16
CA GLU B 382 -5.47 -13.25 18.20
C GLU B 382 -4.33 -12.27 18.44
N GLU B 383 -3.09 -12.65 18.12
CA GLU B 383 -1.98 -11.71 18.18
C GLU B 383 -2.25 -10.51 17.28
N ARG B 384 -2.42 -10.76 15.98
CA ARG B 384 -2.67 -9.67 15.04
C ARG B 384 -3.92 -8.88 15.43
N ARG B 385 -5.01 -9.57 15.76
CA ARG B 385 -6.26 -8.88 16.07
C ARG B 385 -6.08 -7.93 17.25
N SER B 386 -5.53 -8.42 18.35
CA SER B 386 -5.35 -7.57 19.52
C SER B 386 -4.46 -6.38 19.22
N ALA B 387 -3.53 -6.53 18.27
CA ALA B 387 -2.60 -5.45 17.96
C ALA B 387 -3.31 -4.27 17.32
N ILE B 388 -4.41 -4.51 16.60
CA ILE B 388 -5.09 -3.45 15.85
C ILE B 388 -6.04 -2.71 16.78
N PRO B 389 -6.11 -1.38 16.70
CA PRO B 389 -6.97 -0.63 17.62
C PRO B 389 -8.37 -0.47 17.04
N GLY B 390 -9.28 -0.06 17.92
CA GLY B 390 -10.66 0.18 17.52
C GLY B 390 -11.50 -1.09 17.52
N LEU B 391 -10.87 -2.24 17.33
CA LEU B 391 -11.62 -3.49 17.31
C LEU B 391 -12.35 -3.72 18.63
N ALA B 392 -11.76 -3.27 19.74
CA ALA B 392 -12.36 -3.50 21.04
C ALA B 392 -13.70 -2.80 21.21
N THR B 393 -13.93 -1.73 20.45
CA THR B 393 -15.12 -0.91 20.61
C THR B 393 -16.03 -0.86 19.39
N ASN B 394 -15.59 -1.38 18.24
CA ASN B 394 -16.42 -1.42 17.03
C ASN B 394 -16.16 -2.77 16.35
N ALA B 395 -17.13 -3.68 16.47
CA ALA B 395 -16.91 -5.05 16.04
C ALA B 395 -16.64 -5.14 14.55
N VAL B 396 -17.38 -4.40 13.73
CA VAL B 396 -17.29 -4.57 12.28
C VAL B 396 -15.85 -4.48 11.80
N LEU B 397 -15.00 -3.74 12.53
CA LEU B 397 -13.63 -3.53 12.07
C LEU B 397 -12.85 -4.84 11.95
N LEU B 398 -13.25 -5.88 12.69
CA LEU B 398 -12.61 -7.18 12.53
C LEU B 398 -12.53 -7.58 11.06
N GLY B 399 -13.60 -7.32 10.31
CA GLY B 399 -13.61 -7.63 8.89
C GLY B 399 -12.96 -6.55 8.04
N ILE B 400 -13.13 -5.29 8.44
CA ILE B 400 -12.62 -4.18 7.64
C ILE B 400 -11.13 -4.00 7.86
N SER B 401 -10.72 -3.72 9.09
CA SER B 401 -9.34 -3.36 9.36
C SER B 401 -8.42 -4.56 9.49
N PHE B 402 -8.95 -5.76 9.70
CA PHE B 402 -8.11 -6.94 9.85
C PHE B 402 -8.33 -7.99 8.77
N ALA B 403 -9.57 -8.48 8.61
CA ALA B 403 -9.78 -9.71 7.84
C ALA B 403 -9.64 -9.47 6.34
N ILE B 404 -10.42 -8.54 5.78
CA ILE B 404 -10.37 -8.31 4.34
C ILE B 404 -8.97 -7.98 3.86
N PRO B 405 -8.25 -7.04 4.46
CA PRO B 405 -6.87 -6.78 3.99
C PRO B 405 -5.95 -7.97 4.12
N PHE B 406 -6.12 -8.77 5.18
CA PHE B 406 -5.29 -9.96 5.34
C PHE B 406 -5.50 -10.93 4.18
N LEU B 407 -6.76 -11.26 3.89
CA LEU B 407 -7.05 -12.17 2.79
C LEU B 407 -6.56 -11.63 1.46
N ILE B 408 -6.67 -10.31 1.25
CA ILE B 408 -6.23 -9.72 -0.01
C ILE B 408 -4.71 -9.81 -0.13
N SER B 409 -3.98 -9.60 0.97
CA SER B 409 -2.52 -9.65 0.92
C SER B 409 -2.03 -11.05 0.58
N LYS B 410 -2.63 -12.08 1.20
CA LYS B 410 -2.24 -13.44 0.87
C LYS B 410 -2.61 -13.79 -0.57
N ALA B 411 -3.71 -13.22 -1.08
CA ALA B 411 -4.06 -13.42 -2.48
C ALA B 411 -3.00 -12.81 -3.40
N GLU B 412 -2.51 -11.62 -3.08
CA GLU B 412 -1.46 -11.00 -3.88
C GLU B 412 -0.20 -11.85 -3.88
N GLU B 413 0.21 -12.33 -2.69
CA GLU B 413 1.33 -13.27 -2.62
C GLU B 413 1.10 -14.46 -3.55
N ASN B 414 -0.07 -15.10 -3.41
CA ASN B 414 -0.37 -16.28 -4.22
C ASN B 414 -0.28 -15.95 -5.71
N LYS B 415 -0.90 -14.85 -6.13
CA LYS B 415 -0.95 -14.54 -7.56
C LYS B 415 0.45 -14.28 -8.11
N LEU B 416 1.31 -13.63 -7.34
CA LEU B 416 2.69 -13.40 -7.79
C LEU B 416 3.45 -14.71 -7.90
N ILE B 417 3.31 -15.59 -6.90
CA ILE B 417 3.92 -16.91 -6.96
C ILE B 417 3.49 -17.64 -8.23
N ILE B 418 2.19 -17.65 -8.50
CA ILE B 418 1.66 -18.51 -9.55
C ILE B 418 1.97 -17.95 -10.93
N ASN B 419 1.94 -16.63 -11.10
CA ASN B 419 2.30 -16.05 -12.39
C ASN B 419 3.74 -16.39 -12.76
N ASN B 420 4.62 -16.53 -11.77
CA ASN B 420 5.98 -17.01 -12.04
C ASN B 420 5.96 -18.48 -12.44
N LEU B 421 5.22 -19.30 -11.70
CA LEU B 421 5.25 -20.73 -11.95
C LEU B 421 4.57 -21.08 -13.27
N VAL B 422 3.37 -20.55 -13.50
CA VAL B 422 2.54 -20.97 -14.62
C VAL B 422 2.10 -19.76 -15.44
N GLY B 423 1.80 -20.00 -16.71
CA GLY B 423 1.38 -18.96 -17.61
C GLY B 423 -0.13 -18.92 -17.81
N SER B 424 -0.55 -17.98 -18.67
CA SER B 424 -1.96 -17.77 -18.94
C SER B 424 -2.38 -18.08 -20.38
N ASP B 425 -1.46 -18.01 -21.35
CA ASP B 425 -1.82 -18.08 -22.76
C ASP B 425 -1.05 -19.18 -23.48
N GLU B 426 -1.76 -20.12 -24.08
CA GLU B 426 -1.16 -21.09 -24.99
C GLU B 426 -2.19 -21.50 -26.07
N ASN B 427 -2.76 -20.51 -26.74
CA ASN B 427 -3.90 -20.74 -27.63
C ASN B 427 -3.47 -20.94 -29.07
N ILE B 428 -4.45 -21.16 -29.95
CA ILE B 428 -4.19 -21.44 -31.36
C ILE B 428 -3.90 -20.14 -32.10
N LEU B 429 -2.68 -20.02 -32.59
CA LEU B 429 -2.33 -18.96 -33.53
C LEU B 429 -2.60 -19.46 -34.95
N ASN B 430 -2.70 -18.52 -35.89
CA ASN B 430 -2.90 -18.90 -37.28
C ASN B 430 -1.56 -19.04 -38.01
N LYS B 431 -0.57 -18.23 -37.63
CA LYS B 431 0.77 -18.35 -38.17
C LYS B 431 1.52 -19.47 -37.45
N ASN B 432 1.83 -20.55 -38.19
CA ASN B 432 2.74 -21.57 -37.70
C ASN B 432 2.25 -22.25 -36.43
N ASN B 433 0.93 -22.37 -36.28
CA ASN B 433 0.38 -23.06 -35.11
C ASN B 433 -0.80 -23.97 -35.42
N LEU B 434 -1.57 -23.71 -36.49
CA LEU B 434 -2.75 -24.52 -36.77
C LEU B 434 -2.40 -25.92 -37.22
N GLY B 435 -1.41 -26.06 -38.10
CA GLY B 435 -1.13 -27.35 -38.71
C GLY B 435 -0.75 -28.42 -37.68
N ASP B 436 0.15 -28.08 -36.76
CA ASP B 436 0.55 -29.06 -35.76
C ASP B 436 -0.64 -29.51 -34.93
N PHE B 437 -1.53 -28.58 -34.58
CA PHE B 437 -2.67 -28.92 -33.71
C PHE B 437 -3.61 -29.90 -34.40
N LEU B 438 -3.97 -29.62 -35.66
CA LEU B 438 -4.89 -30.51 -36.36
C LEU B 438 -4.27 -31.89 -36.56
N GLU B 439 -2.98 -31.95 -36.90
CA GLU B 439 -2.30 -33.23 -37.00
C GLU B 439 -2.42 -34.02 -35.69
N LYS B 440 -2.40 -33.30 -34.56
CA LYS B 440 -2.58 -33.96 -33.28
C LYS B 440 -3.95 -34.61 -33.15
N TYR B 441 -4.99 -33.97 -33.67
CA TYR B 441 -6.36 -34.40 -33.44
C TYR B 441 -7.04 -34.95 -34.71
N ASN B 442 -6.26 -35.52 -35.62
CA ASN B 442 -6.82 -36.22 -36.77
C ASN B 442 -7.97 -35.47 -37.41
N ILE B 443 -7.81 -34.15 -37.57
CA ILE B 443 -8.86 -33.32 -38.14
C ILE B 443 -8.29 -32.54 -39.32
N SER B 444 -9.15 -31.80 -40.01
CA SER B 444 -8.75 -31.02 -41.18
C SER B 444 -9.79 -29.92 -41.39
N GLU B 445 -9.43 -28.96 -42.25
CA GLU B 445 -10.30 -27.82 -42.48
C GLU B 445 -11.70 -28.26 -42.94
N SER B 446 -11.76 -29.30 -43.78
CA SER B 446 -13.05 -29.80 -44.22
C SER B 446 -13.87 -30.33 -43.05
N ASP B 447 -13.20 -30.92 -42.06
CA ASP B 447 -13.90 -31.40 -40.86
C ASP B 447 -14.42 -30.23 -40.02
N ILE B 448 -13.78 -29.07 -40.12
CA ILE B 448 -14.24 -27.86 -39.42
C ILE B 448 -15.34 -27.25 -40.26
N PRO B 449 -16.60 -27.31 -39.82
CA PRO B 449 -17.69 -26.88 -40.71
C PRO B 449 -17.65 -25.39 -40.98
N GLU B 450 -17.86 -25.02 -42.24
CA GLU B 450 -18.19 -23.65 -42.57
C GLU B 450 -19.60 -23.37 -42.07
N ASN B 451 -19.79 -22.20 -41.45
CA ASN B 451 -21.07 -21.91 -40.83
C ASN B 451 -21.44 -23.01 -39.84
N GLY B 452 -20.54 -23.27 -38.91
CA GLY B 452 -20.79 -24.30 -37.92
C GLY B 452 -19.72 -24.31 -36.84
N SER B 453 -19.76 -25.37 -36.03
CA SER B 453 -18.78 -25.56 -34.97
C SER B 453 -18.45 -27.05 -34.86
N LEU B 454 -17.27 -27.34 -34.31
CA LEU B 454 -16.78 -28.70 -34.14
C LEU B 454 -16.36 -28.90 -32.70
N VAL B 455 -16.83 -29.99 -32.08
CA VAL B 455 -16.63 -30.27 -30.66
C VAL B 455 -15.52 -31.29 -30.51
N ILE B 456 -14.69 -31.10 -29.48
CA ILE B 456 -13.62 -32.04 -29.15
C ILE B 456 -13.51 -32.16 -27.63
N ASN B 457 -12.94 -33.29 -27.19
CA ASN B 457 -12.51 -33.48 -25.82
C ASN B 457 -11.00 -33.64 -25.83
N LEU B 458 -10.30 -32.83 -25.02
CA LEU B 458 -8.85 -32.83 -25.03
C LEU B 458 -8.32 -34.04 -24.27
N LYS B 459 -7.28 -34.67 -24.82
CA LYS B 459 -6.74 -35.90 -24.25
C LYS B 459 -6.24 -35.68 -22.83
N ASN B 460 -5.72 -34.48 -22.55
CA ASN B 460 -5.12 -34.22 -21.24
C ASN B 460 -6.18 -34.23 -20.15
N THR B 461 -7.25 -33.43 -20.32
CA THR B 461 -8.20 -33.19 -19.24
C THR B 461 -9.59 -33.75 -19.51
N ASN B 462 -9.88 -34.23 -20.71
CA ASN B 462 -11.24 -34.61 -21.07
C ASN B 462 -12.18 -33.42 -20.90
N VAL B 463 -11.77 -32.28 -21.44
CA VAL B 463 -12.49 -31.02 -21.32
C VAL B 463 -13.00 -30.64 -22.70
N PRO B 464 -14.28 -30.30 -22.84
CA PRO B 464 -14.81 -29.97 -24.17
C PRO B 464 -14.18 -28.71 -24.73
N VAL B 465 -14.07 -28.66 -26.07
CA VAL B 465 -13.49 -27.52 -26.77
C VAL B 465 -14.19 -27.38 -28.11
N ARG B 466 -14.38 -26.13 -28.55
CA ARG B 466 -15.13 -25.82 -29.76
C ARG B 466 -14.23 -25.13 -30.76
N LEU B 467 -14.07 -25.73 -31.93
CA LEU B 467 -13.32 -25.16 -33.04
C LEU B 467 -14.27 -24.48 -34.02
N VAL B 468 -13.84 -23.33 -34.55
CA VAL B 468 -14.63 -22.58 -35.53
C VAL B 468 -13.70 -21.80 -36.44
N LYS B 469 -14.23 -21.40 -37.60
CA LYS B 469 -13.56 -20.52 -38.54
C LYS B 469 -14.19 -19.14 -38.46
N LEU B 470 -13.35 -18.10 -38.37
CA LEU B 470 -13.83 -16.74 -38.19
C LEU B 470 -14.22 -16.13 -39.53
N ASN B 471 -15.36 -15.44 -39.55
CA ASN B 471 -15.85 -14.82 -40.77
C ASN B 471 -15.24 -13.45 -41.02
N ASP B 472 -14.81 -12.77 -39.96
CA ASP B 472 -14.30 -11.41 -40.11
C ASP B 472 -12.79 -11.36 -40.37
N GLU B 473 -12.05 -12.37 -39.92
CA GLU B 473 -10.59 -12.36 -39.99
C GLU B 473 -10.05 -13.36 -41.01
N GLU B 474 -10.72 -13.51 -42.15
CA GLU B 474 -10.20 -14.29 -43.27
C GLU B 474 -10.11 -15.77 -42.91
N GLY B 475 -11.19 -16.31 -42.36
CA GLY B 475 -11.29 -17.73 -42.10
C GLY B 475 -10.31 -18.28 -41.09
N GLU B 476 -9.66 -17.42 -40.32
CA GLU B 476 -8.73 -17.88 -39.29
C GLU B 476 -9.45 -18.76 -38.27
N ILE B 477 -8.83 -19.89 -37.93
CA ILE B 477 -9.44 -20.88 -37.06
C ILE B 477 -9.03 -20.64 -35.63
N VAL B 478 -9.95 -20.87 -34.70
CA VAL B 478 -9.68 -20.68 -33.28
C VAL B 478 -10.45 -21.74 -32.48
N ALA B 479 -9.93 -22.04 -31.29
CA ALA B 479 -10.58 -22.93 -30.33
C ALA B 479 -11.12 -22.08 -29.19
N ILE B 480 -12.34 -22.35 -28.77
CA ILE B 480 -13.04 -21.54 -27.79
C ILE B 480 -13.90 -22.45 -26.91
N LYS B 481 -14.56 -21.83 -25.93
CA LYS B 481 -15.43 -22.55 -25.00
C LYS B 481 -16.55 -21.61 -24.58
N GLY B 482 -17.68 -22.21 -24.20
CA GLY B 482 -18.85 -21.42 -23.89
C GLY B 482 -18.71 -20.64 -22.59
N SER B 483 -19.18 -19.40 -22.62
CA SER B 483 -19.24 -18.57 -21.42
C SER B 483 -20.58 -18.78 -20.73
N THR B 484 -20.89 -17.94 -19.74
CA THR B 484 -22.21 -17.90 -19.15
C THR B 484 -23.16 -16.96 -19.90
N LEU B 485 -22.65 -16.21 -20.87
CA LEU B 485 -23.42 -15.22 -21.59
C LEU B 485 -23.78 -15.73 -22.98
N SER B 486 -25.03 -15.53 -23.38
CA SER B 486 -25.49 -15.96 -24.69
C SER B 486 -24.79 -15.15 -25.77
N GLY B 487 -24.11 -15.84 -26.67
CA GLY B 487 -23.41 -15.20 -27.76
C GLY B 487 -21.96 -14.86 -27.50
N ILE B 488 -21.39 -15.33 -26.39
CA ILE B 488 -20.02 -14.99 -26.01
C ILE B 488 -19.26 -16.26 -25.71
N TYR B 489 -18.12 -16.44 -26.38
CA TYR B 489 -17.21 -17.55 -26.14
C TYR B 489 -15.81 -17.00 -25.92
N TYR B 490 -15.01 -17.74 -25.17
CA TYR B 490 -13.65 -17.35 -24.84
C TYR B 490 -12.67 -18.35 -25.45
N GLU B 491 -11.60 -17.85 -26.05
CA GLU B 491 -10.53 -18.73 -26.49
C GLU B 491 -9.93 -19.46 -25.29
N VAL B 492 -9.18 -20.53 -25.58
CA VAL B 492 -8.73 -21.44 -24.54
C VAL B 492 -7.28 -21.82 -24.73
N ASP B 493 -6.68 -22.31 -23.64
CA ASP B 493 -5.35 -22.90 -23.66
C ASP B 493 -5.45 -24.28 -24.29
N THR B 494 -4.81 -24.46 -25.45
CA THR B 494 -4.95 -25.71 -26.18
C THR B 494 -4.46 -26.90 -25.37
N GLU B 495 -3.60 -26.67 -24.38
CA GLU B 495 -3.01 -27.74 -23.59
C GLU B 495 -3.83 -28.07 -22.35
N THR B 496 -4.62 -27.14 -21.85
CA THR B 496 -5.42 -27.36 -20.66
C THR B 496 -6.91 -27.12 -20.86
N GLY B 497 -7.27 -26.24 -21.81
CA GLY B 497 -8.66 -25.92 -22.03
C GLY B 497 -9.19 -24.84 -21.11
N TYR B 498 -8.32 -24.05 -20.49
CA TYR B 498 -8.76 -23.01 -19.57
C TYR B 498 -9.17 -21.77 -20.35
N GLU B 499 -10.31 -21.20 -19.99
CA GLU B 499 -10.85 -20.06 -20.72
C GLU B 499 -9.95 -18.84 -20.54
N ILE B 500 -9.64 -18.17 -21.64
CA ILE B 500 -8.82 -16.97 -21.64
C ILE B 500 -9.76 -15.79 -21.85
N LEU B 501 -10.20 -15.17 -20.75
CA LEU B 501 -11.29 -14.21 -20.81
C LEU B 501 -10.92 -12.97 -21.61
N SER B 502 -9.62 -12.73 -21.83
CA SER B 502 -9.21 -11.54 -22.57
C SER B 502 -9.61 -11.66 -24.04
N ARG B 503 -9.52 -12.85 -24.61
CA ARG B 503 -9.75 -13.09 -26.03
C ARG B 503 -11.14 -13.71 -26.19
N ARG B 504 -12.07 -12.93 -26.74
CA ARG B 504 -13.48 -13.28 -26.79
C ARG B 504 -13.95 -13.36 -28.23
N VAL B 505 -14.98 -14.17 -28.46
CA VAL B 505 -15.55 -14.38 -29.78
C VAL B 505 -17.07 -14.25 -29.68
N PHE B 506 -17.68 -13.68 -30.71
CA PHE B 506 -19.11 -13.41 -30.71
C PHE B 506 -19.81 -14.24 -31.76
N ARG B 507 -20.83 -14.99 -31.33
CA ARG B 507 -21.61 -15.87 -32.20
C ARG B 507 -22.94 -15.21 -32.55
N THR B 508 -23.26 -15.20 -33.83
CA THR B 508 -24.50 -14.57 -34.29
C THR B 508 -25.18 -15.45 -35.32
N GLU B 509 -26.51 -15.48 -35.27
CA GLU B 509 -27.33 -16.27 -36.18
C GLU B 509 -28.22 -15.37 -37.02
N TYR B 510 -28.35 -15.70 -38.31
CA TYR B 510 -29.29 -15.00 -39.17
C TYR B 510 -29.53 -15.84 -40.42
N ASN B 511 -30.79 -16.13 -40.71
CA ASN B 511 -31.17 -16.89 -41.90
C ASN B 511 -30.50 -18.26 -41.91
N GLU B 512 -30.60 -18.96 -40.78
CA GLU B 512 -30.00 -20.28 -40.62
C GLU B 512 -28.50 -20.26 -40.92
N LYS B 513 -27.88 -19.10 -40.78
CA LYS B 513 -26.46 -18.90 -41.07
C LYS B 513 -25.77 -18.40 -39.82
N ILE B 514 -24.65 -19.04 -39.47
CA ILE B 514 -23.90 -18.72 -38.26
C ILE B 514 -22.65 -17.91 -38.61
N TYR B 515 -22.34 -16.93 -37.76
CA TYR B 515 -21.20 -16.04 -37.97
C TYR B 515 -20.41 -15.91 -36.68
N TRP B 516 -19.08 -15.93 -36.81
CA TRP B 516 -18.17 -15.77 -35.68
C TRP B 516 -17.31 -14.53 -35.94
N THR B 517 -17.17 -13.70 -34.92
CA THR B 517 -16.47 -12.42 -35.05
C THR B 517 -15.56 -12.18 -33.86
N ARG B 518 -14.37 -11.64 -34.13
CA ARG B 518 -13.48 -11.20 -33.06
C ARG B 518 -13.82 -9.78 -32.63
N GLY B 519 -14.21 -8.93 -33.57
CA GLY B 519 -14.43 -7.52 -33.29
C GLY B 519 -15.56 -7.24 -32.33
N GLY B 520 -16.76 -7.69 -32.68
CA GLY B 520 -17.92 -7.40 -31.86
C GLY B 520 -19.13 -8.18 -32.32
N GLY B 521 -20.09 -8.32 -31.40
CA GLY B 521 -21.33 -8.96 -31.75
C GLY B 521 -22.02 -8.23 -32.90
N LEU B 522 -22.80 -8.96 -33.66
CA LEU B 522 -23.54 -8.38 -34.78
C LEU B 522 -24.99 -8.10 -34.37
N LYS B 523 -25.42 -6.86 -34.58
CA LYS B 523 -26.78 -6.46 -34.27
C LYS B 523 -27.78 -7.12 -35.22
N GLY B 524 -28.89 -7.58 -34.64
CA GLY B 524 -30.00 -8.11 -35.41
C GLY B 524 -29.98 -9.59 -35.68
N GLY B 525 -29.09 -10.34 -35.04
CA GLY B 525 -28.97 -11.75 -35.33
C GLY B 525 -29.67 -12.70 -34.37
N GLN B 526 -28.89 -13.27 -33.45
CA GLN B 526 -29.32 -14.35 -32.58
C GLN B 526 -30.63 -14.05 -31.88
N PRO B 527 -31.25 -15.04 -31.22
CA PRO B 527 -32.47 -14.73 -30.45
C PRO B 527 -32.22 -13.57 -29.51
N PHE B 528 -33.28 -13.08 -28.88
CA PHE B 528 -33.22 -11.86 -28.07
C PHE B 528 -33.02 -10.66 -29.01
N ASN B 529 -33.90 -10.56 -30.00
CA ASN B 529 -33.93 -9.46 -30.95
C ASN B 529 -34.97 -8.45 -30.46
N PHE B 530 -34.52 -7.28 -30.05
CA PHE B 530 -35.42 -6.28 -29.50
C PHE B 530 -36.09 -5.45 -30.58
N GLU B 531 -35.48 -5.34 -31.77
CA GLU B 531 -36.04 -4.52 -32.82
C GLU B 531 -37.47 -4.93 -33.16
N GLY B 532 -37.70 -6.23 -33.33
CA GLY B 532 -39.01 -6.72 -33.72
C GLY B 532 -40.13 -6.37 -32.76
N LEU B 533 -39.80 -6.05 -31.52
CA LEU B 533 -40.83 -5.77 -30.52
C LEU B 533 -41.23 -4.31 -30.55
N ASP B 534 -42.37 -4.02 -29.92
CA ASP B 534 -43.04 -2.74 -30.02
C ASP B 534 -42.46 -1.68 -29.09
N ILE B 535 -41.25 -1.90 -28.58
CA ILE B 535 -40.67 -1.00 -27.58
C ILE B 535 -40.61 0.42 -28.15
N PRO B 536 -41.04 1.44 -27.39
CA PRO B 536 -40.91 2.81 -27.93
C PRO B 536 -39.48 3.29 -28.02
N VAL B 537 -38.66 2.99 -27.01
CA VAL B 537 -37.28 3.44 -26.94
C VAL B 537 -36.39 2.23 -26.72
N TYR B 538 -35.59 1.90 -27.72
CA TYR B 538 -34.58 0.84 -27.62
C TYR B 538 -33.34 1.30 -28.38
N PHE B 539 -32.20 1.32 -27.70
CA PHE B 539 -30.96 1.73 -28.36
C PHE B 539 -29.75 1.21 -27.60
N ILE B 540 -28.60 1.25 -28.27
CA ILE B 540 -27.33 0.80 -27.72
C ILE B 540 -26.67 1.98 -27.04
N ASP B 541 -26.42 1.87 -25.73
CA ASP B 541 -25.72 2.94 -25.04
C ASP B 541 -24.27 2.98 -25.52
N LYS B 542 -23.77 4.18 -25.74
CA LYS B 542 -22.39 4.37 -26.18
C LYS B 542 -21.57 4.94 -25.05
N PRO B 543 -20.41 4.37 -24.73
CA PRO B 543 -19.64 4.83 -23.58
C PRO B 543 -18.82 6.07 -23.91
N TYR B 544 -18.11 6.56 -22.90
CA TYR B 544 -17.38 7.82 -23.02
C TYR B 544 -16.36 7.78 -24.14
N SER B 545 -15.83 6.58 -24.45
CA SER B 545 -14.81 6.48 -25.49
C SER B 545 -15.36 6.89 -26.84
N GLU B 546 -16.56 6.40 -27.20
CA GLU B 546 -17.18 6.81 -28.45
C GLU B 546 -17.47 8.31 -28.44
N LEU B 547 -17.96 8.84 -27.31
CA LEU B 547 -18.26 10.26 -27.20
C LEU B 547 -16.98 11.08 -27.12
N ALA B 548 -17.06 12.32 -27.62
CA ALA B 548 -15.88 13.15 -27.78
C ALA B 548 -15.68 14.16 -26.66
N SER B 549 -16.39 14.04 -25.54
CA SER B 549 -16.18 14.97 -24.44
C SER B 549 -14.77 14.82 -23.88
N SER B 550 -14.46 13.62 -23.38
CA SER B 550 -13.08 13.22 -23.07
C SER B 550 -12.31 14.22 -22.22
N VAL B 551 -12.97 14.81 -21.22
CA VAL B 551 -12.21 15.66 -20.30
C VAL B 551 -11.19 14.83 -19.54
N GLU B 552 -11.62 13.66 -19.05
CA GLU B 552 -10.77 12.71 -18.34
C GLU B 552 -11.13 11.29 -18.73
N LEU B 553 -12.10 11.08 -19.62
CA LEU B 553 -12.73 9.79 -19.80
C LEU B 553 -12.76 9.31 -21.24
N SER B 554 -11.76 9.66 -22.04
CA SER B 554 -11.75 9.11 -23.40
C SER B 554 -11.54 7.60 -23.36
N PHE B 555 -10.80 7.12 -22.36
CA PHE B 555 -10.38 5.71 -22.36
C PHE B 555 -11.47 4.78 -21.86
N VAL B 556 -12.23 5.20 -20.83
CA VAL B 556 -13.16 4.27 -20.17
C VAL B 556 -14.17 3.77 -21.19
N ASN B 557 -14.37 2.45 -21.21
CA ASN B 557 -15.30 1.81 -22.13
C ASN B 557 -16.36 0.98 -21.40
N ASP B 558 -16.43 1.05 -20.08
CA ASP B 558 -17.38 0.26 -19.32
C ASP B 558 -18.55 1.08 -18.79
N ASP B 559 -18.48 2.40 -18.87
CA ASP B 559 -19.46 3.28 -18.24
C ASP B 559 -19.98 4.27 -19.26
N SER B 560 -21.11 4.90 -18.93
CA SER B 560 -21.76 5.86 -19.81
C SER B 560 -22.37 6.96 -18.96
N PRO B 561 -22.58 8.15 -19.53
CA PRO B 561 -23.22 9.23 -18.78
C PRO B 561 -24.73 9.19 -18.90
N LEU B 562 -25.25 8.03 -19.34
CA LEU B 562 -26.67 7.93 -19.69
C LEU B 562 -27.57 8.55 -18.64
N LEU B 563 -27.36 8.21 -17.37
CA LEU B 563 -28.24 8.64 -16.31
C LEU B 563 -27.57 9.54 -15.30
N PHE B 564 -26.29 9.86 -15.49
CA PHE B 564 -25.56 10.71 -14.56
C PHE B 564 -24.58 11.57 -15.35
N PRO B 565 -24.49 12.87 -15.05
CA PRO B 565 -25.28 13.59 -14.04
C PRO B 565 -26.70 13.90 -14.51
N GLU B 566 -26.82 14.28 -15.78
CA GLU B 566 -28.11 14.61 -16.37
C GLU B 566 -28.71 13.36 -17.02
N MET B 567 -29.92 13.01 -16.61
CA MET B 567 -30.61 11.87 -17.21
C MET B 567 -30.89 12.15 -18.68
N ASP B 568 -30.84 11.10 -19.49
CA ASP B 568 -30.98 11.24 -20.93
C ASP B 568 -32.39 11.71 -21.30
N SER B 569 -32.47 12.52 -22.35
CA SER B 569 -33.75 13.03 -22.82
C SER B 569 -34.61 11.92 -23.41
N ARG B 570 -33.99 10.96 -24.10
CA ARG B 570 -34.73 9.88 -24.73
C ARG B 570 -35.46 8.98 -23.74
N LEU B 571 -35.25 9.17 -22.44
CA LEU B 571 -35.77 8.23 -21.47
C LEU B 571 -36.79 8.89 -20.56
N PRO B 572 -37.83 8.15 -20.15
CA PRO B 572 -38.78 8.72 -19.19
C PRO B 572 -38.14 8.77 -17.80
N LYS B 573 -38.45 9.77 -17.09
CA LYS B 573 -37.85 9.91 -15.77
C LYS B 573 -38.64 9.12 -14.74
N PRO B 574 -37.97 8.62 -13.71
CA PRO B 574 -38.64 7.75 -12.75
C PRO B 574 -39.50 8.52 -11.76
N THR B 575 -40.53 7.85 -11.27
CA THR B 575 -41.39 8.46 -10.26
C THR B 575 -40.61 8.61 -8.96
N PRO B 576 -40.55 9.80 -8.37
CA PRO B 576 -39.81 9.96 -7.11
C PRO B 576 -40.30 9.01 -6.02
N GLU B 577 -39.40 8.75 -5.07
CA GLU B 577 -39.69 7.74 -4.04
C GLU B 577 -40.81 8.21 -3.11
N LEU B 578 -40.78 9.49 -2.71
CA LEU B 578 -41.80 9.98 -1.79
C LEU B 578 -43.19 9.94 -2.44
N ASP B 579 -43.28 10.31 -3.72
CA ASP B 579 -44.57 10.23 -4.41
C ASP B 579 -45.07 8.80 -4.46
N ILE B 580 -44.18 7.82 -4.58
CA ILE B 580 -44.61 6.42 -4.63
C ILE B 580 -45.04 5.95 -3.24
N LYS B 581 -44.28 6.33 -2.20
CA LYS B 581 -44.69 6.00 -0.85
C LYS B 581 -46.05 6.60 -0.53
N TYR B 582 -46.35 7.78 -1.09
CA TYR B 582 -47.65 8.39 -0.88
C TYR B 582 -48.74 7.59 -1.59
N TYR B 583 -48.51 7.24 -2.86
CA TYR B 583 -49.53 6.51 -3.61
C TYR B 583 -49.80 5.14 -3.01
N SER B 584 -48.81 4.57 -2.32
CA SER B 584 -48.99 3.26 -1.70
C SER B 584 -49.69 3.36 -0.35
N SER B 585 -49.34 4.38 0.44
CA SER B 585 -49.98 4.55 1.75
C SER B 585 -51.47 4.83 1.60
N ASN B 586 -51.81 5.75 0.70
CA ASN B 586 -53.21 6.07 0.39
C ASN B 586 -53.64 5.29 -0.86
N LEU B 587 -53.65 3.97 -0.69
CA LEU B 587 -53.81 3.06 -1.83
C LEU B 587 -55.22 3.10 -2.40
N SER B 588 -56.22 3.36 -1.57
CA SER B 588 -57.60 3.40 -2.05
C SER B 588 -57.74 4.41 -3.20
N SER B 589 -57.03 5.53 -3.12
CA SER B 589 -57.21 6.60 -4.10
C SER B 589 -56.39 6.38 -5.36
N PHE B 590 -55.21 5.78 -5.26
CA PHE B 590 -54.32 5.59 -6.38
C PHE B 590 -54.17 4.13 -6.79
N LYS B 591 -55.14 3.28 -6.42
CA LYS B 591 -55.02 1.85 -6.66
C LYS B 591 -54.61 1.54 -8.09
N GLU B 592 -55.14 2.29 -9.05
CA GLU B 592 -54.87 2.03 -10.46
C GLU B 592 -53.89 3.01 -11.08
N ASP B 593 -53.55 4.10 -10.39
CA ASP B 593 -52.59 5.06 -10.93
C ASP B 593 -51.23 4.39 -11.15
N THR B 594 -50.41 5.03 -11.99
CA THR B 594 -49.18 4.43 -12.48
C THR B 594 -47.96 5.19 -12.00
N VAL B 595 -46.83 4.48 -11.97
CA VAL B 595 -45.53 5.04 -11.62
C VAL B 595 -44.48 4.47 -12.57
N ILE B 596 -43.40 5.22 -12.75
CA ILE B 596 -42.33 4.85 -13.68
C ILE B 596 -41.13 4.40 -12.87
N LEU B 597 -40.64 3.20 -13.18
CA LEU B 597 -39.55 2.59 -12.42
C LEU B 597 -38.44 2.12 -13.36
N MET B 598 -37.26 1.94 -12.78
CA MET B 598 -36.06 1.52 -13.49
C MET B 598 -35.54 0.22 -12.92
N ARG B 599 -34.76 -0.50 -13.72
CA ARG B 599 -34.16 -1.75 -13.25
C ARG B 599 -33.03 -2.18 -14.17
N GLY B 600 -31.96 -2.69 -13.56
CA GLY B 600 -30.86 -3.27 -14.28
C GLY B 600 -31.00 -4.77 -14.34
N THR B 601 -31.11 -5.30 -15.55
CA THR B 601 -31.37 -6.72 -15.76
C THR B 601 -30.42 -7.28 -16.82
N THR B 602 -30.53 -8.59 -17.02
CA THR B 602 -29.70 -9.29 -17.99
C THR B 602 -30.24 -9.04 -19.40
N GLU B 603 -29.64 -9.71 -20.38
CA GLU B 603 -30.21 -9.74 -21.73
C GLU B 603 -31.54 -10.49 -21.73
N GLU B 604 -31.56 -11.69 -21.14
CA GLU B 604 -32.73 -12.55 -21.23
C GLU B 604 -33.89 -12.01 -20.41
N GLU B 605 -33.60 -11.39 -19.27
CA GLU B 605 -34.67 -10.80 -18.47
C GLU B 605 -35.35 -9.66 -19.22
N ALA B 606 -34.57 -8.78 -19.86
CA ALA B 606 -35.16 -7.65 -20.56
C ALA B 606 -35.97 -8.11 -21.76
N TRP B 607 -35.51 -9.12 -22.47
CA TRP B 607 -36.27 -9.61 -23.61
C TRP B 607 -37.58 -10.25 -23.17
N ASN B 608 -37.53 -11.10 -22.14
CA ASN B 608 -38.75 -11.71 -21.63
C ASN B 608 -39.72 -10.65 -21.10
N ILE B 609 -39.20 -9.54 -20.59
CA ILE B 609 -40.07 -8.46 -20.11
C ILE B 609 -40.75 -7.77 -21.29
N ALA B 610 -40.00 -7.48 -22.34
CA ALA B 610 -40.56 -6.78 -23.49
C ALA B 610 -41.46 -7.68 -24.32
N ASN B 611 -41.23 -9.00 -24.29
CA ASN B 611 -42.00 -9.92 -25.11
C ASN B 611 -43.32 -10.28 -24.43
N TYR B 612 -43.27 -10.63 -23.15
CA TYR B 612 -44.47 -11.00 -22.39
C TYR B 612 -45.08 -9.82 -21.64
N LYS B 613 -44.44 -8.65 -21.68
CA LYS B 613 -44.98 -7.44 -21.06
C LYS B 613 -45.36 -7.67 -19.60
N THR B 614 -44.52 -8.42 -18.89
CA THR B 614 -44.66 -8.65 -17.47
C THR B 614 -43.39 -8.23 -16.76
N ALA B 615 -43.52 -7.87 -15.48
CA ALA B 615 -42.36 -7.37 -14.74
C ALA B 615 -41.23 -8.38 -14.75
N GLY B 616 -41.55 -9.67 -14.66
CA GLY B 616 -40.55 -10.72 -14.66
C GLY B 616 -40.50 -11.60 -15.88
N GLY B 617 -41.17 -11.23 -16.97
CA GLY B 617 -41.17 -12.04 -18.17
C GLY B 617 -41.85 -13.38 -18.00
N SER B 618 -43.11 -13.37 -17.54
CA SER B 618 -43.87 -14.59 -17.29
C SER B 618 -45.18 -14.57 -18.06
N ASN B 619 -45.54 -15.73 -18.63
CA ASN B 619 -46.77 -15.84 -19.42
C ASN B 619 -48.01 -16.02 -18.55
N LYS B 620 -47.89 -16.67 -17.41
CA LYS B 620 -49.07 -17.11 -16.65
C LYS B 620 -49.99 -15.94 -16.36
N ASP B 621 -51.31 -16.22 -16.38
CA ASP B 621 -52.28 -15.21 -16.03
C ASP B 621 -52.17 -14.87 -14.55
N LEU B 622 -52.23 -13.57 -14.25
CA LEU B 622 -51.97 -13.10 -12.90
C LEU B 622 -53.15 -13.36 -11.96
N GLU B 623 -54.30 -12.74 -12.23
CA GLU B 623 -55.32 -12.69 -11.21
C GLU B 623 -56.68 -12.24 -11.75
N GLU B 624 -57.70 -12.42 -10.90
CA GLU B 624 -58.99 -11.76 -11.02
C GLU B 624 -59.17 -10.98 -9.71
N ASN B 625 -58.87 -9.68 -9.72
CA ASN B 625 -59.00 -8.84 -8.52
C ASN B 625 -57.88 -9.13 -7.53
N PHE B 626 -56.64 -8.77 -7.88
CA PHE B 626 -55.51 -9.01 -7.01
C PHE B 626 -55.34 -7.90 -5.97
N ILE B 627 -54.82 -8.30 -4.82
CA ILE B 627 -54.60 -7.39 -3.70
C ILE B 627 -53.17 -7.55 -3.22
N GLU B 628 -52.52 -6.42 -2.95
CA GLU B 628 -51.11 -6.39 -2.56
C GLU B 628 -51.00 -6.77 -1.08
N ALA B 629 -51.10 -8.07 -0.82
CA ALA B 629 -51.09 -8.51 0.58
C ALA B 629 -49.98 -9.49 0.89
N GLY B 630 -48.74 -9.08 0.64
CA GLY B 630 -47.59 -9.81 1.12
C GLY B 630 -47.24 -11.04 0.29
N PRO B 631 -46.45 -11.93 0.90
CA PRO B 631 -46.03 -13.14 0.20
C PRO B 631 -47.15 -14.18 0.16
N GLN B 632 -47.18 -14.94 -0.93
CA GLN B 632 -48.19 -15.96 -1.14
C GLN B 632 -47.56 -17.17 -1.80
N PHE B 633 -48.07 -18.36 -1.44
CA PHE B 633 -47.51 -19.61 -1.92
C PHE B 633 -47.30 -19.59 -3.44
N ASN B 634 -46.11 -20.03 -3.86
CA ASN B 634 -45.78 -20.15 -5.28
C ASN B 634 -46.02 -18.85 -6.04
N LEU B 635 -45.77 -17.72 -5.38
CA LEU B 635 -45.83 -16.40 -5.99
C LEU B 635 -44.43 -15.78 -5.91
N SER B 636 -43.91 -15.35 -7.05
CA SER B 636 -42.56 -14.81 -7.14
C SER B 636 -42.57 -13.33 -7.47
N PHE B 637 -41.54 -12.62 -6.99
CA PHE B 637 -41.43 -11.19 -7.16
C PHE B 637 -40.07 -10.82 -7.77
N SER B 638 -40.07 -9.75 -8.55
CA SER B 638 -38.84 -9.08 -8.99
C SER B 638 -38.83 -7.68 -8.40
N GLU B 639 -37.64 -7.13 -8.23
CA GLU B 639 -37.45 -5.87 -7.51
C GLU B 639 -36.90 -4.80 -8.44
N TYR B 640 -37.60 -3.67 -8.50
CA TYR B 640 -37.21 -2.52 -9.30
C TYR B 640 -36.79 -1.39 -8.36
N THR B 641 -36.39 -0.26 -8.95
CA THR B 641 -35.85 0.84 -8.18
C THR B 641 -36.29 2.18 -8.75
N SER B 642 -36.33 3.19 -7.87
CA SER B 642 -36.48 4.58 -8.28
C SER B 642 -35.16 5.33 -8.26
N SER B 643 -34.10 4.74 -7.73
CA SER B 643 -32.81 5.41 -7.61
C SER B 643 -32.11 5.43 -8.97
N ILE B 644 -31.82 6.63 -9.48
CA ILE B 644 -31.03 6.75 -10.70
C ILE B 644 -29.64 6.14 -10.47
N ASN B 645 -29.06 6.37 -9.29
CA ASN B 645 -27.75 5.81 -9.00
C ASN B 645 -27.78 4.29 -9.08
N SER B 646 -28.68 3.66 -8.31
CA SER B 646 -28.75 2.20 -8.31
C SER B 646 -29.07 1.64 -9.68
N ALA B 647 -29.88 2.35 -10.46
CA ALA B 647 -30.19 1.91 -11.82
C ALA B 647 -28.94 1.96 -12.69
N ASP B 648 -28.23 3.09 -12.68
CA ASP B 648 -26.98 3.20 -13.42
C ASP B 648 -26.02 2.09 -13.04
N THR B 649 -25.90 1.82 -11.74
CA THR B 649 -24.92 0.84 -11.26
C THR B 649 -25.29 -0.57 -11.70
N ALA B 650 -26.57 -0.91 -11.64
CA ALA B 650 -27.00 -2.26 -11.97
C ALA B 650 -27.10 -2.51 -13.46
N SER B 651 -27.25 -1.46 -14.26
CA SER B 651 -27.37 -1.62 -15.71
C SER B 651 -26.02 -1.59 -16.42
N ARG B 652 -24.97 -1.07 -15.77
CA ARG B 652 -23.65 -1.06 -16.37
C ARG B 652 -23.26 -2.45 -16.83
N LYS B 653 -22.63 -2.53 -18.00
CA LYS B 653 -22.23 -3.80 -18.61
C LYS B 653 -23.40 -4.78 -18.76
N HIS B 654 -24.62 -4.29 -18.64
CA HIS B 654 -25.82 -5.13 -18.75
C HIS B 654 -26.94 -4.29 -19.35
N PHE B 655 -28.19 -4.69 -19.11
CA PHE B 655 -29.35 -4.03 -19.72
C PHE B 655 -30.11 -3.19 -18.71
N LEU B 656 -30.69 -2.09 -19.21
CA LEU B 656 -31.61 -1.26 -18.46
C LEU B 656 -33.04 -1.47 -18.95
N VAL B 657 -33.98 -1.50 -18.02
CA VAL B 657 -35.39 -1.67 -18.33
C VAL B 657 -36.19 -0.65 -17.51
N ILE B 658 -37.07 0.08 -18.18
CA ILE B 658 -37.94 1.06 -17.54
C ILE B 658 -39.39 0.67 -17.83
N ILE B 659 -40.26 0.84 -16.84
CA ILE B 659 -41.63 0.35 -16.94
C ILE B 659 -42.62 1.32 -16.33
N LYS B 660 -43.84 1.32 -16.88
CA LYS B 660 -45.02 1.93 -16.28
C LYS B 660 -45.80 0.82 -15.59
N VAL B 661 -46.15 1.04 -14.31
CA VAL B 661 -46.79 -0.01 -13.53
C VAL B 661 -47.86 0.61 -12.62
N GLN B 662 -48.96 -0.13 -12.44
CA GLN B 662 -50.00 0.29 -11.52
C GLN B 662 -49.58 0.02 -10.08
N VAL B 663 -49.91 0.96 -9.19
CA VAL B 663 -49.47 0.86 -7.80
C VAL B 663 -50.07 -0.34 -7.08
N LYS B 664 -51.16 -0.91 -7.61
CA LYS B 664 -51.87 -1.97 -6.90
C LYS B 664 -51.03 -3.22 -6.72
N TYR B 665 -49.86 -3.31 -7.35
CA TYR B 665 -49.03 -4.50 -7.29
C TYR B 665 -47.76 -4.33 -6.46
N ILE B 666 -47.21 -3.11 -6.38
CA ILE B 666 -45.91 -2.91 -5.77
C ILE B 666 -45.99 -3.12 -4.26
N SER B 667 -44.93 -3.69 -3.69
CA SER B 667 -44.84 -3.94 -2.25
C SER B 667 -43.47 -3.51 -1.76
N ASN B 668 -43.46 -2.63 -0.75
CA ASN B 668 -42.23 -2.13 -0.12
C ASN B 668 -42.32 -2.47 1.37
N ASP B 669 -41.60 -3.51 1.79
CA ASP B 669 -41.77 -3.96 3.17
C ASP B 669 -40.83 -3.28 4.16
N ASN B 670 -39.56 -3.14 3.84
CA ASN B 670 -38.58 -2.62 4.79
C ASN B 670 -38.01 -1.30 4.29
N VAL B 671 -37.92 -0.31 5.19
CA VAL B 671 -37.51 1.03 4.82
C VAL B 671 -36.01 1.07 4.51
N LEU B 672 -35.19 0.24 5.16
CA LEU B 672 -33.75 0.41 5.05
C LEU B 672 -33.30 0.24 3.60
N TYR B 673 -33.96 -0.63 2.84
CA TYR B 673 -33.68 -0.82 1.43
C TYR B 673 -34.45 0.24 0.65
N ALA B 674 -33.93 1.47 0.63
CA ALA B 674 -34.68 2.58 0.08
C ALA B 674 -34.62 2.59 -1.44
N ASN B 675 -35.65 3.18 -2.06
CA ASN B 675 -35.74 3.31 -3.51
C ASN B 675 -35.79 1.95 -4.20
N HIS B 676 -36.41 0.95 -3.56
CA HIS B 676 -36.59 -0.36 -4.17
C HIS B 676 -37.99 -0.86 -3.85
N TRP B 677 -38.59 -1.55 -4.82
CA TRP B 677 -39.99 -1.98 -4.75
C TRP B 677 -40.11 -3.37 -5.36
N ALA B 678 -40.87 -4.23 -4.69
CA ALA B 678 -41.11 -5.58 -5.18
C ALA B 678 -42.41 -5.64 -5.96
N ILE B 679 -42.42 -6.46 -7.01
CA ILE B 679 -43.56 -6.57 -7.91
C ILE B 679 -43.69 -8.02 -8.34
N PRO B 680 -44.87 -8.64 -8.27
CA PRO B 680 -44.99 -10.01 -8.79
C PRO B 680 -44.52 -10.09 -10.23
N ASP B 681 -43.93 -11.24 -10.57
CA ASP B 681 -43.39 -11.40 -11.92
C ASP B 681 -44.51 -11.42 -12.95
N GLU B 682 -45.61 -12.11 -12.66
CA GLU B 682 -46.71 -12.20 -13.60
C GLU B 682 -47.48 -10.91 -13.74
N ALA B 683 -47.15 -9.88 -12.96
CA ALA B 683 -47.88 -8.63 -13.01
C ALA B 683 -47.72 -7.97 -14.37
N PRO B 684 -48.73 -7.23 -14.83
CA PRO B 684 -48.61 -6.52 -16.11
C PRO B 684 -47.87 -5.21 -15.95
N VAL B 685 -47.19 -4.80 -17.02
CA VAL B 685 -46.43 -3.56 -17.05
C VAL B 685 -46.52 -2.99 -18.46
N GLU B 686 -46.08 -1.74 -18.61
CA GLU B 686 -45.97 -1.08 -19.91
C GLU B 686 -44.48 -0.78 -20.12
N VAL B 687 -43.83 -1.56 -20.97
CA VAL B 687 -42.39 -1.45 -21.16
C VAL B 687 -42.10 -0.18 -21.95
N LEU B 688 -41.45 0.78 -21.30
CA LEU B 688 -41.21 2.10 -21.89
C LEU B 688 -39.86 2.19 -22.58
N ALA B 689 -38.83 1.57 -22.03
CA ALA B 689 -37.47 1.76 -22.54
C ALA B 689 -36.64 0.52 -22.31
N VAL B 690 -35.63 0.34 -23.15
CA VAL B 690 -34.65 -0.73 -23.02
C VAL B 690 -33.33 -0.23 -23.61
N VAL B 691 -32.25 -0.36 -22.85
CA VAL B 691 -30.94 0.12 -23.29
C VAL B 691 -29.94 -1.03 -23.15
N ASP B 692 -29.15 -1.24 -24.19
CA ASP B 692 -28.09 -2.24 -24.17
C ASP B 692 -26.81 -1.54 -23.70
N ARG B 693 -26.44 -1.77 -22.45
CA ARG B 693 -25.21 -1.24 -21.88
C ARG B 693 -24.17 -2.35 -21.73
N ARG B 694 -24.06 -3.21 -22.74
CA ARG B 694 -22.97 -4.19 -22.80
C ARG B 694 -21.71 -3.62 -23.43
N PHE B 695 -21.83 -2.54 -24.20
CA PHE B 695 -20.68 -1.84 -24.76
C PHE B 695 -19.82 -2.77 -25.62
N ILE B 696 -20.47 -3.67 -26.34
CA ILE B 696 -19.75 -4.65 -27.14
C ILE B 696 -19.28 -4.03 -28.45
N PHE B 697 -20.22 -3.51 -29.22
CA PHE B 697 -19.96 -3.07 -30.59
C PHE B 697 -19.02 -1.88 -30.63
N PRO B 698 -18.41 -1.61 -31.80
CA PRO B 698 -17.52 -0.47 -31.98
C PRO B 698 -18.22 0.73 -32.59
#